data_5Z20
#
_entry.id   5Z20
#
_cell.length_a   155.690
_cell.length_b   155.690
_cell.length_c   230.011
_cell.angle_alpha   90.00
_cell.angle_beta   90.00
_cell.angle_gamma   120.00
#
_symmetry.space_group_name_H-M   'P 31 2 1'
#
loop_
_entity.id
_entity.type
_entity.pdbx_description
1 polymer 'D-lactate dehydrogenase (Fermentative)'
2 non-polymer 'FORMIC ACID'
3 non-polymer '1,4-DIHYDRONICOTINAMIDE ADENINE DINUCLEOTIDE'
4 non-polymer 'OXAMIC ACID'
5 non-polymer 'TRIETHYLENE GLYCOL'
6 non-polymer DI(HYDROXYETHYL)ETHER
7 non-polymer 'TETRAETHYLENE GLYCOL'
8 water water
#
_entity_poly.entity_id   1
_entity_poly.type   'polypeptide(L)'
_entity_poly.pdbx_seq_one_letter_code
;MNHKVHHHHHHIEGRHMRILFFSSQAYDSESFQASNHRHGFELHFQQAHLQADTAVLAQGFEVVCAFVNDDLSRPVLERL
AAGGTRLVALRSAGYNHVDLAAAEALGLPVVHVPAYSPHAVAEHAVGLILTLNRRLHRAYNRTREGDFSLHGLTGFDLHG
KRVGVIGTGQIGETFARIMAGFGCELLAYDPYPNPRIQALGGRYLALDALLAESDIVSLHCPLTADTRHLIDAQRLATMK
PGAMLINTGRGALVNAAALIEALKSGQLGYLGLDVYEEEADIFFEDRSDQPLQDDVLARLLSFPNVVVTAHQAFLTREAL
AAIADTTLDNIAAWQDGTPRNRVRA
;
_entity_poly.pdbx_strand_id   A,B,C,D,E,F
#
# COMPACT_ATOMS: atom_id res chain seq x y z
N HIS A 16 46.68 31.84 -3.45
CA HIS A 16 45.57 30.90 -3.42
C HIS A 16 44.31 31.57 -3.73
N MET A 17 44.18 31.76 -5.02
CA MET A 17 43.07 32.38 -5.63
C MET A 17 41.87 31.51 -5.55
N ARG A 18 40.74 32.16 -5.37
CA ARG A 18 39.48 31.46 -5.26
C ARG A 18 38.69 31.57 -6.53
N ILE A 19 38.06 30.46 -6.85
CA ILE A 19 37.20 30.33 -8.02
C ILE A 19 35.84 29.88 -7.61
N LEU A 20 34.84 30.62 -8.03
CA LEU A 20 33.46 30.24 -7.78
C LEU A 20 32.84 29.71 -9.08
N PHE A 21 32.42 28.48 -9.05
CA PHE A 21 31.77 27.84 -10.13
C PHE A 21 30.22 27.98 -9.96
N PHE A 22 29.51 28.52 -10.95
CA PHE A 22 28.06 28.45 -10.96
C PHE A 22 27.55 27.25 -11.70
N SER A 23 26.27 26.97 -11.56
CA SER A 23 25.61 25.83 -12.20
C SER A 23 26.39 24.53 -12.05
N SER A 24 26.98 24.34 -10.93
CA SER A 24 27.84 23.16 -10.66
C SER A 24 27.06 21.87 -10.50
N GLN A 25 27.47 20.83 -11.21
CA GLN A 25 26.94 19.52 -11.04
C GLN A 25 28.03 18.64 -10.44
N ALA A 26 27.61 17.49 -9.92
CA ALA A 26 28.57 16.53 -9.43
C ALA A 26 29.69 16.16 -10.40
N TYR A 27 29.38 15.96 -11.66
CA TYR A 27 30.44 15.68 -12.60
C TYR A 27 31.38 16.87 -12.80
N ASP A 28 30.92 18.06 -12.57
CA ASP A 28 31.82 19.24 -12.67
C ASP A 28 32.79 19.28 -11.51
N SER A 29 32.28 19.14 -10.29
CA SER A 29 33.20 19.19 -9.14
C SER A 29 34.10 18.01 -9.06
N GLU A 30 33.62 16.84 -9.41
CA GLU A 30 34.49 15.69 -9.50
C GLU A 30 35.63 15.93 -10.51
N SER A 31 35.26 16.40 -11.67
CA SER A 31 36.17 16.66 -12.76
C SER A 31 37.30 17.64 -12.43
N PHE A 32 36.89 18.79 -12.00
CA PHE A 32 37.77 19.86 -11.57
C PHE A 32 38.62 19.53 -10.36
N GLN A 33 38.05 18.81 -9.38
CA GLN A 33 38.82 18.38 -8.23
C GLN A 33 39.81 17.30 -8.55
N ALA A 34 39.52 16.45 -9.51
CA ALA A 34 40.41 15.38 -9.88
C ALA A 34 41.54 15.86 -10.83
N SER A 35 41.40 17.04 -11.45
CA SER A 35 42.51 17.54 -12.24
C SER A 35 43.78 17.71 -11.37
N ASN A 36 44.86 17.31 -12.02
CA ASN A 36 46.22 17.65 -11.66
C ASN A 36 46.67 19.16 -11.86
N HIS A 37 45.79 19.97 -12.42
CA HIS A 37 46.08 21.32 -12.80
C HIS A 37 45.54 22.35 -11.84
N ARG A 38 45.38 22.01 -10.56
CA ARG A 38 44.76 22.94 -9.63
C ARG A 38 45.59 24.22 -9.35
N HIS A 39 46.89 24.13 -9.54
CA HIS A 39 47.73 25.27 -9.38
C HIS A 39 47.56 25.92 -8.04
N GLY A 40 47.20 25.16 -7.03
CA GLY A 40 46.94 25.77 -5.76
C GLY A 40 45.69 26.60 -5.70
N PHE A 41 44.81 26.49 -6.67
CA PHE A 41 43.58 27.24 -6.51
C PHE A 41 42.58 26.60 -5.51
N GLU A 42 41.74 27.48 -4.97
CA GLU A 42 40.73 27.10 -4.05
C GLU A 42 39.42 27.11 -4.84
N LEU A 43 38.76 25.95 -4.88
CA LEU A 43 37.58 25.75 -5.71
C LEU A 43 36.27 25.74 -4.96
N HIS A 44 35.32 26.59 -5.31
CA HIS A 44 34.00 26.64 -4.61
C HIS A 44 32.89 26.39 -5.57
N PHE A 45 32.02 25.45 -5.24
CA PHE A 45 31.01 25.04 -6.20
C PHE A 45 29.63 25.41 -5.78
N GLN A 46 28.97 26.20 -6.59
CA GLN A 46 27.65 26.65 -6.28
C GLN A 46 26.75 25.99 -7.32
N GLN A 47 25.64 25.47 -6.85
CA GLN A 47 24.66 24.90 -7.76
C GLN A 47 23.81 25.86 -8.55
N ALA A 48 23.50 26.99 -7.98
CA ALA A 48 22.59 27.88 -8.61
C ALA A 48 23.16 28.40 -9.93
N HIS A 49 22.26 28.70 -10.84
CA HIS A 49 22.56 29.36 -12.11
C HIS A 49 22.97 30.80 -11.83
N LEU A 50 23.94 31.29 -12.59
CA LEU A 50 24.32 32.69 -12.54
C LEU A 50 23.28 33.51 -13.26
N GLN A 51 22.74 34.49 -12.56
CA GLN A 51 21.81 35.47 -13.12
C GLN A 51 21.80 36.65 -12.18
N ALA A 52 21.01 37.65 -12.51
CA ALA A 52 21.09 38.95 -11.84
C ALA A 52 20.97 38.78 -10.33
N ASP A 53 20.07 37.92 -9.92
CA ASP A 53 19.82 37.80 -8.50
C ASP A 53 20.72 36.76 -7.77
N THR A 54 21.63 36.09 -8.48
CA THR A 54 22.59 35.20 -7.82
C THR A 54 24.02 35.68 -7.92
N ALA A 55 24.24 36.72 -8.68
CA ALA A 55 25.60 37.21 -8.90
C ALA A 55 26.28 37.65 -7.62
N VAL A 56 25.50 38.14 -6.68
CA VAL A 56 26.04 38.58 -5.41
C VAL A 56 26.82 37.43 -4.74
N LEU A 57 26.49 36.18 -5.01
CA LEU A 57 27.29 35.05 -4.46
C LEU A 57 28.73 35.09 -4.85
N ALA A 58 29.05 35.82 -5.90
CA ALA A 58 30.47 35.91 -6.35
C ALA A 58 31.23 37.11 -5.78
N GLN A 59 30.61 37.84 -4.90
CA GLN A 59 31.26 38.94 -4.24
C GLN A 59 32.58 38.54 -3.64
N GLY A 60 33.62 39.30 -3.93
CA GLY A 60 34.94 38.97 -3.44
C GLY A 60 35.61 37.76 -4.13
N PHE A 61 35.02 37.16 -5.16
CA PHE A 61 35.74 36.09 -5.92
C PHE A 61 36.33 36.74 -7.13
N GLU A 62 37.62 36.56 -7.26
CA GLU A 62 38.35 37.07 -8.38
C GLU A 62 38.00 36.41 -9.73
N VAL A 63 37.68 35.14 -9.66
CA VAL A 63 37.37 34.34 -10.79
C VAL A 63 36.03 33.65 -10.61
N VAL A 64 35.22 33.76 -11.64
CA VAL A 64 33.99 33.04 -11.72
C VAL A 64 34.04 32.10 -12.95
N CYS A 65 33.63 30.85 -12.75
CA CYS A 65 33.55 29.87 -13.79
C CYS A 65 32.10 29.55 -14.10
N ALA A 66 31.71 29.79 -15.35
CA ALA A 66 30.36 29.69 -15.80
C ALA A 66 30.22 28.70 -16.92
N PHE A 67 29.02 28.19 -17.03
CA PHE A 67 28.66 27.23 -18.08
C PHE A 67 27.59 27.83 -19.02
N VAL A 68 27.13 27.06 -19.98
CA VAL A 68 26.49 27.58 -21.14
C VAL A 68 25.10 28.10 -20.89
N ASN A 69 24.52 27.70 -19.79
CA ASN A 69 23.24 28.19 -19.44
C ASN A 69 23.30 29.21 -18.28
N ASP A 70 24.46 29.72 -17.96
CA ASP A 70 24.56 30.88 -17.08
C ASP A 70 24.33 32.14 -17.84
N ASP A 71 23.73 33.13 -17.18
CA ASP A 71 23.48 34.44 -17.80
C ASP A 71 24.67 35.38 -17.62
N LEU A 72 25.39 35.67 -18.71
CA LEU A 72 26.49 36.64 -18.66
C LEU A 72 26.17 37.81 -19.57
N SER A 73 24.93 38.27 -19.48
CA SER A 73 24.55 39.54 -20.09
C SER A 73 25.12 40.73 -19.30
N ARG A 74 25.02 41.91 -19.85
CA ARG A 74 25.58 43.08 -19.25
C ARG A 74 25.20 43.34 -17.80
N PRO A 75 23.97 43.27 -17.44
CA PRO A 75 23.71 43.54 -16.03
C PRO A 75 24.37 42.55 -15.08
N VAL A 76 24.55 41.30 -15.50
CA VAL A 76 25.25 40.36 -14.63
C VAL A 76 26.74 40.67 -14.59
N LEU A 77 27.33 40.95 -15.74
CA LEU A 77 28.74 41.30 -15.78
C LEU A 77 29.03 42.56 -14.91
N GLU A 78 28.13 43.52 -14.93
CA GLU A 78 28.30 44.76 -14.10
C GLU A 78 28.37 44.46 -12.62
N ARG A 79 27.44 43.63 -12.16
CA ARG A 79 27.47 43.17 -10.76
C ARG A 79 28.72 42.42 -10.42
N LEU A 80 29.16 41.52 -11.30
CA LEU A 80 30.36 40.75 -11.02
C LEU A 80 31.56 41.71 -10.88
N ALA A 81 31.68 42.63 -11.82
CA ALA A 81 32.83 43.56 -11.79
C ALA A 81 32.73 44.42 -10.54
N ALA A 82 31.56 44.96 -10.25
CA ALA A 82 31.43 45.77 -9.02
C ALA A 82 31.78 44.95 -7.76
N GLY A 83 31.56 43.63 -7.76
CA GLY A 83 31.79 42.82 -6.57
C GLY A 83 33.22 42.33 -6.45
N GLY A 84 34.08 42.74 -7.39
CA GLY A 84 35.49 42.36 -7.30
C GLY A 84 35.92 41.20 -8.24
N THR A 85 35.04 40.70 -9.11
CA THR A 85 35.43 39.61 -10.00
C THR A 85 36.24 40.20 -11.11
N ARG A 86 37.37 39.56 -11.44
CA ARG A 86 38.28 40.12 -12.44
C ARG A 86 38.47 39.21 -13.68
N LEU A 87 37.96 37.97 -13.63
CA LEU A 87 38.02 37.04 -14.79
C LEU A 87 36.81 36.19 -14.86
N VAL A 88 36.30 36.03 -16.08
CA VAL A 88 35.23 35.12 -16.34
C VAL A 88 35.76 33.96 -17.17
N ALA A 89 35.70 32.77 -16.59
CA ALA A 89 36.18 31.58 -17.22
C ALA A 89 35.01 30.69 -17.63
N LEU A 90 34.82 30.53 -18.95
CA LEU A 90 33.80 29.69 -19.49
C LEU A 90 34.32 28.27 -19.58
N ARG A 91 33.64 27.32 -18.92
CA ARG A 91 34.00 25.93 -19.02
C ARG A 91 33.26 25.31 -20.16
N SER A 92 33.44 25.91 -21.34
CA SER A 92 32.71 25.61 -22.54
C SER A 92 33.45 26.08 -23.76
N ALA A 93 33.01 25.65 -24.95
CA ALA A 93 33.56 26.22 -26.17
C ALA A 93 32.73 27.41 -26.57
N GLY A 94 31.41 27.25 -26.49
CA GLY A 94 30.49 28.30 -26.90
C GLY A 94 30.39 29.45 -25.94
N TYR A 95 30.05 30.62 -26.48
CA TYR A 95 30.00 31.86 -25.74
C TYR A 95 28.90 32.83 -26.13
N ASN A 96 27.83 32.32 -26.77
CA ASN A 96 26.70 33.19 -27.16
C ASN A 96 25.94 33.70 -25.95
N HIS A 97 26.16 33.14 -24.77
CA HIS A 97 25.50 33.62 -23.53
C HIS A 97 26.18 34.83 -22.86
N VAL A 98 27.29 35.27 -23.47
CA VAL A 98 28.06 36.33 -22.92
C VAL A 98 27.95 37.58 -23.75
N ASP A 99 27.71 38.73 -23.09
CA ASP A 99 27.76 39.99 -23.77
C ASP A 99 29.22 40.43 -23.82
N LEU A 100 29.90 40.04 -24.89
CA LEU A 100 31.33 40.28 -24.99
C LEU A 100 31.71 41.78 -25.02
N ALA A 101 30.88 42.58 -25.66
CA ALA A 101 31.18 44.06 -25.72
C ALA A 101 31.12 44.65 -24.31
N ALA A 102 30.09 44.26 -23.55
CA ALA A 102 30.00 44.70 -22.18
C ALA A 102 31.17 44.21 -21.29
N ALA A 103 31.62 42.96 -21.49
CA ALA A 103 32.76 42.50 -20.72
C ALA A 103 33.98 43.37 -21.01
N GLU A 104 34.21 43.59 -22.27
CA GLU A 104 35.33 44.42 -22.69
C GLU A 104 35.22 45.84 -22.12
N ALA A 105 34.06 46.47 -22.24
CA ALA A 105 33.88 47.79 -21.63
C ALA A 105 34.20 47.75 -20.14
N LEU A 106 33.93 46.62 -19.46
CA LEU A 106 34.22 46.57 -18.01
C LEU A 106 35.62 46.16 -17.72
N GLY A 107 36.45 45.88 -18.73
CA GLY A 107 37.79 45.34 -18.45
C GLY A 107 37.83 43.93 -17.82
N LEU A 108 36.77 43.14 -18.07
CA LEU A 108 36.64 41.74 -17.63
C LEU A 108 37.01 40.77 -18.78
N PRO A 109 38.20 40.19 -18.75
CA PRO A 109 38.49 39.24 -19.77
C PRO A 109 37.57 38.02 -19.64
N VAL A 110 37.32 37.40 -20.78
CA VAL A 110 36.55 36.17 -20.86
C VAL A 110 37.39 35.11 -21.53
N VAL A 111 37.56 33.96 -20.88
CA VAL A 111 38.32 32.88 -21.45
C VAL A 111 37.46 31.67 -21.65
N HIS A 112 37.81 30.82 -22.59
CA HIS A 112 37.08 29.59 -22.86
C HIS A 112 37.91 28.38 -23.26
N VAL A 113 37.26 27.29 -23.60
CA VAL A 113 37.93 26.08 -23.98
C VAL A 113 37.42 25.68 -25.39
N PRO A 114 38.11 26.12 -26.43
CA PRO A 114 37.63 26.01 -27.75
C PRO A 114 37.72 24.65 -28.37
N ALA A 115 38.56 23.75 -27.83
CA ALA A 115 38.71 22.46 -28.45
C ALA A 115 39.01 21.38 -27.44
N TYR A 116 38.24 21.29 -26.36
CA TYR A 116 38.41 20.19 -25.46
C TYR A 116 38.26 18.84 -26.10
N SER A 117 37.27 18.64 -26.99
CA SER A 117 37.13 17.37 -27.70
C SER A 117 36.04 17.47 -28.77
N PRO A 118 36.42 17.91 -29.96
CA PRO A 118 35.48 18.00 -31.06
C PRO A 118 34.92 16.60 -31.32
N HIS A 119 35.73 15.55 -31.04
CA HIS A 119 35.24 14.19 -31.27
C HIS A 119 34.07 13.85 -30.38
N ALA A 120 34.06 14.32 -29.14
CA ALA A 120 32.97 13.98 -28.20
C ALA A 120 31.68 14.44 -28.77
N VAL A 121 31.66 15.66 -29.24
CA VAL A 121 30.40 16.24 -29.68
C VAL A 121 29.97 15.61 -31.04
N ALA A 122 30.92 15.43 -31.95
CA ALA A 122 30.59 14.84 -33.24
C ALA A 122 30.09 13.44 -33.08
N GLU A 123 30.67 12.71 -32.15
CA GLU A 123 30.28 11.28 -31.89
C GLU A 123 28.86 11.20 -31.31
N HIS A 124 28.51 12.18 -30.52
CA HIS A 124 27.18 12.22 -29.97
C HIS A 124 26.16 12.40 -31.10
N ALA A 125 26.46 13.32 -32.00
CA ALA A 125 25.56 13.58 -33.14
C ALA A 125 25.40 12.31 -33.92
N VAL A 126 26.50 11.59 -34.15
CA VAL A 126 26.38 10.33 -34.83
C VAL A 126 25.54 9.30 -34.05
N GLY A 127 25.74 9.25 -32.73
CA GLY A 127 24.87 8.44 -31.91
C GLY A 127 23.39 8.75 -32.07
N LEU A 128 23.04 10.03 -32.14
CA LEU A 128 21.64 10.40 -32.30
C LEU A 128 21.12 9.92 -33.64
N ILE A 129 21.95 10.07 -34.66
CA ILE A 129 21.61 9.56 -35.97
C ILE A 129 21.26 8.07 -35.96
N LEU A 130 22.15 7.27 -35.37
CA LEU A 130 21.95 5.84 -35.38
C LEU A 130 20.79 5.35 -34.54
N THR A 131 20.57 6.01 -33.41
CA THR A 131 19.47 5.73 -32.58
C THR A 131 18.16 5.97 -33.34
N LEU A 132 18.04 7.14 -33.96
CA LEU A 132 16.85 7.45 -34.71
C LEU A 132 16.66 6.47 -35.87
N ASN A 133 17.76 6.15 -36.54
CA ASN A 133 17.69 5.33 -37.74
C ASN A 133 17.21 3.94 -37.39
N ARG A 134 17.87 3.33 -36.42
CA ARG A 134 17.55 1.96 -36.06
C ARG A 134 16.54 1.81 -34.96
N ARG A 135 15.99 2.96 -34.54
CA ARG A 135 14.99 3.00 -33.50
C ARG A 135 15.48 2.27 -32.26
N LEU A 136 16.74 2.48 -31.92
CA LEU A 136 17.34 1.76 -30.82
C LEU A 136 16.72 2.10 -29.42
N HIS A 137 16.26 3.33 -29.25
CA HIS A 137 15.61 3.78 -28.05
C HIS A 137 14.28 3.03 -27.91
N ARG A 138 13.54 2.81 -29.01
CA ARG A 138 12.32 2.04 -28.97
C ARG A 138 12.61 0.56 -28.73
N ALA A 139 13.59 0.01 -29.44
CA ALA A 139 13.94 -1.39 -29.32
C ALA A 139 14.30 -1.75 -27.90
N TYR A 140 15.10 -0.91 -27.28
CA TYR A 140 15.53 -1.06 -25.86
C TYR A 140 14.36 -1.24 -24.91
N ASN A 141 13.36 -0.38 -25.03
CA ASN A 141 12.22 -0.50 -24.14
C ASN A 141 11.37 -1.70 -24.47
N ARG A 142 11.38 -2.12 -25.72
CA ARG A 142 10.63 -3.37 -26.05
C ARG A 142 11.26 -4.58 -25.48
N THR A 143 12.56 -4.72 -25.72
CA THR A 143 13.20 -5.96 -25.30
C THR A 143 13.24 -6.08 -23.78
N ARG A 144 13.34 -4.94 -23.14
CA ARG A 144 13.32 -4.87 -21.73
C ARG A 144 12.10 -5.48 -21.09
N GLU A 145 10.99 -5.36 -21.74
CA GLU A 145 9.76 -6.00 -21.23
C GLU A 145 9.43 -7.31 -21.96
N GLY A 146 10.35 -7.84 -22.75
CA GLY A 146 10.06 -9.12 -23.45
C GLY A 146 9.26 -8.99 -24.74
N ASP A 147 9.21 -7.77 -25.29
CA ASP A 147 8.63 -7.54 -26.61
C ASP A 147 9.76 -7.61 -27.62
N PHE A 148 9.85 -8.72 -28.35
CA PHE A 148 10.92 -8.89 -29.31
C PHE A 148 10.40 -8.69 -30.71
N SER A 149 9.22 -8.08 -30.86
CA SER A 149 8.70 -7.78 -32.18
C SER A 149 9.39 -6.55 -32.85
N LEU A 150 9.42 -6.56 -34.19
CA LEU A 150 10.22 -5.59 -34.94
C LEU A 150 9.44 -4.62 -35.75
N HIS A 151 8.09 -4.70 -35.75
CA HIS A 151 7.32 -3.73 -36.48
C HIS A 151 7.76 -2.28 -36.10
N GLY A 152 7.87 -1.45 -37.12
CA GLY A 152 8.26 -0.01 -36.97
C GLY A 152 9.76 0.23 -36.78
N LEU A 153 10.60 -0.82 -36.75
CA LEU A 153 11.98 -0.60 -36.45
C LEU A 153 12.90 -0.67 -37.63
N THR A 154 12.33 -0.89 -38.81
CA THR A 154 13.16 -0.97 -40.00
C THR A 154 13.87 0.37 -40.21
N GLY A 155 15.18 0.34 -40.38
CA GLY A 155 15.94 1.55 -40.63
C GLY A 155 16.39 1.70 -42.07
N PHE A 156 17.47 2.46 -42.25
CA PHE A 156 18.06 2.65 -43.57
C PHE A 156 19.57 2.59 -43.48
N ASP A 157 20.19 2.08 -44.54
CA ASP A 157 21.66 2.08 -44.63
C ASP A 157 22.14 3.52 -44.74
N LEU A 158 23.14 3.87 -43.94
CA LEU A 158 23.77 5.17 -44.04
C LEU A 158 24.60 5.27 -45.31
N HIS A 159 25.29 4.17 -45.62
CA HIS A 159 26.15 4.06 -46.75
C HIS A 159 25.42 4.63 -47.99
N GLY A 160 26.02 5.60 -48.67
CA GLY A 160 25.37 6.12 -49.86
C GLY A 160 24.42 7.31 -49.64
N LYS A 161 23.98 7.58 -48.43
CA LYS A 161 23.11 8.71 -48.19
C LYS A 161 23.87 10.04 -48.25
N ARG A 162 23.10 11.09 -48.47
CA ARG A 162 23.65 12.44 -48.43
C ARG A 162 23.50 13.09 -47.09
N VAL A 163 24.63 13.55 -46.56
CA VAL A 163 24.69 14.15 -45.30
C VAL A 163 25.16 15.57 -45.50
N GLY A 164 24.31 16.51 -45.11
CA GLY A 164 24.65 17.92 -45.19
C GLY A 164 25.07 18.48 -43.84
N VAL A 165 26.23 19.13 -43.84
CA VAL A 165 26.84 19.68 -42.63
C VAL A 165 26.83 21.20 -42.72
N ILE A 166 26.16 21.85 -41.79
CA ILE A 166 26.05 23.30 -41.74
C ILE A 166 26.99 23.81 -40.65
N GLY A 167 28.08 24.45 -41.07
CA GLY A 167 29.18 24.77 -40.22
C GLY A 167 30.25 23.71 -40.18
N THR A 168 31.28 23.89 -40.99
CA THR A 168 32.38 22.93 -41.13
C THR A 168 33.62 23.40 -40.34
N GLY A 169 33.42 23.72 -39.05
CA GLY A 169 34.48 24.13 -38.15
C GLY A 169 35.07 22.90 -37.47
N GLN A 170 35.54 23.05 -36.26
CA GLN A 170 36.21 21.93 -35.62
C GLN A 170 35.27 20.73 -35.43
N ILE A 171 34.06 20.98 -34.90
CA ILE A 171 33.14 19.91 -34.67
C ILE A 171 32.52 19.42 -36.00
N GLY A 172 32.11 20.34 -36.84
CA GLY A 172 31.51 19.98 -38.12
C GLY A 172 32.42 19.13 -38.97
N GLU A 173 33.68 19.49 -39.05
CA GLU A 173 34.53 18.72 -39.90
C GLU A 173 34.85 17.37 -39.28
N THR A 174 34.92 17.27 -37.98
CA THR A 174 35.11 15.95 -37.34
C THR A 174 33.89 15.06 -37.61
N PHE A 175 32.70 15.65 -37.54
CA PHE A 175 31.44 14.92 -37.85
C PHE A 175 31.48 14.48 -39.29
N ALA A 176 31.85 15.40 -40.20
CA ALA A 176 31.91 15.06 -41.61
C ALA A 176 32.83 13.85 -41.88
N ARG A 177 33.97 13.90 -41.24
CA ARG A 177 34.95 12.89 -41.37
C ARG A 177 34.37 11.55 -40.96
N ILE A 178 33.65 11.48 -39.85
CA ILE A 178 33.04 10.24 -39.37
C ILE A 178 31.96 9.72 -40.33
N MET A 179 31.15 10.66 -40.82
CA MET A 179 30.13 10.28 -41.73
C MET A 179 30.70 9.82 -43.11
N ALA A 180 31.79 10.43 -43.55
CA ALA A 180 32.45 9.93 -44.75
C ALA A 180 32.91 8.49 -44.57
N GLY A 181 33.37 8.13 -43.38
CA GLY A 181 33.81 6.76 -43.12
C GLY A 181 32.65 5.70 -43.19
N PHE A 182 31.38 6.13 -43.13
CA PHE A 182 30.26 5.24 -43.32
C PHE A 182 29.96 5.10 -44.82
N GLY A 183 30.68 5.86 -45.67
CA GLY A 183 30.45 5.88 -47.09
C GLY A 183 29.33 6.83 -47.45
N CYS A 184 29.11 7.87 -46.65
CA CYS A 184 28.08 8.87 -46.99
C CYS A 184 28.66 9.88 -47.97
N GLU A 185 27.76 10.55 -48.68
CA GLU A 185 28.15 11.59 -49.59
C GLU A 185 28.01 12.89 -48.80
N LEU A 186 29.08 13.66 -48.67
CA LEU A 186 29.09 14.85 -47.85
C LEU A 186 28.79 16.11 -48.64
N LEU A 187 27.84 16.90 -48.10
CA LEU A 187 27.50 18.21 -48.61
C LEU A 187 27.71 19.17 -47.46
N ALA A 188 28.16 20.36 -47.80
CA ALA A 188 28.64 21.29 -46.80
C ALA A 188 28.28 22.72 -47.13
N TYR A 189 28.05 23.48 -46.07
CA TYR A 189 27.82 24.88 -46.18
C TYR A 189 28.45 25.63 -45.05
N ASP A 190 29.23 26.64 -45.40
CA ASP A 190 29.97 27.43 -44.44
C ASP A 190 30.39 28.74 -45.14
N PRO A 191 30.40 29.86 -44.43
CA PRO A 191 30.92 31.09 -45.10
C PRO A 191 32.35 30.90 -45.48
N TYR A 192 33.08 29.96 -44.88
CA TYR A 192 34.47 29.69 -45.28
C TYR A 192 34.85 28.27 -45.82
N PRO A 193 35.52 28.15 -46.94
CA PRO A 193 35.92 26.83 -47.44
C PRO A 193 36.80 26.14 -46.44
N ASN A 194 36.76 24.84 -46.35
CA ASN A 194 37.74 24.15 -45.51
C ASN A 194 38.30 22.99 -46.35
N PRO A 195 39.60 23.00 -46.68
CA PRO A 195 40.15 22.06 -47.62
C PRO A 195 40.12 20.60 -47.08
N ARG A 196 40.12 20.41 -45.77
CA ARG A 196 39.94 19.10 -45.23
C ARG A 196 38.55 18.52 -45.71
N ILE A 197 37.48 19.32 -45.82
CA ILE A 197 36.19 18.83 -46.23
C ILE A 197 36.25 18.31 -47.67
N GLN A 198 36.94 19.03 -48.52
CA GLN A 198 37.11 18.55 -49.92
C GLN A 198 37.92 17.34 -49.97
N ALA A 199 38.97 17.27 -49.13
CA ALA A 199 39.78 16.08 -49.15
C ALA A 199 38.98 14.86 -48.79
N LEU A 200 37.94 15.03 -47.97
CA LEU A 200 37.08 13.90 -47.57
C LEU A 200 36.11 13.54 -48.63
N GLY A 201 36.06 14.31 -49.71
CA GLY A 201 35.01 14.06 -50.73
C GLY A 201 33.82 15.01 -50.63
N GLY A 202 33.84 15.97 -49.70
CA GLY A 202 32.76 16.83 -49.52
C GLY A 202 32.65 17.91 -50.63
N ARG A 203 31.43 18.37 -50.88
CA ARG A 203 31.15 19.34 -51.83
C ARG A 203 30.42 20.50 -51.14
N TYR A 204 30.95 21.70 -51.27
CA TYR A 204 30.32 22.89 -50.75
C TYR A 204 29.22 23.36 -51.69
N LEU A 205 28.14 23.85 -51.11
CA LEU A 205 27.05 24.35 -51.89
C LEU A 205 26.24 25.35 -51.04
N ALA A 206 25.28 26.01 -51.68
CA ALA A 206 24.48 27.02 -51.02
C ALA A 206 23.52 26.33 -50.04
N LEU A 207 23.14 27.06 -49.03
CA LEU A 207 22.31 26.55 -47.96
C LEU A 207 21.05 25.90 -48.47
N ASP A 208 20.34 26.55 -49.38
CA ASP A 208 19.06 25.98 -49.83
C ASP A 208 19.20 24.73 -50.66
N ALA A 209 20.25 24.64 -51.42
CA ALA A 209 20.58 23.43 -52.12
C ALA A 209 20.98 22.27 -51.14
N LEU A 210 21.78 22.57 -50.13
CA LEU A 210 22.15 21.60 -49.16
C LEU A 210 20.85 21.05 -48.54
N LEU A 211 20.01 21.94 -48.09
CA LEU A 211 18.76 21.53 -47.48
C LEU A 211 17.92 20.69 -48.43
N ALA A 212 17.85 21.05 -49.71
CA ALA A 212 17.02 20.28 -50.61
C ALA A 212 17.60 18.93 -50.91
N GLU A 213 18.89 18.79 -50.88
CA GLU A 213 19.52 17.53 -51.39
C GLU A 213 19.86 16.54 -50.29
N SER A 214 19.87 16.96 -49.03
CA SER A 214 20.42 16.13 -47.97
C SER A 214 19.36 15.15 -47.41
N ASP A 215 19.78 13.91 -47.15
CA ASP A 215 18.95 12.93 -46.39
C ASP A 215 19.03 13.17 -44.89
N ILE A 216 20.19 13.64 -44.45
CA ILE A 216 20.46 13.95 -43.06
C ILE A 216 21.16 15.34 -43.03
N VAL A 217 20.74 16.21 -42.14
CA VAL A 217 21.39 17.51 -41.89
C VAL A 217 21.78 17.64 -40.47
N SER A 218 22.99 18.14 -40.22
CA SER A 218 23.49 18.31 -38.89
C SER A 218 24.06 19.70 -38.75
N LEU A 219 23.65 20.39 -37.71
CA LEU A 219 24.03 21.78 -37.40
C LEU A 219 25.25 21.87 -36.48
N HIS A 220 26.27 22.54 -36.94
CA HIS A 220 27.50 22.76 -36.16
C HIS A 220 28.07 24.19 -36.28
N CYS A 221 27.20 25.14 -36.60
CA CYS A 221 27.58 26.54 -36.60
C CYS A 221 27.32 27.10 -35.20
N PRO A 222 27.99 28.19 -34.82
CA PRO A 222 27.65 28.86 -33.57
C PRO A 222 26.36 29.59 -33.67
N LEU A 223 25.83 29.92 -32.53
CA LEU A 223 24.62 30.80 -32.47
C LEU A 223 25.10 32.26 -32.52
N THR A 224 24.70 32.96 -33.58
CA THR A 224 24.96 34.37 -33.76
C THR A 224 23.65 34.95 -34.31
N ALA A 225 23.62 36.26 -34.46
CA ALA A 225 22.38 36.91 -34.99
C ALA A 225 22.08 36.37 -36.38
N ASP A 226 23.09 35.96 -37.14
CA ASP A 226 22.81 35.38 -38.45
C ASP A 226 22.38 33.92 -38.48
N THR A 227 22.57 33.16 -37.43
CA THR A 227 22.16 31.74 -37.46
C THR A 227 20.91 31.51 -36.65
N ARG A 228 20.45 32.53 -35.96
CA ARG A 228 19.28 32.39 -35.11
C ARG A 228 18.10 31.98 -35.95
N HIS A 229 17.41 30.91 -35.60
CA HIS A 229 16.29 30.41 -36.35
C HIS A 229 16.65 30.17 -37.81
N LEU A 230 17.87 29.72 -38.04
CA LEU A 230 18.26 29.31 -39.37
C LEU A 230 17.30 28.24 -39.92
N ILE A 231 16.90 27.28 -39.10
CA ILE A 231 15.96 26.30 -39.51
C ILE A 231 14.60 26.76 -39.04
N ASP A 232 13.88 27.38 -39.98
CA ASP A 232 12.54 27.88 -39.73
C ASP A 232 11.54 27.13 -40.61
N ALA A 233 10.27 27.55 -40.57
CA ALA A 233 9.26 26.89 -41.38
C ALA A 233 9.62 26.79 -42.82
N GLN A 234 10.02 27.92 -43.38
CA GLN A 234 10.29 28.01 -44.80
C GLN A 234 11.45 27.09 -45.20
N ARG A 235 12.51 27.08 -44.41
CA ARG A 235 13.61 26.17 -44.74
C ARG A 235 13.26 24.70 -44.49
N LEU A 236 12.45 24.39 -43.48
CA LEU A 236 11.96 23.00 -43.34
C LEU A 236 11.21 22.55 -44.57
N ALA A 237 10.42 23.44 -45.15
CA ALA A 237 9.61 23.06 -46.33
C ALA A 237 10.46 22.80 -47.58
N THR A 238 11.68 23.29 -47.59
CA THR A 238 12.69 23.09 -48.68
C THR A 238 13.42 21.76 -48.57
N MET A 239 13.38 21.15 -47.39
CA MET A 239 14.09 19.90 -47.13
C MET A 239 13.45 18.75 -47.86
N LYS A 240 14.22 17.72 -48.06
CA LYS A 240 13.73 16.48 -48.62
C LYS A 240 12.70 15.84 -47.71
N PRO A 241 11.58 15.39 -48.26
CA PRO A 241 10.57 14.82 -47.39
C PRO A 241 11.09 13.59 -46.67
N GLY A 242 10.85 13.53 -45.38
CA GLY A 242 11.29 12.40 -44.57
C GLY A 242 12.74 12.53 -44.12
N ALA A 243 13.36 13.68 -44.29
CA ALA A 243 14.75 13.85 -43.87
C ALA A 243 14.95 13.85 -42.38
N MET A 244 16.21 13.68 -41.97
CA MET A 244 16.59 13.69 -40.59
C MET A 244 17.36 14.97 -40.30
N LEU A 245 17.01 15.65 -39.22
CA LEU A 245 17.70 16.84 -38.76
C LEU A 245 18.27 16.55 -37.38
N ILE A 246 19.52 16.90 -37.21
CA ILE A 246 20.27 16.80 -35.95
C ILE A 246 20.78 18.16 -35.50
N ASN A 247 20.49 18.53 -34.27
CA ASN A 247 20.95 19.74 -33.67
C ASN A 247 21.68 19.54 -32.36
N THR A 248 23.02 19.53 -32.44
CA THR A 248 23.88 19.50 -31.28
C THR A 248 24.65 20.82 -31.16
N GLY A 249 24.14 21.88 -31.81
CA GLY A 249 24.69 23.23 -31.78
C GLY A 249 24.14 24.04 -30.65
N ARG A 250 23.05 24.75 -30.92
CA ARG A 250 22.37 25.52 -29.88
C ARG A 250 20.89 25.53 -30.17
N GLY A 251 20.12 25.61 -29.12
CA GLY A 251 18.62 25.55 -29.29
C GLY A 251 18.03 26.61 -30.26
N ALA A 252 18.56 27.86 -30.20
CA ALA A 252 18.01 28.89 -30.98
C ALA A 252 18.41 28.86 -32.46
N LEU A 253 19.14 27.83 -32.90
CA LEU A 253 19.37 27.63 -34.32
C LEU A 253 18.13 27.17 -35.02
N VAL A 254 17.13 26.67 -34.29
CA VAL A 254 15.95 26.16 -34.92
C VAL A 254 14.71 26.79 -34.33
N ASN A 255 13.66 26.78 -35.11
CA ASN A 255 12.37 27.14 -34.53
C ASN A 255 11.57 25.89 -34.19
N ALA A 256 11.53 25.56 -32.90
CA ALA A 256 11.00 24.26 -32.54
C ALA A 256 9.49 24.14 -32.81
N ALA A 257 8.73 25.23 -32.72
CA ALA A 257 7.28 25.13 -33.09
C ALA A 257 7.13 24.73 -34.56
N ALA A 258 8.00 25.24 -35.42
CA ALA A 258 7.93 24.79 -36.83
C ALA A 258 8.36 23.31 -37.01
N LEU A 259 9.35 22.87 -36.19
CA LEU A 259 9.73 21.44 -36.24
C LEU A 259 8.53 20.53 -35.92
N ILE A 260 7.77 20.88 -34.92
CA ILE A 260 6.54 20.06 -34.57
C ILE A 260 5.57 19.91 -35.76
N GLU A 261 5.32 20.97 -36.49
CA GLU A 261 4.42 20.86 -37.65
C GLU A 261 4.99 19.96 -38.70
N ALA A 262 6.29 20.09 -38.95
CA ALA A 262 6.88 19.27 -40.01
C ALA A 262 6.95 17.81 -39.60
N LEU A 263 7.13 17.55 -38.32
CA LEU A 263 7.11 16.19 -37.85
C LEU A 263 5.69 15.59 -38.00
N LYS A 264 4.69 16.37 -37.61
CA LYS A 264 3.33 15.85 -37.75
C LYS A 264 2.96 15.58 -39.20
N SER A 265 3.37 16.41 -40.15
CA SER A 265 3.05 16.14 -41.54
C SER A 265 3.89 15.09 -42.17
N GLY A 266 5.00 14.66 -41.55
CA GLY A 266 5.86 13.68 -42.18
C GLY A 266 6.94 14.35 -43.04
N GLN A 267 6.84 15.66 -43.25
CA GLN A 267 7.83 16.35 -44.01
C GLN A 267 9.27 16.17 -43.37
N LEU A 268 9.35 16.31 -42.07
CA LEU A 268 10.56 15.96 -41.30
C LEU A 268 10.39 14.53 -40.72
N GLY A 269 11.27 13.62 -41.14
CA GLY A 269 11.19 12.22 -40.81
C GLY A 269 11.72 11.90 -39.44
N TYR A 270 12.67 12.68 -38.98
CA TYR A 270 13.39 12.38 -37.72
C TYR A 270 14.03 13.63 -37.18
N LEU A 271 14.15 13.73 -35.88
CA LEU A 271 14.77 14.80 -35.27
C LEU A 271 15.58 14.32 -34.06
N GLY A 272 16.84 14.71 -34.00
CA GLY A 272 17.66 14.50 -32.82
C GLY A 272 18.14 15.79 -32.23
N LEU A 273 17.82 16.04 -30.99
CA LEU A 273 18.24 17.29 -30.33
C LEU A 273 19.09 17.01 -29.14
N ASP A 274 20.19 17.74 -28.99
CA ASP A 274 20.93 17.78 -27.73
C ASP A 274 20.78 19.11 -27.06
N VAL A 275 20.07 20.03 -27.72
CA VAL A 275 19.91 21.39 -27.26
C VAL A 275 18.53 21.91 -27.60
N TYR A 276 18.07 22.87 -26.85
CA TYR A 276 16.69 23.36 -26.97
C TYR A 276 16.68 24.84 -26.54
N GLU A 277 15.91 25.63 -27.29
CA GLU A 277 15.98 27.09 -27.16
C GLU A 277 15.68 27.57 -25.74
N GLU A 278 14.71 26.99 -25.08
CA GLU A 278 14.40 27.40 -23.71
C GLU A 278 14.96 26.38 -22.73
N GLU A 279 16.13 25.83 -23.00
CA GLU A 279 16.67 24.83 -22.07
C GLU A 279 17.18 25.41 -20.74
N ALA A 280 17.49 26.69 -20.70
CA ALA A 280 18.38 27.22 -19.60
C ALA A 280 17.96 26.91 -18.19
N ASP A 281 16.69 27.05 -17.95
CA ASP A 281 16.16 26.76 -16.65
C ASP A 281 15.59 25.37 -16.45
N ILE A 282 15.73 24.48 -17.44
CA ILE A 282 15.08 23.14 -17.52
C ILE A 282 16.21 22.10 -17.45
N PHE A 283 17.19 22.19 -18.36
CA PHE A 283 18.21 21.16 -18.47
C PHE A 283 19.20 21.09 -17.27
N PHE A 284 19.75 19.92 -17.12
CA PHE A 284 20.65 19.56 -16.04
C PHE A 284 19.96 19.30 -14.71
N GLU A 285 18.63 19.36 -14.62
CA GLU A 285 17.94 18.97 -13.41
C GLU A 285 16.93 17.89 -13.68
N ASP A 286 16.62 17.12 -12.65
CA ASP A 286 15.46 16.24 -12.74
C ASP A 286 14.14 16.99 -12.42
N ARG A 287 13.31 17.25 -13.44
CA ARG A 287 12.06 17.97 -13.25
C ARG A 287 10.91 17.03 -13.43
N SER A 288 11.14 15.76 -13.24
CA SER A 288 10.08 14.78 -13.54
C SER A 288 8.89 14.82 -12.55
N ASP A 289 9.07 15.41 -11.36
CA ASP A 289 8.02 15.44 -10.35
C ASP A 289 6.93 16.48 -10.60
N GLN A 290 7.14 17.41 -11.50
CA GLN A 290 6.17 18.48 -11.72
C GLN A 290 5.79 18.49 -13.20
N PRO A 291 4.60 18.97 -13.48
CA PRO A 291 4.32 19.25 -14.86
C PRO A 291 5.40 20.12 -15.59
N LEU A 292 5.70 19.77 -16.83
CA LEU A 292 6.55 20.55 -17.66
C LEU A 292 5.73 21.70 -18.24
N GLN A 293 6.16 22.93 -18.05
CA GLN A 293 5.39 24.11 -18.52
C GLN A 293 5.50 24.34 -20.01
N ASP A 294 6.63 23.98 -20.59
CA ASP A 294 6.90 24.37 -21.97
C ASP A 294 6.14 23.40 -22.91
N ASP A 295 5.09 23.93 -23.52
CA ASP A 295 4.27 23.17 -24.45
C ASP A 295 5.07 22.57 -25.61
N VAL A 296 5.94 23.37 -26.22
CA VAL A 296 6.64 22.97 -27.38
C VAL A 296 7.57 21.78 -27.04
N LEU A 297 8.34 21.89 -25.96
CA LEU A 297 9.23 20.79 -25.56
C LEU A 297 8.42 19.54 -25.23
N ALA A 298 7.28 19.72 -24.55
CA ALA A 298 6.47 18.54 -24.19
C ALA A 298 5.99 17.83 -25.45
N ARG A 299 5.60 18.59 -26.45
CA ARG A 299 5.16 18.01 -27.68
C ARG A 299 6.29 17.34 -28.48
N LEU A 300 7.48 17.98 -28.52
CA LEU A 300 8.62 17.35 -29.15
C LEU A 300 8.87 15.97 -28.51
N LEU A 301 8.80 15.90 -27.19
CA LEU A 301 9.07 14.69 -26.48
C LEU A 301 8.07 13.54 -26.74
N SER A 302 6.89 13.86 -27.21
CA SER A 302 5.84 12.91 -27.48
C SER A 302 6.06 12.07 -28.71
N PHE A 303 6.96 12.43 -29.59
CA PHE A 303 7.07 11.72 -30.85
C PHE A 303 8.01 10.47 -30.75
N PRO A 304 7.70 9.40 -31.47
CA PRO A 304 8.51 8.21 -31.59
C PRO A 304 9.79 8.41 -32.43
N ASN A 305 9.81 9.44 -33.25
CA ASN A 305 10.91 9.71 -34.17
C ASN A 305 11.63 11.02 -33.78
N VAL A 306 11.55 11.36 -32.49
CA VAL A 306 12.36 12.43 -31.89
C VAL A 306 13.10 11.89 -30.67
N VAL A 307 14.42 12.18 -30.61
CA VAL A 307 15.20 11.90 -29.45
C VAL A 307 15.84 13.19 -28.95
N VAL A 308 15.63 13.45 -27.68
CA VAL A 308 16.20 14.59 -27.03
C VAL A 308 17.13 14.11 -25.95
N THR A 309 18.35 14.56 -26.00
CA THR A 309 19.26 14.37 -24.90
C THR A 309 19.50 15.76 -24.32
N ALA A 310 19.79 15.81 -23.03
CA ALA A 310 19.82 17.08 -22.30
C ALA A 310 21.16 17.79 -22.29
N HIS A 311 21.62 18.13 -23.48
CA HIS A 311 22.87 18.83 -23.64
C HIS A 311 24.07 18.11 -23.07
N GLN A 312 24.18 16.86 -23.50
CA GLN A 312 25.21 15.98 -23.04
C GLN A 312 26.20 15.65 -24.12
N ALA A 313 26.16 16.32 -25.25
CA ALA A 313 27.17 16.03 -26.28
C ALA A 313 28.62 16.23 -25.87
N PHE A 314 28.85 17.14 -24.93
CA PHE A 314 30.17 17.39 -24.41
C PHE A 314 30.59 16.37 -23.37
N LEU A 315 29.66 15.53 -22.91
CA LEU A 315 29.81 14.79 -21.70
C LEU A 315 30.50 13.42 -21.87
N THR A 316 31.81 13.44 -22.04
CA THR A 316 32.65 12.22 -22.02
C THR A 316 33.78 12.44 -21.03
N ARG A 317 34.36 11.33 -20.59
CA ARG A 317 35.47 11.38 -19.66
C ARG A 317 36.58 12.33 -20.13
N GLU A 318 36.98 12.16 -21.39
CA GLU A 318 38.12 12.90 -21.95
C GLU A 318 37.78 14.33 -22.15
N ALA A 319 36.56 14.60 -22.56
CA ALA A 319 36.15 16.01 -22.72
C ALA A 319 36.14 16.75 -21.38
N LEU A 320 35.60 16.12 -20.34
CA LEU A 320 35.54 16.73 -19.02
C LEU A 320 36.96 17.01 -18.50
N ALA A 321 37.87 16.05 -18.69
CA ALA A 321 39.24 16.22 -18.15
C ALA A 321 39.92 17.36 -18.88
N ALA A 322 39.70 17.44 -20.20
CA ALA A 322 40.33 18.53 -20.92
C ALA A 322 39.69 19.89 -20.52
N ILE A 323 38.38 19.93 -20.29
CA ILE A 323 37.75 21.17 -19.94
C ILE A 323 38.35 21.68 -18.57
N ALA A 324 38.47 20.78 -17.62
CA ALA A 324 39.00 21.11 -16.34
C ALA A 324 40.46 21.52 -16.42
N ASP A 325 41.28 20.75 -17.11
CA ASP A 325 42.70 21.11 -17.23
C ASP A 325 42.85 22.47 -17.94
N THR A 326 42.18 22.65 -19.06
CA THR A 326 42.41 23.86 -19.85
C THR A 326 41.84 25.07 -19.09
N THR A 327 40.71 24.88 -18.40
CA THR A 327 40.09 25.99 -17.68
C THR A 327 41.04 26.42 -16.52
N LEU A 328 41.56 25.48 -15.75
CA LEU A 328 42.52 25.78 -14.69
C LEU A 328 43.80 26.43 -15.23
N ASP A 329 44.34 25.92 -16.31
CA ASP A 329 45.45 26.57 -16.97
C ASP A 329 45.09 27.96 -17.46
N ASN A 330 43.87 28.17 -17.97
CA ASN A 330 43.54 29.46 -18.50
C ASN A 330 43.61 30.47 -17.37
N ILE A 331 43.12 30.04 -16.22
CA ILE A 331 43.08 30.91 -15.04
C ILE A 331 44.52 31.19 -14.52
N ALA A 332 45.36 30.16 -14.48
CA ALA A 332 46.77 30.39 -14.13
C ALA A 332 47.41 31.37 -15.13
N ALA A 333 47.16 31.18 -16.42
CA ALA A 333 47.83 31.99 -17.41
C ALA A 333 47.39 33.47 -17.29
N TRP A 334 46.14 33.71 -16.97
CA TRP A 334 45.64 35.04 -16.71
C TRP A 334 46.31 35.63 -15.49
N GLN A 335 46.44 34.85 -14.45
CA GLN A 335 47.04 35.30 -13.23
C GLN A 335 48.48 35.67 -13.44
N ASP A 336 49.15 34.98 -14.34
CA ASP A 336 50.53 35.33 -14.62
C ASP A 336 50.66 36.47 -15.58
N GLY A 337 49.57 37.07 -16.00
CA GLY A 337 49.64 38.13 -16.97
C GLY A 337 49.90 37.72 -18.40
N THR A 338 49.80 36.44 -18.74
CA THR A 338 49.92 36.01 -20.15
C THR A 338 48.66 35.21 -20.53
N PRO A 339 47.54 35.90 -20.75
CA PRO A 339 46.28 35.14 -20.88
C PRO A 339 46.22 34.39 -22.18
N ARG A 340 45.55 33.25 -22.12
CA ARG A 340 45.31 32.28 -23.16
C ARG A 340 43.81 32.05 -23.36
N ASN A 341 43.42 31.67 -24.55
CA ASN A 341 42.08 31.29 -24.87
C ASN A 341 41.06 32.38 -24.54
N ARG A 342 41.43 33.63 -24.70
CA ARG A 342 40.49 34.72 -24.58
C ARG A 342 39.49 34.72 -25.72
N VAL A 343 38.26 35.10 -25.47
CA VAL A 343 37.27 35.30 -26.50
C VAL A 343 37.21 36.84 -26.63
N ARG A 344 37.24 37.35 -27.85
CA ARG A 344 37.19 38.86 -28.02
C ARG A 344 35.92 39.34 -28.71
N ALA A 345 35.39 40.52 -28.31
CA ALA A 345 34.18 41.11 -28.98
C ALA A 345 34.39 41.25 -30.51
N LYS B 4 7.15 -15.59 -77.81
CA LYS B 4 8.57 -15.46 -78.09
C LYS B 4 9.36 -14.82 -76.98
N VAL B 5 8.64 -14.23 -76.05
CA VAL B 5 9.22 -13.56 -74.92
C VAL B 5 8.57 -14.11 -73.66
N HIS B 6 9.27 -14.09 -72.54
CA HIS B 6 8.64 -14.56 -71.27
C HIS B 6 7.63 -13.50 -70.72
N HIS B 7 6.56 -13.95 -70.05
CA HIS B 7 5.46 -13.03 -69.71
C HIS B 7 5.16 -12.85 -68.21
N HIS B 16 2.47 -23.48 -61.25
CA HIS B 16 3.90 -23.51 -61.42
C HIS B 16 4.67 -23.46 -60.14
N MET B 17 5.31 -22.34 -59.85
CA MET B 17 6.15 -22.25 -58.66
C MET B 17 5.54 -21.71 -57.34
N ARG B 18 5.45 -22.61 -56.36
CA ARG B 18 4.88 -22.31 -55.06
C ARG B 18 5.94 -22.35 -53.97
N ILE B 19 5.97 -21.30 -53.18
CA ILE B 19 6.97 -21.15 -52.10
C ILE B 19 6.28 -21.00 -50.77
N LEU B 20 6.68 -21.81 -49.82
CA LEU B 20 6.22 -21.65 -48.44
C LEU B 20 7.32 -21.00 -47.55
N PHE B 21 6.98 -19.88 -46.94
CA PHE B 21 7.87 -19.16 -46.03
C PHE B 21 7.47 -19.56 -44.60
N PHE B 22 8.40 -20.06 -43.80
CA PHE B 22 8.24 -20.16 -42.36
C PHE B 22 8.69 -18.91 -41.63
N SER B 23 8.30 -18.80 -40.37
CA SER B 23 8.67 -17.64 -39.48
C SER B 23 8.42 -16.32 -40.15
N SER B 24 7.34 -16.21 -40.90
CA SER B 24 7.06 -15.00 -41.70
C SER B 24 6.61 -13.84 -40.81
N GLN B 25 7.09 -12.64 -41.12
CA GLN B 25 6.64 -11.42 -40.48
C GLN B 25 6.09 -10.48 -41.59
N ALA B 26 5.39 -9.45 -41.17
CA ALA B 26 4.86 -8.46 -42.09
C ALA B 26 5.93 -7.84 -42.98
N TYR B 27 7.09 -7.53 -42.42
CA TYR B 27 8.16 -6.95 -43.22
C TYR B 27 8.67 -7.96 -44.25
N ASP B 28 8.46 -9.26 -44.01
CA ASP B 28 8.87 -10.27 -44.97
C ASP B 28 7.89 -10.33 -46.12
N SER B 29 6.59 -10.43 -45.80
CA SER B 29 5.64 -10.53 -46.89
C SER B 29 5.57 -9.26 -47.70
N GLU B 30 5.74 -8.13 -47.09
CA GLU B 30 5.80 -6.90 -47.83
C GLU B 30 7.00 -6.80 -48.79
N SER B 31 8.21 -7.17 -48.33
CA SER B 31 9.35 -7.06 -49.19
C SER B 31 9.31 -8.08 -50.29
N PHE B 32 8.91 -9.30 -49.97
CA PHE B 32 8.84 -10.35 -50.94
C PHE B 32 7.71 -10.15 -51.99
N GLN B 33 6.58 -9.63 -51.58
CA GLN B 33 5.57 -9.27 -52.50
C GLN B 33 6.00 -8.17 -53.44
N ALA B 34 6.76 -7.20 -52.97
CA ALA B 34 7.25 -6.19 -53.88
C ALA B 34 8.21 -6.81 -54.90
N SER B 35 9.15 -7.64 -54.46
CA SER B 35 10.12 -8.24 -55.40
C SER B 35 9.44 -9.21 -56.36
N ASN B 36 8.33 -9.85 -55.92
CA ASN B 36 7.64 -10.79 -56.77
C ASN B 36 6.89 -10.19 -57.97
N HIS B 37 6.80 -8.87 -58.06
CA HIS B 37 6.30 -8.23 -59.28
C HIS B 37 7.14 -8.63 -60.48
N ARG B 38 8.38 -9.01 -60.27
CA ARG B 38 9.27 -9.43 -61.32
C ARG B 38 9.22 -10.93 -61.61
N HIS B 39 8.37 -11.68 -60.92
CA HIS B 39 8.37 -13.13 -61.04
C HIS B 39 7.02 -13.76 -61.11
N GLY B 40 6.07 -13.34 -60.31
CA GLY B 40 4.77 -13.96 -60.28
C GLY B 40 4.75 -15.34 -59.62
N PHE B 41 5.73 -15.68 -58.80
CA PHE B 41 5.64 -16.91 -58.02
C PHE B 41 4.42 -16.85 -57.11
N GLU B 42 4.00 -17.99 -56.60
CA GLU B 42 2.89 -18.07 -55.69
C GLU B 42 3.47 -18.21 -54.30
N LEU B 43 3.22 -17.20 -53.48
CA LEU B 43 3.91 -17.01 -52.20
C LEU B 43 2.97 -17.36 -51.10
N HIS B 44 3.35 -18.24 -50.19
CA HIS B 44 2.54 -18.51 -49.04
C HIS B 44 3.35 -18.22 -47.76
N PHE B 45 2.79 -17.41 -46.87
CA PHE B 45 3.46 -17.05 -45.67
C PHE B 45 2.91 -17.71 -44.46
N GLN B 46 3.70 -18.49 -43.81
CA GLN B 46 3.31 -19.07 -42.54
C GLN B 46 4.08 -18.38 -41.43
N GLN B 47 3.41 -18.08 -40.36
CA GLN B 47 4.05 -17.51 -39.19
C GLN B 47 4.82 -18.44 -38.33
N ALA B 48 4.36 -19.68 -38.20
CA ALA B 48 5.05 -20.56 -37.30
C ALA B 48 6.51 -20.76 -37.71
N HIS B 49 7.32 -21.11 -36.73
CA HIS B 49 8.69 -21.57 -36.94
C HIS B 49 8.70 -22.94 -37.51
N LEU B 50 9.67 -23.19 -38.37
CA LEU B 50 9.89 -24.52 -38.86
C LEU B 50 10.57 -25.35 -37.76
N GLN B 51 9.96 -26.49 -37.46
CA GLN B 51 10.57 -27.51 -36.62
C GLN B 51 9.81 -28.83 -36.89
N ALA B 52 10.20 -29.90 -36.20
CA ALA B 52 9.77 -31.27 -36.57
C ALA B 52 8.25 -31.35 -36.67
N ASP B 53 7.56 -30.67 -35.77
CA ASP B 53 6.14 -30.77 -35.79
C ASP B 53 5.41 -29.71 -36.65
N THR B 54 6.14 -28.80 -37.33
CA THR B 54 5.48 -27.87 -38.25
C THR B 54 5.88 -28.15 -39.70
N ALA B 55 6.80 -29.10 -39.90
CA ALA B 55 7.29 -29.38 -41.24
C ALA B 55 6.23 -29.87 -42.16
N VAL B 56 5.25 -30.54 -41.58
CA VAL B 56 4.13 -31.00 -42.37
C VAL B 56 3.46 -29.87 -43.11
N LEU B 57 3.51 -28.64 -42.61
CA LEU B 57 2.91 -27.51 -43.34
C LEU B 57 3.52 -27.26 -44.71
N ALA B 58 4.72 -27.80 -44.93
CA ALA B 58 5.39 -27.70 -46.26
C ALA B 58 5.15 -28.86 -47.18
N GLN B 59 4.25 -29.74 -46.81
CA GLN B 59 3.93 -30.84 -47.66
C GLN B 59 3.43 -30.39 -49.00
N GLY B 60 4.00 -30.95 -50.05
CA GLY B 60 3.66 -30.50 -51.41
C GLY B 60 4.33 -29.22 -51.92
N PHE B 61 5.11 -28.54 -51.10
CA PHE B 61 5.74 -27.28 -51.54
C PHE B 61 7.15 -27.61 -52.01
N GLU B 62 7.40 -27.28 -53.26
CA GLU B 62 8.69 -27.53 -53.86
C GLU B 62 9.79 -26.74 -53.22
N VAL B 63 9.47 -25.51 -52.82
CA VAL B 63 10.43 -24.61 -52.24
C VAL B 63 9.98 -24.16 -50.89
N VAL B 64 10.91 -24.20 -49.97
CA VAL B 64 10.68 -23.69 -48.63
C VAL B 64 11.67 -22.57 -48.39
N CYS B 65 11.16 -21.43 -47.92
CA CYS B 65 12.01 -20.28 -47.55
C CYS B 65 12.05 -20.11 -46.05
N ALA B 66 13.26 -20.26 -45.49
CA ALA B 66 13.47 -20.28 -44.06
C ALA B 66 14.34 -19.12 -43.61
N PHE B 67 14.21 -18.82 -42.32
CA PHE B 67 14.98 -17.79 -41.68
C PHE B 67 15.84 -18.39 -40.61
N VAL B 68 16.58 -17.55 -39.89
CA VAL B 68 17.73 -18.00 -39.12
C VAL B 68 17.34 -18.76 -37.88
N ASN B 69 16.09 -18.67 -37.47
CA ASN B 69 15.74 -19.45 -36.31
C ASN B 69 14.83 -20.63 -36.67
N ASP B 70 14.73 -20.97 -37.93
CA ASP B 70 14.04 -22.14 -38.29
C ASP B 70 15.01 -23.32 -38.12
N ASP B 71 14.47 -24.48 -37.79
CA ASP B 71 15.25 -25.64 -37.50
C ASP B 71 15.38 -26.50 -38.75
N LEU B 72 16.54 -26.45 -39.37
CA LEU B 72 16.82 -27.22 -40.56
C LEU B 72 17.89 -28.29 -40.22
N SER B 73 17.75 -28.90 -39.06
CA SER B 73 18.50 -30.10 -38.71
C SER B 73 18.01 -31.30 -39.56
N ARG B 74 18.76 -32.38 -39.53
CA ARG B 74 18.48 -33.61 -40.27
C ARG B 74 17.04 -34.13 -40.19
N PRO B 75 16.48 -34.27 -39.04
CA PRO B 75 15.09 -34.78 -39.04
C PRO B 75 14.08 -33.86 -39.71
N VAL B 76 14.28 -32.55 -39.63
CA VAL B 76 13.41 -31.66 -40.38
C VAL B 76 13.63 -31.79 -41.89
N LEU B 77 14.89 -31.83 -42.33
CA LEU B 77 15.19 -31.89 -43.73
C LEU B 77 14.60 -33.18 -44.31
N GLU B 78 14.65 -34.26 -43.53
CA GLU B 78 14.11 -35.55 -44.01
C GLU B 78 12.60 -35.50 -44.23
N ARG B 79 11.88 -34.90 -43.28
CA ARG B 79 10.46 -34.66 -43.51
C ARG B 79 10.17 -33.78 -44.74
N LEU B 80 10.94 -32.70 -44.93
CA LEU B 80 10.70 -31.82 -46.06
C LEU B 80 10.91 -32.56 -47.37
N ALA B 81 12.03 -33.28 -47.45
CA ALA B 81 12.30 -34.08 -48.68
C ALA B 81 11.18 -35.09 -48.88
N ALA B 82 10.80 -35.83 -47.84
CA ALA B 82 9.76 -36.84 -48.05
C ALA B 82 8.46 -36.17 -48.49
N GLY B 83 8.22 -34.91 -48.13
CA GLY B 83 6.93 -34.27 -48.41
C GLY B 83 6.93 -33.64 -49.79
N GLY B 84 7.99 -33.78 -50.54
CA GLY B 84 8.09 -33.21 -51.91
C GLY B 84 8.97 -31.94 -52.09
N THR B 85 9.57 -31.43 -51.01
CA THR B 85 10.32 -30.17 -51.10
C THR B 85 11.64 -30.44 -51.81
N ARG B 86 12.00 -29.60 -52.74
CA ARG B 86 13.14 -29.80 -53.56
C ARG B 86 14.24 -28.79 -53.38
N LEU B 87 13.92 -27.63 -52.81
CA LEU B 87 14.89 -26.52 -52.59
C LEU B 87 14.63 -25.83 -51.27
N VAL B 88 15.71 -25.60 -50.53
CA VAL B 88 15.66 -24.81 -49.32
C VAL B 88 16.33 -23.46 -49.57
N ALA B 89 15.53 -22.41 -49.50
CA ALA B 89 16.02 -21.07 -49.78
C ALA B 89 16.09 -20.31 -48.46
N LEU B 90 17.31 -19.95 -48.09
CA LEU B 90 17.54 -19.20 -46.81
C LEU B 90 17.46 -17.76 -47.15
N ARG B 91 16.56 -17.04 -46.50
CA ARG B 91 16.49 -15.61 -46.63
C ARG B 91 17.42 -14.94 -45.64
N SER B 92 18.68 -15.33 -45.69
CA SER B 92 19.67 -14.96 -44.68
C SER B 92 21.06 -15.16 -45.23
N ALA B 93 22.06 -14.60 -44.58
CA ALA B 93 23.42 -14.92 -44.95
C ALA B 93 23.90 -16.15 -44.22
N GLY B 94 23.63 -16.16 -42.92
CA GLY B 94 24.06 -17.27 -42.10
C GLY B 94 23.31 -18.58 -42.30
N TYR B 95 23.97 -19.68 -41.94
CA TYR B 95 23.44 -21.02 -42.22
C TYR B 95 23.81 -22.07 -41.18
N ASN B 96 24.14 -21.64 -39.95
CA ASN B 96 24.48 -22.58 -38.90
C ASN B 96 23.28 -23.38 -38.44
N HIS B 97 22.08 -22.93 -38.74
CA HIS B 97 20.88 -23.70 -38.41
C HIS B 97 20.53 -24.86 -39.38
N VAL B 98 21.31 -25.00 -40.45
CA VAL B 98 21.08 -26.03 -41.45
C VAL B 98 22.13 -27.15 -41.33
N ASP B 99 21.69 -28.41 -41.33
CA ASP B 99 22.65 -29.54 -41.37
C ASP B 99 22.98 -29.79 -42.82
N LEU B 100 24.03 -29.17 -43.26
CA LEU B 100 24.37 -29.16 -44.68
C LEU B 100 24.72 -30.55 -45.23
N ALA B 101 25.34 -31.38 -44.39
CA ALA B 101 25.70 -32.76 -44.84
C ALA B 101 24.40 -33.53 -45.10
N ALA B 102 23.44 -33.42 -44.19
CA ALA B 102 22.16 -34.06 -44.39
C ALA B 102 21.41 -33.52 -45.62
N ALA B 103 21.49 -32.22 -45.89
CA ALA B 103 20.84 -31.72 -47.07
C ALA B 103 21.44 -32.32 -48.33
N GLU B 104 22.74 -32.35 -48.35
CA GLU B 104 23.45 -32.95 -49.46
C GLU B 104 23.12 -34.43 -49.65
N ALA B 105 23.15 -35.20 -48.57
CA ALA B 105 22.74 -36.57 -48.64
C ALA B 105 21.33 -36.71 -49.20
N LEU B 106 20.45 -35.76 -48.93
CA LEU B 106 19.10 -35.89 -49.43
C LEU B 106 18.93 -35.28 -50.81
N GLY B 107 19.97 -34.72 -51.42
CA GLY B 107 19.82 -34.08 -52.72
C GLY B 107 18.96 -32.80 -52.70
N LEU B 108 18.93 -32.15 -51.55
CA LEU B 108 18.25 -30.89 -51.32
C LEU B 108 19.23 -29.70 -51.37
N PRO B 109 19.32 -29.02 -52.48
CA PRO B 109 20.17 -27.84 -52.46
C PRO B 109 19.67 -26.75 -51.50
N VAL B 110 20.63 -25.99 -50.98
CA VAL B 110 20.41 -24.93 -50.05
C VAL B 110 21.03 -23.69 -50.62
N VAL B 111 20.22 -22.65 -50.76
CA VAL B 111 20.71 -21.40 -51.30
C VAL B 111 20.54 -20.29 -50.26
N HIS B 112 21.36 -19.26 -50.34
CA HIS B 112 21.35 -18.16 -49.38
C HIS B 112 21.63 -16.79 -49.96
N VAL B 113 21.71 -15.77 -49.11
CA VAL B 113 21.97 -14.39 -49.56
C VAL B 113 23.16 -13.87 -48.82
N PRO B 114 24.35 -14.10 -49.37
CA PRO B 114 25.58 -13.86 -48.61
C PRO B 114 25.93 -12.41 -48.34
N ALA B 115 25.41 -11.50 -49.14
CA ALA B 115 25.82 -10.11 -48.99
C ALA B 115 24.76 -9.09 -49.30
N TYR B 116 23.56 -9.32 -48.82
CA TYR B 116 22.54 -8.34 -49.02
C TYR B 116 22.90 -6.91 -48.58
N SER B 117 23.53 -6.75 -47.43
CA SER B 117 24.00 -5.44 -46.98
C SER B 117 24.90 -5.56 -45.74
N PRO B 118 26.17 -5.79 -45.94
CA PRO B 118 27.13 -5.85 -44.83
C PRO B 118 27.11 -4.51 -44.06
N HIS B 119 26.81 -3.40 -44.75
CA HIS B 119 26.69 -2.10 -44.08
C HIS B 119 25.53 -2.06 -43.07
N ALA B 120 24.41 -2.70 -43.37
CA ALA B 120 23.26 -2.68 -42.43
C ALA B 120 23.69 -3.26 -41.08
N VAL B 121 24.37 -4.39 -41.12
CA VAL B 121 24.77 -5.06 -39.88
C VAL B 121 25.89 -4.31 -39.15
N ALA B 122 26.90 -3.88 -39.89
CA ALA B 122 28.00 -3.11 -39.28
C ALA B 122 27.55 -1.85 -38.63
N GLU B 123 26.66 -1.14 -39.32
CA GLU B 123 26.08 0.09 -38.79
C GLU B 123 25.29 -0.14 -37.52
N HIS B 124 24.60 -1.25 -37.46
CA HIS B 124 23.85 -1.54 -36.23
C HIS B 124 24.79 -1.75 -35.08
N ALA B 125 25.86 -2.50 -35.32
CA ALA B 125 26.85 -2.72 -34.28
C ALA B 125 27.40 -1.40 -33.79
N VAL B 126 27.68 -0.49 -34.71
CA VAL B 126 28.16 0.85 -34.29
C VAL B 126 27.10 1.58 -33.49
N GLY B 127 25.81 1.42 -33.90
CA GLY B 127 24.71 2.00 -33.11
C GLY B 127 24.67 1.48 -31.67
N LEU B 128 24.90 0.17 -31.49
CA LEU B 128 24.88 -0.40 -30.15
C LEU B 128 26.05 0.21 -29.34
N ILE B 129 27.19 0.35 -30.00
CA ILE B 129 28.38 0.97 -29.33
C ILE B 129 28.01 2.34 -28.80
N LEU B 130 27.46 3.19 -29.66
CA LEU B 130 27.23 4.58 -29.28
C LEU B 130 26.12 4.72 -28.24
N THR B 131 25.07 3.89 -28.36
CA THR B 131 24.03 3.90 -27.40
C THR B 131 24.55 3.53 -26.01
N LEU B 132 25.32 2.47 -25.94
CA LEU B 132 25.96 2.09 -24.67
C LEU B 132 26.85 3.18 -24.17
N ASN B 133 27.70 3.70 -25.06
CA ASN B 133 28.73 4.66 -24.64
C ASN B 133 28.12 5.97 -24.06
N ARG B 134 27.18 6.55 -24.79
CA ARG B 134 26.53 7.76 -24.35
C ARG B 134 25.22 7.56 -23.58
N ARG B 135 24.88 6.31 -23.32
CA ARG B 135 23.70 5.99 -22.53
C ARG B 135 22.44 6.58 -23.14
N LEU B 136 22.31 6.45 -24.46
CA LEU B 136 21.27 7.14 -25.14
C LEU B 136 19.89 6.55 -24.80
N HIS B 137 19.87 5.26 -24.57
CA HIS B 137 18.69 4.57 -24.17
C HIS B 137 18.19 5.06 -22.80
N ARG B 138 19.10 5.26 -21.85
CA ARG B 138 18.75 5.81 -20.56
C ARG B 138 18.36 7.29 -20.64
N ALA B 139 19.11 8.10 -21.45
CA ALA B 139 18.80 9.48 -21.62
C ALA B 139 17.43 9.69 -22.20
N TYR B 140 17.08 8.91 -23.22
CA TYR B 140 15.76 9.00 -23.86
C TYR B 140 14.65 8.86 -22.87
N ASN B 141 14.71 7.85 -21.99
CA ASN B 141 13.58 7.64 -21.01
C ASN B 141 13.59 8.67 -19.98
N ARG B 142 14.76 9.20 -19.67
CA ARG B 142 14.76 10.33 -18.74
C ARG B 142 14.06 11.57 -19.33
N THR B 143 14.50 12.00 -20.49
CA THR B 143 14.00 13.29 -21.00
C THR B 143 12.51 13.20 -21.32
N ARG B 144 12.08 12.00 -21.73
CA ARG B 144 10.67 11.76 -22.00
C ARG B 144 9.80 12.04 -20.82
N GLU B 145 10.29 11.83 -19.62
CA GLU B 145 9.49 12.15 -18.42
C GLU B 145 9.95 13.44 -17.74
N GLY B 146 10.73 14.26 -18.43
CA GLY B 146 11.13 15.54 -17.83
C GLY B 146 12.31 15.46 -16.82
N ASP B 147 13.05 14.36 -16.87
CA ASP B 147 14.28 14.24 -16.08
C ASP B 147 15.44 14.60 -17.01
N PHE B 148 15.97 15.78 -16.83
CA PHE B 148 17.04 16.31 -17.68
C PHE B 148 18.40 16.23 -16.93
N SER B 149 18.49 15.39 -15.89
CA SER B 149 19.74 15.20 -15.16
C SER B 149 20.66 14.22 -15.92
N LEU B 150 21.95 14.40 -15.73
CA LEU B 150 22.96 13.71 -16.47
C LEU B 150 23.85 12.75 -15.65
N HIS B 151 23.59 12.57 -14.35
CA HIS B 151 24.37 11.62 -13.55
C HIS B 151 24.32 10.25 -14.27
N GLY B 152 25.46 9.60 -14.30
CA GLY B 152 25.61 8.25 -14.85
C GLY B 152 25.68 8.21 -16.37
N LEU B 153 25.58 9.37 -17.05
CA LEU B 153 25.53 9.32 -18.52
C LEU B 153 26.86 9.68 -19.19
N THR B 154 27.89 9.97 -18.39
CA THR B 154 29.17 10.32 -18.96
C THR B 154 29.71 9.21 -19.78
N GLY B 155 30.01 9.47 -21.07
CA GLY B 155 30.64 8.42 -21.90
C GLY B 155 32.14 8.53 -22.05
N PHE B 156 32.61 8.07 -23.22
CA PHE B 156 34.01 8.15 -23.55
C PHE B 156 34.18 8.43 -25.02
N ASP B 157 35.24 9.10 -25.37
CA ASP B 157 35.55 9.35 -26.83
C ASP B 157 35.95 8.04 -27.48
N LEU B 158 35.40 7.77 -28.65
CA LEU B 158 35.77 6.60 -29.42
C LEU B 158 37.14 6.83 -30.07
N HIS B 159 37.38 8.08 -30.50
CA HIS B 159 38.63 8.48 -31.09
C HIS B 159 39.81 8.03 -30.23
N GLY B 160 40.74 7.29 -30.82
CA GLY B 160 41.90 6.82 -30.05
C GLY B 160 41.74 5.47 -29.35
N LYS B 161 40.53 4.96 -29.21
CA LYS B 161 40.37 3.67 -28.54
C LYS B 161 40.71 2.49 -29.44
N ARG B 162 41.01 1.37 -28.80
CA ARG B 162 41.31 0.17 -29.54
C ARG B 162 40.06 -0.70 -29.71
N VAL B 163 39.80 -1.10 -30.95
CA VAL B 163 38.68 -1.84 -31.31
C VAL B 163 39.14 -3.12 -31.92
N GLY B 164 38.74 -4.24 -31.30
CA GLY B 164 39.12 -5.55 -31.79
C GLY B 164 37.98 -6.20 -32.52
N VAL B 165 38.27 -6.64 -33.74
CA VAL B 165 37.31 -7.28 -34.59
C VAL B 165 37.63 -8.75 -34.72
N ILE B 166 36.74 -9.61 -34.27
CA ILE B 166 36.92 -11.02 -34.39
C ILE B 166 36.09 -11.45 -35.58
N GLY B 167 36.79 -11.80 -36.64
CA GLY B 167 36.12 -12.17 -37.89
C GLY B 167 36.06 -11.02 -38.85
N THR B 168 37.01 -10.98 -39.79
CA THR B 168 37.18 -9.86 -40.70
C THR B 168 36.70 -10.19 -42.10
N GLY B 169 35.49 -10.70 -42.19
CA GLY B 169 34.87 -11.03 -43.44
C GLY B 169 34.11 -9.82 -43.98
N GLN B 170 33.02 -10.07 -44.68
CA GLN B 170 32.29 -8.97 -45.25
C GLN B 170 31.81 -7.99 -44.20
N ILE B 171 31.20 -8.49 -43.12
CA ILE B 171 30.63 -7.58 -42.14
C ILE B 171 31.78 -7.01 -41.33
N GLY B 172 32.68 -7.89 -40.86
CA GLY B 172 33.75 -7.48 -39.93
C GLY B 172 34.65 -6.46 -40.57
N GLU B 173 34.91 -6.63 -41.87
CA GLU B 173 35.72 -5.63 -42.55
C GLU B 173 34.96 -4.29 -42.71
N THR B 174 33.67 -4.34 -43.05
CA THR B 174 32.88 -3.08 -43.19
C THR B 174 32.87 -2.36 -41.86
N PHE B 175 32.69 -3.13 -40.78
CA PHE B 175 32.71 -2.57 -39.41
C PHE B 175 34.02 -1.92 -39.12
N ALA B 176 35.09 -2.62 -39.44
CA ALA B 176 36.44 -2.09 -39.18
C ALA B 176 36.66 -0.76 -39.89
N ARG B 177 36.25 -0.70 -41.15
CA ARG B 177 36.42 0.54 -41.92
C ARG B 177 35.67 1.68 -41.26
N ILE B 178 34.41 1.41 -40.82
CA ILE B 178 33.64 2.50 -40.11
C ILE B 178 34.40 2.97 -38.86
N MET B 179 34.85 2.02 -38.10
CA MET B 179 35.50 2.38 -36.80
C MET B 179 36.84 3.09 -37.05
N ALA B 180 37.54 2.71 -38.12
CA ALA B 180 38.72 3.45 -38.45
C ALA B 180 38.36 4.92 -38.77
N GLY B 181 37.21 5.18 -39.38
CA GLY B 181 36.76 6.54 -39.61
C GLY B 181 36.48 7.37 -38.36
N PHE B 182 36.31 6.75 -37.19
CA PHE B 182 36.19 7.49 -35.95
C PHE B 182 37.55 7.81 -35.36
N GLY B 183 38.62 7.34 -36.03
CA GLY B 183 39.97 7.45 -35.49
C GLY B 183 40.27 6.39 -34.43
N CYS B 184 39.64 5.23 -34.52
CA CYS B 184 39.99 4.12 -33.63
C CYS B 184 41.21 3.33 -34.15
N GLU B 185 41.90 2.66 -33.26
CA GLU B 185 43.00 1.77 -33.67
C GLU B 185 42.40 0.38 -33.85
N LEU B 186 42.58 -0.23 -35.00
CA LEU B 186 41.98 -1.53 -35.21
C LEU B 186 42.86 -2.73 -34.98
N LEU B 187 42.34 -3.67 -34.20
CA LEU B 187 42.98 -4.94 -33.97
C LEU B 187 42.08 -5.99 -34.53
N ALA B 188 42.66 -7.07 -35.05
CA ALA B 188 41.92 -8.08 -35.76
C ALA B 188 42.38 -9.46 -35.47
N TYR B 189 41.43 -10.38 -35.42
CA TYR B 189 41.73 -11.75 -35.35
C TYR B 189 40.85 -12.47 -36.34
N ASP B 190 41.48 -13.27 -37.19
CA ASP B 190 40.75 -14.14 -38.13
C ASP B 190 41.76 -15.31 -38.42
N PRO B 191 41.32 -16.55 -38.33
CA PRO B 191 42.17 -17.62 -38.85
C PRO B 191 42.62 -17.37 -40.28
N TYR B 192 41.94 -16.55 -41.07
CA TYR B 192 42.40 -16.31 -42.45
C TYR B 192 42.53 -14.84 -42.70
N PRO B 193 43.63 -14.26 -42.23
CA PRO B 193 43.74 -12.81 -42.34
C PRO B 193 43.60 -12.30 -43.74
N ASN B 194 43.21 -11.07 -43.88
CA ASN B 194 43.18 -10.52 -45.19
C ASN B 194 43.90 -9.19 -45.33
N PRO B 195 44.39 -8.97 -46.52
CA PRO B 195 45.24 -7.81 -46.78
C PRO B 195 44.48 -6.50 -46.76
N ARG B 196 43.19 -6.53 -47.08
CA ARG B 196 42.37 -5.32 -47.03
C ARG B 196 42.33 -4.66 -45.65
N ILE B 197 42.22 -5.47 -44.60
CA ILE B 197 42.29 -4.95 -43.20
C ILE B 197 43.61 -4.28 -42.90
N GLN B 198 44.71 -4.92 -43.31
CA GLN B 198 46.02 -4.30 -43.09
C GLN B 198 46.13 -3.04 -43.86
N ALA B 199 45.67 -3.07 -45.11
CA ALA B 199 45.73 -1.83 -45.94
C ALA B 199 45.00 -0.69 -45.25
N LEU B 200 44.01 -1.06 -44.48
CA LEU B 200 43.18 -0.14 -43.75
C LEU B 200 43.88 0.47 -42.54
N GLY B 201 45.00 -0.08 -42.15
CA GLY B 201 45.64 0.27 -40.85
C GLY B 201 45.36 -0.72 -39.72
N GLY B 202 44.66 -1.82 -40.01
CA GLY B 202 44.42 -2.83 -38.94
C GLY B 202 45.60 -3.80 -38.72
N ARG B 203 45.76 -4.31 -37.50
CA ARG B 203 46.83 -5.13 -37.13
C ARG B 203 46.28 -6.46 -36.65
N TYR B 204 46.65 -7.55 -37.33
CA TYR B 204 46.24 -8.85 -36.93
C TYR B 204 47.10 -9.29 -35.73
N LEU B 205 46.46 -9.99 -34.82
CA LEU B 205 47.11 -10.59 -33.69
C LEU B 205 46.34 -11.79 -33.17
N ALA B 206 46.89 -12.45 -32.18
CA ALA B 206 46.29 -13.65 -31.67
C ALA B 206 45.05 -13.25 -30.86
N LEU B 207 44.10 -14.19 -30.76
CA LEU B 207 42.88 -13.93 -30.07
C LEU B 207 43.10 -13.39 -28.67
N ASP B 208 43.99 -14.03 -27.90
CA ASP B 208 44.13 -13.62 -26.50
C ASP B 208 44.71 -12.24 -26.36
N ALA B 209 45.61 -11.91 -27.27
CA ALA B 209 46.21 -10.60 -27.27
C ALA B 209 45.16 -9.51 -27.71
N LEU B 210 44.33 -9.85 -28.68
CA LEU B 210 43.24 -8.94 -29.08
C LEU B 210 42.32 -8.68 -27.87
N LEU B 211 41.89 -9.75 -27.22
CA LEU B 211 41.07 -9.62 -26.03
C LEU B 211 41.72 -8.78 -24.94
N ALA B 212 43.02 -8.95 -24.73
CA ALA B 212 43.62 -8.20 -23.63
C ALA B 212 43.84 -6.78 -23.98
N GLU B 213 43.99 -6.46 -25.26
CA GLU B 213 44.38 -5.06 -25.61
C GLU B 213 43.15 -4.17 -25.98
N SER B 214 42.00 -4.77 -26.28
CA SER B 214 40.88 -4.01 -26.91
C SER B 214 40.05 -3.33 -25.88
N ASP B 215 39.67 -2.07 -26.17
CA ASP B 215 38.64 -1.33 -25.36
C ASP B 215 37.28 -1.74 -25.74
N ILE B 216 37.10 -2.11 -27.00
CA ILE B 216 35.81 -2.57 -27.57
C ILE B 216 36.08 -3.79 -28.43
N VAL B 217 35.27 -4.84 -28.28
CA VAL B 217 35.38 -6.03 -29.08
C VAL B 217 34.08 -6.30 -29.75
N SER B 218 34.12 -6.65 -31.03
CA SER B 218 32.92 -6.94 -31.79
C SER B 218 33.09 -8.23 -32.55
N LEU B 219 32.10 -9.12 -32.46
CA LEU B 219 32.11 -10.45 -33.03
C LEU B 219 31.41 -10.46 -34.39
N HIS B 220 32.13 -10.94 -35.38
CA HIS B 220 31.63 -11.05 -36.75
C HIS B 220 32.09 -12.31 -37.47
N CYS B 221 32.35 -13.35 -36.70
CA CYS B 221 32.65 -14.64 -37.23
C CYS B 221 31.37 -15.43 -37.27
N PRO B 222 31.32 -16.42 -38.14
CA PRO B 222 30.17 -17.30 -38.11
C PRO B 222 30.15 -18.21 -36.88
N LEU B 223 28.99 -18.82 -36.63
CA LEU B 223 28.89 -19.85 -35.64
C LEU B 223 29.27 -21.18 -36.29
N THR B 224 30.32 -21.79 -35.77
CA THR B 224 30.77 -23.15 -36.14
C THR B 224 31.17 -23.85 -34.86
N ALA B 225 31.51 -25.13 -34.96
CA ALA B 225 31.97 -25.88 -33.77
C ALA B 225 33.19 -25.21 -33.17
N ASP B 226 33.99 -24.52 -33.94
CA ASP B 226 35.13 -23.79 -33.34
C ASP B 226 34.84 -22.46 -32.70
N THR B 227 33.72 -21.81 -33.02
CA THR B 227 33.45 -20.48 -32.44
C THR B 227 32.42 -20.56 -31.35
N ARG B 228 31.82 -21.71 -31.17
CA ARG B 228 30.83 -21.90 -30.16
C ARG B 228 31.38 -21.59 -28.77
N HIS B 229 30.74 -20.71 -28.03
CA HIS B 229 31.28 -20.22 -26.69
C HIS B 229 32.71 -19.73 -26.79
N LEU B 230 33.06 -19.14 -27.92
CA LEU B 230 34.34 -18.48 -28.00
C LEU B 230 34.56 -17.47 -26.84
N ILE B 231 33.55 -16.68 -26.49
CA ILE B 231 33.67 -15.80 -25.35
C ILE B 231 33.08 -16.51 -24.14
N ASP B 232 33.98 -17.10 -23.36
CA ASP B 232 33.62 -17.82 -22.15
C ASP B 232 34.24 -17.16 -20.90
N ALA B 233 34.07 -17.77 -19.74
CA ALA B 233 34.51 -17.10 -18.48
C ALA B 233 35.95 -16.78 -18.51
N GLN B 234 36.72 -17.76 -18.97
CA GLN B 234 38.16 -17.60 -19.02
C GLN B 234 38.61 -16.48 -19.98
N ARG B 235 37.98 -16.41 -21.15
CA ARG B 235 38.30 -15.33 -22.06
C ARG B 235 37.81 -13.95 -21.57
N LEU B 236 36.66 -13.90 -20.90
CA LEU B 236 36.22 -12.61 -20.29
C LEU B 236 37.20 -12.12 -19.27
N ALA B 237 37.81 -13.05 -18.53
CA ALA B 237 38.79 -12.64 -17.47
C ALA B 237 40.09 -12.09 -18.07
N THR B 238 40.35 -12.38 -19.32
CA THR B 238 41.51 -11.89 -20.07
C THR B 238 41.31 -10.48 -20.60
N MET B 239 40.05 -10.06 -20.70
CA MET B 239 39.75 -8.76 -21.29
C MET B 239 40.16 -7.62 -20.39
N LYS B 240 40.31 -6.46 -20.99
CA LYS B 240 40.57 -5.25 -20.26
C LYS B 240 39.41 -4.88 -19.34
N PRO B 241 39.67 -4.53 -18.09
CA PRO B 241 38.59 -4.25 -17.20
C PRO B 241 37.77 -3.10 -17.70
N GLY B 242 36.46 -3.23 -17.68
CA GLY B 242 35.54 -2.15 -18.09
C GLY B 242 35.36 -2.14 -19.62
N ALA B 243 35.82 -3.18 -20.33
CA ALA B 243 35.71 -3.18 -21.76
C ALA B 243 34.24 -3.32 -22.26
N MET B 244 34.04 -3.04 -23.55
CA MET B 244 32.75 -3.18 -24.18
C MET B 244 32.82 -4.36 -25.11
N LEU B 245 31.80 -5.22 -25.05
CA LEU B 245 31.65 -6.33 -25.96
C LEU B 245 30.34 -6.17 -26.76
N ILE B 246 30.42 -6.40 -28.06
CA ILE B 246 29.31 -6.34 -29.00
C ILE B 246 29.16 -7.64 -29.74
N ASN B 247 27.95 -8.19 -29.72
CA ASN B 247 27.65 -9.43 -30.42
C ASN B 247 26.46 -9.29 -31.35
N THR B 248 26.76 -9.06 -32.61
CA THR B 248 25.80 -9.07 -33.69
C THR B 248 26.04 -10.26 -34.65
N GLY B 249 26.73 -11.28 -34.13
CA GLY B 249 27.01 -12.53 -34.86
C GLY B 249 25.94 -13.58 -34.63
N ARG B 250 26.16 -14.43 -33.61
CA ARG B 250 25.14 -15.43 -33.19
C ARG B 250 25.20 -15.57 -31.73
N GLY B 251 24.07 -15.94 -31.14
CA GLY B 251 23.98 -16.10 -29.68
C GLY B 251 24.97 -17.04 -29.06
N ALA B 252 25.18 -18.17 -29.76
CA ALA B 252 26.05 -19.19 -29.20
C ALA B 252 27.54 -18.89 -29.31
N LEU B 253 27.91 -17.75 -29.83
CA LEU B 253 29.32 -17.31 -29.78
C LEU B 253 29.78 -16.95 -28.38
N VAL B 254 28.84 -16.71 -27.47
CA VAL B 254 29.21 -16.29 -26.12
C VAL B 254 28.49 -17.17 -25.09
N ASN B 255 29.05 -17.19 -23.90
CA ASN B 255 28.37 -17.85 -22.81
C ASN B 255 27.76 -16.78 -21.97
N ALA B 256 26.46 -16.64 -22.11
CA ALA B 256 25.83 -15.48 -21.48
C ALA B 256 25.80 -15.54 -19.96
N ALA B 257 25.74 -16.74 -19.34
CA ALA B 257 25.88 -16.84 -17.86
C ALA B 257 27.20 -16.23 -17.41
N ALA B 258 28.25 -16.44 -18.17
CA ALA B 258 29.55 -15.84 -17.76
C ALA B 258 29.55 -14.32 -17.96
N LEU B 259 28.86 -13.86 -18.99
CA LEU B 259 28.73 -12.41 -19.20
C LEU B 259 28.06 -11.77 -17.98
N ILE B 260 27.03 -12.40 -17.44
CA ILE B 260 26.36 -11.85 -16.23
C ILE B 260 27.31 -11.69 -15.10
N GLU B 261 28.15 -12.72 -14.85
CA GLU B 261 29.13 -12.57 -13.68
C GLU B 261 30.15 -11.46 -13.92
N ALA B 262 30.61 -11.31 -15.16
CA ALA B 262 31.56 -10.23 -15.46
C ALA B 262 30.94 -8.87 -15.41
N LEU B 263 29.66 -8.80 -15.78
CA LEU B 263 28.96 -7.51 -15.66
C LEU B 263 28.79 -7.14 -14.19
N LYS B 264 28.38 -8.11 -13.39
CA LYS B 264 28.19 -7.80 -11.99
C LYS B 264 29.47 -7.40 -11.30
N SER B 265 30.58 -8.02 -11.63
CA SER B 265 31.87 -7.61 -11.04
C SER B 265 32.40 -6.32 -11.60
N GLY B 266 31.94 -5.85 -12.74
CA GLY B 266 32.55 -4.65 -13.34
C GLY B 266 33.68 -4.99 -14.29
N GLN B 267 34.04 -6.26 -14.35
CA GLN B 267 35.07 -6.68 -15.30
C GLN B 267 34.67 -6.36 -16.78
N LEU B 268 33.43 -6.68 -17.12
CA LEU B 268 32.86 -6.26 -18.39
C LEU B 268 32.10 -4.95 -18.13
N GLY B 269 32.49 -3.89 -18.83
CA GLY B 269 31.88 -2.58 -18.65
C GLY B 269 30.57 -2.38 -19.38
N TYR B 270 30.42 -3.01 -20.55
CA TYR B 270 29.28 -2.78 -21.39
C TYR B 270 29.02 -4.03 -22.25
N LEU B 271 27.77 -4.23 -22.60
CA LEU B 271 27.39 -5.35 -23.50
C LEU B 271 26.26 -4.92 -24.42
N GLY B 272 26.47 -5.11 -25.73
CA GLY B 272 25.46 -4.92 -26.71
C GLY B 272 25.20 -6.23 -27.43
N LEU B 273 23.96 -6.67 -27.41
CA LEU B 273 23.62 -7.88 -28.09
C LEU B 273 22.53 -7.63 -29.12
N ASP B 274 22.69 -8.20 -30.32
CA ASP B 274 21.57 -8.28 -31.27
C ASP B 274 21.07 -9.74 -31.37
N VAL B 275 21.74 -10.66 -30.68
CA VAL B 275 21.52 -12.08 -30.76
C VAL B 275 21.69 -12.72 -29.40
N TYR B 276 21.03 -13.83 -29.24
CA TYR B 276 21.05 -14.55 -27.95
C TYR B 276 20.95 -16.06 -28.23
N GLU B 277 21.65 -16.85 -27.43
CA GLU B 277 21.75 -18.28 -27.68
C GLU B 277 20.43 -19.00 -27.70
N GLU B 278 19.53 -18.69 -26.77
CA GLU B 278 18.22 -19.34 -26.77
C GLU B 278 17.19 -18.44 -27.41
N GLU B 279 17.55 -17.71 -28.44
CA GLU B 279 16.56 -16.79 -28.99
C GLU B 279 15.48 -17.45 -29.84
N ALA B 280 15.72 -18.69 -30.30
CA ALA B 280 14.92 -19.20 -31.46
C ALA B 280 13.40 -19.19 -31.24
N ASP B 281 13.00 -19.59 -30.04
CA ASP B 281 11.59 -19.62 -29.75
C ASP B 281 11.05 -18.40 -29.07
N ILE B 282 11.85 -17.35 -28.95
CA ILE B 282 11.34 -16.06 -28.37
C ILE B 282 11.46 -14.85 -29.27
N PHE B 283 12.57 -14.66 -29.98
CA PHE B 283 12.68 -13.45 -30.78
C PHE B 283 11.68 -13.42 -31.95
N PHE B 284 11.48 -12.20 -32.42
CA PHE B 284 10.53 -11.87 -33.46
C PHE B 284 9.08 -11.91 -33.03
N GLU B 285 8.81 -12.10 -31.77
CA GLU B 285 7.45 -12.11 -31.28
C GLU B 285 7.34 -11.17 -30.11
N ASP B 286 6.19 -10.60 -29.91
CA ASP B 286 5.93 -9.91 -28.68
C ASP B 286 5.55 -10.90 -27.57
N ARG B 287 6.43 -11.13 -26.61
CA ARG B 287 6.14 -12.04 -25.52
C ARG B 287 6.00 -11.31 -24.22
N SER B 288 5.67 -10.04 -24.32
CA SER B 288 5.61 -9.23 -23.13
C SER B 288 4.48 -9.58 -22.18
N ASP B 289 3.44 -10.27 -22.64
CA ASP B 289 2.28 -10.57 -21.84
C ASP B 289 2.52 -11.78 -20.89
N GLN B 290 3.57 -12.52 -21.05
CA GLN B 290 3.82 -13.67 -20.20
C GLN B 290 5.18 -13.53 -19.53
N PRO B 291 5.39 -14.26 -18.41
CA PRO B 291 6.68 -14.33 -17.90
C PRO B 291 7.71 -14.76 -18.92
N LEU B 292 8.90 -14.20 -18.85
CA LEU B 292 10.02 -14.71 -19.61
C LEU B 292 10.64 -15.92 -18.92
N GLN B 293 10.67 -17.07 -19.58
CA GLN B 293 11.21 -18.30 -18.94
C GLN B 293 12.74 -18.28 -18.74
N ASP B 294 13.46 -17.63 -19.64
CA ASP B 294 14.92 -17.77 -19.68
C ASP B 294 15.60 -16.85 -18.64
N ASP B 295 16.12 -17.47 -17.59
CA ASP B 295 16.68 -16.75 -16.46
C ASP B 295 17.82 -15.85 -16.84
N VAL B 296 18.64 -16.36 -17.74
CA VAL B 296 19.87 -15.70 -18.09
C VAL B 296 19.52 -14.46 -18.92
N LEU B 297 18.61 -14.60 -19.87
CA LEU B 297 18.20 -13.39 -20.66
C LEU B 297 17.53 -12.37 -19.75
N ALA B 298 16.65 -12.81 -18.85
CA ALA B 298 15.99 -11.85 -17.94
C ALA B 298 16.99 -11.05 -17.15
N ARG B 299 18.06 -11.70 -16.71
CA ARG B 299 19.06 -11.02 -15.89
C ARG B 299 19.86 -10.07 -16.77
N LEU B 300 20.19 -10.48 -18.01
CA LEU B 300 20.92 -9.61 -18.87
C LEU B 300 20.12 -8.34 -19.10
N LEU B 301 18.81 -8.49 -19.31
CA LEU B 301 17.96 -7.36 -19.52
C LEU B 301 17.88 -6.38 -18.33
N SER B 302 18.25 -6.82 -17.13
CA SER B 302 18.15 -5.98 -15.96
C SER B 302 19.21 -4.91 -15.86
N PHE B 303 20.32 -5.09 -16.56
CA PHE B 303 21.45 -4.17 -16.33
C PHE B 303 21.33 -2.78 -17.11
N PRO B 304 21.85 -1.67 -16.53
CA PRO B 304 21.88 -0.36 -17.14
C PRO B 304 22.92 -0.22 -18.27
N ASN B 305 23.87 -1.16 -18.32
CA ASN B 305 24.99 -1.15 -19.27
C ASN B 305 24.91 -2.36 -20.22
N VAL B 306 23.70 -2.85 -20.42
CA VAL B 306 23.39 -3.86 -21.42
C VAL B 306 22.22 -3.40 -22.29
N VAL B 307 22.42 -3.50 -23.62
CA VAL B 307 21.37 -3.22 -24.55
C VAL B 307 21.22 -4.46 -25.43
N VAL B 308 19.99 -4.91 -25.55
CA VAL B 308 19.63 -6.01 -26.39
C VAL B 308 18.64 -5.56 -27.43
N THR B 309 18.96 -5.80 -28.69
CA THR B 309 18.04 -5.64 -29.74
C THR B 309 17.74 -7.02 -30.27
N ALA B 310 16.52 -7.20 -30.75
CA ALA B 310 16.00 -8.55 -31.06
C ALA B 310 16.31 -9.00 -32.46
N HIS B 311 17.61 -9.11 -32.73
CA HIS B 311 18.10 -9.61 -34.02
C HIS B 311 17.60 -8.81 -35.20
N GLN B 312 17.83 -7.51 -35.11
CA GLN B 312 17.39 -6.57 -36.12
C GLN B 312 18.55 -5.91 -36.82
N ALA B 313 19.79 -6.42 -36.65
CA ALA B 313 20.90 -5.79 -37.36
C ALA B 313 20.74 -5.81 -38.90
N PHE B 314 20.08 -6.85 -39.43
CA PHE B 314 19.78 -6.96 -40.85
C PHE B 314 18.68 -6.08 -41.30
N LEU B 315 17.99 -5.42 -40.37
CA LEU B 315 16.68 -4.85 -40.68
C LEU B 315 16.74 -3.37 -41.18
N THR B 316 17.06 -3.20 -42.46
CA THR B 316 16.98 -1.90 -43.13
C THR B 316 16.25 -2.07 -44.46
N ARG B 317 15.70 -0.98 -45.00
CA ARG B 317 14.96 -1.05 -46.25
C ARG B 317 15.79 -1.70 -47.35
N GLU B 318 17.03 -1.34 -47.42
CA GLU B 318 17.88 -1.77 -48.50
C GLU B 318 18.28 -3.20 -48.29
N ALA B 319 18.53 -3.59 -47.04
CA ALA B 319 18.82 -4.98 -46.79
C ALA B 319 17.60 -5.91 -47.16
N LEU B 320 16.42 -5.51 -46.75
CA LEU B 320 15.26 -6.30 -47.00
C LEU B 320 15.01 -6.44 -48.51
N ALA B 321 15.18 -5.37 -49.24
CA ALA B 321 14.89 -5.42 -50.70
C ALA B 321 15.90 -6.34 -51.35
N ALA B 322 17.15 -6.26 -50.92
CA ALA B 322 18.17 -7.17 -51.51
C ALA B 322 17.94 -8.64 -51.15
N ILE B 323 17.52 -8.89 -49.92
CA ILE B 323 17.24 -10.29 -49.51
C ILE B 323 16.11 -10.88 -50.38
N ALA B 324 15.06 -10.13 -50.57
CA ALA B 324 13.94 -10.56 -51.32
C ALA B 324 14.32 -10.72 -52.80
N ASP B 325 14.93 -9.69 -53.40
CA ASP B 325 15.30 -9.81 -54.79
C ASP B 325 16.26 -11.01 -55.03
N THR B 326 17.29 -11.16 -54.19
CA THR B 326 18.26 -12.23 -54.41
C THR B 326 17.64 -13.58 -54.12
N THR B 327 16.79 -13.67 -53.10
CA THR B 327 16.16 -14.94 -52.81
C THR B 327 15.23 -15.40 -54.01
N LEU B 328 14.37 -14.51 -54.51
CA LEU B 328 13.53 -14.86 -55.65
C LEU B 328 14.34 -15.22 -56.89
N ASP B 329 15.38 -14.45 -57.16
CA ASP B 329 16.36 -14.79 -58.17
C ASP B 329 17.04 -16.14 -57.94
N ASN B 330 17.43 -16.44 -56.73
CA ASN B 330 18.05 -17.76 -56.48
C ASN B 330 17.07 -18.88 -56.84
N ILE B 331 15.81 -18.68 -56.49
CA ILE B 331 14.78 -19.71 -56.78
C ILE B 331 14.56 -19.83 -58.31
N ALA B 332 14.48 -18.69 -59.02
CA ALA B 332 14.36 -18.72 -60.51
C ALA B 332 15.55 -19.39 -61.16
N ALA B 333 16.75 -19.09 -60.68
CA ALA B 333 17.92 -19.74 -61.21
C ALA B 333 17.88 -21.26 -61.00
N TRP B 334 17.43 -21.70 -59.84
CA TRP B 334 17.30 -23.11 -59.58
C TRP B 334 16.31 -23.78 -60.48
N GLN B 335 15.21 -23.12 -60.69
CA GLN B 335 14.15 -23.57 -61.52
C GLN B 335 14.59 -23.71 -62.98
N ASP B 336 15.50 -22.87 -63.44
CA ASP B 336 16.06 -23.02 -64.75
C ASP B 336 17.22 -23.96 -64.77
N GLY B 337 17.50 -24.66 -63.69
CA GLY B 337 18.62 -25.59 -63.69
C GLY B 337 20.00 -25.00 -63.63
N THR B 338 20.13 -23.73 -63.33
CA THR B 338 21.47 -23.12 -63.15
C THR B 338 21.54 -22.43 -61.79
N PRO B 339 21.71 -23.20 -60.73
CA PRO B 339 21.54 -22.60 -59.42
C PRO B 339 22.72 -21.71 -59.07
N ARG B 340 22.42 -20.68 -58.27
CA ARG B 340 23.27 -19.60 -57.76
C ARG B 340 23.24 -19.56 -56.23
N ASN B 341 24.27 -19.03 -55.61
CA ASN B 341 24.35 -18.82 -54.18
C ASN B 341 24.07 -20.05 -53.37
N ARG B 342 24.57 -21.19 -53.83
CA ARG B 342 24.51 -22.42 -53.06
C ARG B 342 25.43 -22.42 -51.86
N VAL B 343 24.98 -23.02 -50.77
CA VAL B 343 25.87 -23.26 -49.66
C VAL B 343 26.20 -24.77 -49.64
N ARG B 344 27.41 -25.15 -49.35
CA ARG B 344 27.79 -26.57 -49.35
C ARG B 344 28.40 -27.01 -48.05
N ALA B 345 28.24 -28.28 -47.70
CA ALA B 345 28.88 -28.90 -46.52
C ALA B 345 30.38 -28.74 -46.66
N HIS C 16 -26.83 -21.24 -38.94
CA HIS C 16 -25.86 -20.22 -39.14
C HIS C 16 -26.43 -18.92 -39.70
N MET C 17 -27.10 -18.18 -38.82
CA MET C 17 -27.46 -16.79 -39.01
C MET C 17 -26.15 -16.07 -39.04
N ARG C 18 -26.04 -15.04 -39.86
CA ARG C 18 -24.79 -14.31 -40.03
C ARG C 18 -24.73 -12.97 -39.31
N ILE C 19 -23.73 -12.81 -38.46
CA ILE C 19 -23.46 -11.58 -37.73
C ILE C 19 -22.13 -10.96 -38.17
N LEU C 20 -22.14 -9.68 -38.52
CA LEU C 20 -20.90 -8.99 -38.83
C LEU C 20 -20.54 -8.06 -37.66
N PHE C 21 -19.34 -8.24 -37.15
CA PHE C 21 -18.78 -7.41 -36.04
C PHE C 21 -17.81 -6.37 -36.61
N PHE C 22 -18.06 -5.09 -36.39
CA PHE C 22 -17.07 -4.06 -36.72
C PHE C 22 -16.15 -3.80 -35.54
N SER C 23 -15.05 -3.13 -35.81
CA SER C 23 -14.03 -2.80 -34.81
C SER C 23 -13.59 -3.97 -33.98
N SER C 24 -13.44 -5.11 -34.61
CA SER C 24 -13.17 -6.34 -33.89
C SER C 24 -11.74 -6.40 -33.42
N GLN C 25 -11.52 -6.89 -32.20
CA GLN C 25 -10.21 -7.19 -31.63
C GLN C 25 -10.13 -8.64 -31.26
N ALA C 26 -8.93 -9.11 -31.04
CA ALA C 26 -8.75 -10.51 -30.62
C ALA C 26 -9.57 -10.90 -29.43
N TYR C 27 -9.68 -10.03 -28.46
CA TYR C 27 -10.44 -10.40 -27.22
C TYR C 27 -11.93 -10.53 -27.59
N ASP C 28 -12.36 -9.84 -28.65
CA ASP C 28 -13.77 -9.89 -29.04
C ASP C 28 -14.05 -11.23 -29.70
N SER C 29 -13.21 -11.64 -30.63
CA SER C 29 -13.47 -12.86 -31.36
C SER C 29 -13.25 -14.03 -30.47
N GLU C 30 -12.29 -13.96 -29.58
CA GLU C 30 -12.13 -15.05 -28.60
C GLU C 30 -13.35 -15.19 -27.65
N SER C 31 -13.85 -14.11 -27.09
CA SER C 31 -14.93 -14.25 -26.13
C SER C 31 -16.23 -14.66 -26.85
N PHE C 32 -16.50 -14.05 -28.01
CA PHE C 32 -17.68 -14.36 -28.74
C PHE C 32 -17.66 -15.80 -29.30
N GLN C 33 -16.50 -16.27 -29.75
CA GLN C 33 -16.39 -17.65 -30.18
C GLN C 33 -16.65 -18.58 -29.05
N ALA C 34 -16.13 -18.29 -27.85
CA ALA C 34 -16.43 -19.22 -26.76
C ALA C 34 -17.95 -19.24 -26.48
N SER C 35 -18.56 -18.08 -26.41
CA SER C 35 -19.96 -18.03 -26.12
C SER C 35 -20.84 -18.65 -27.21
N ASN C 36 -20.39 -18.56 -28.45
CA ASN C 36 -21.14 -19.14 -29.58
C ASN C 36 -21.19 -20.67 -29.64
N HIS C 37 -20.45 -21.38 -28.79
CA HIS C 37 -20.69 -22.83 -28.63
C HIS C 37 -22.12 -23.11 -28.20
N ARG C 38 -22.79 -22.13 -27.62
CA ARG C 38 -24.15 -22.34 -27.24
C ARG C 38 -25.20 -21.87 -28.25
N HIS C 39 -24.78 -21.40 -29.42
CA HIS C 39 -25.72 -20.88 -30.39
C HIS C 39 -25.47 -21.34 -31.82
N GLY C 40 -24.22 -21.51 -32.21
CA GLY C 40 -23.93 -21.83 -33.60
C GLY C 40 -24.24 -20.76 -34.65
N PHE C 41 -24.33 -19.50 -34.25
CA PHE C 41 -24.38 -18.42 -35.27
C PHE C 41 -23.12 -18.46 -36.15
N GLU C 42 -23.20 -17.82 -37.32
CA GLU C 42 -22.03 -17.67 -38.16
C GLU C 42 -21.46 -16.27 -37.95
N LEU C 43 -20.26 -16.24 -37.39
CA LEU C 43 -19.69 -14.99 -36.89
C LEU C 43 -18.67 -14.49 -37.88
N HIS C 44 -18.76 -13.23 -38.30
CA HIS C 44 -17.71 -12.62 -39.14
C HIS C 44 -17.13 -11.38 -38.42
N PHE C 45 -15.80 -11.35 -38.31
CA PHE C 45 -15.13 -10.26 -37.61
C PHE C 45 -14.38 -9.33 -38.54
N GLN C 46 -14.79 -8.09 -38.62
CA GLN C 46 -14.14 -7.12 -39.40
C GLN C 46 -13.42 -6.18 -38.45
N GLN C 47 -12.17 -5.92 -38.75
CA GLN C 47 -11.37 -4.95 -37.93
C GLN C 47 -11.71 -3.51 -38.11
N ALA C 48 -12.14 -3.11 -39.28
CA ALA C 48 -12.36 -1.72 -39.49
C ALA C 48 -13.49 -1.22 -38.60
N HIS C 49 -13.43 0.07 -38.30
CA HIS C 49 -14.48 0.81 -37.70
C HIS C 49 -15.66 0.97 -38.65
N LEU C 50 -16.86 0.95 -38.11
CA LEU C 50 -18.05 1.25 -38.89
C LEU C 50 -18.17 2.79 -39.05
N GLN C 51 -18.28 3.23 -40.27
CA GLN C 51 -18.56 4.61 -40.64
C GLN C 51 -19.11 4.60 -42.06
N ALA C 52 -19.44 5.77 -42.57
CA ALA C 52 -20.16 5.87 -43.87
C ALA C 52 -19.45 5.04 -45.00
N ASP C 53 -18.13 5.13 -44.97
CA ASP C 53 -17.22 4.43 -45.82
C ASP C 53 -17.13 2.96 -45.72
N THR C 54 -17.47 2.38 -44.60
CA THR C 54 -17.25 0.97 -44.37
C THR C 54 -18.56 0.21 -44.22
N ALA C 55 -19.67 0.93 -44.23
CA ALA C 55 -20.95 0.30 -43.98
C ALA C 55 -21.32 -0.71 -45.07
N VAL C 56 -20.83 -0.45 -46.27
CA VAL C 56 -21.07 -1.38 -47.39
C VAL C 56 -20.61 -2.77 -47.03
N LEU C 57 -19.63 -2.92 -46.14
CA LEU C 57 -19.21 -4.25 -45.76
C LEU C 57 -20.32 -5.07 -45.15
N ALA C 58 -21.35 -4.43 -44.63
CA ALA C 58 -22.41 -5.16 -43.95
C ALA C 58 -23.56 -5.54 -44.89
N GLN C 59 -23.37 -5.40 -46.18
CA GLN C 59 -24.42 -5.69 -47.13
C GLN C 59 -24.75 -7.13 -47.02
N GLY C 60 -26.03 -7.38 -46.91
CA GLY C 60 -26.51 -8.75 -46.77
C GLY C 60 -26.37 -9.34 -45.37
N PHE C 61 -25.88 -8.59 -44.37
CA PHE C 61 -25.81 -9.11 -43.03
C PHE C 61 -27.02 -8.61 -42.28
N GLU C 62 -27.82 -9.55 -41.82
CA GLU C 62 -29.04 -9.21 -41.08
C GLU C 62 -28.73 -8.54 -39.74
N VAL C 63 -27.63 -8.97 -39.14
CA VAL C 63 -27.22 -8.46 -37.80
C VAL C 63 -25.81 -7.87 -37.86
N VAL C 64 -25.71 -6.65 -37.37
CA VAL C 64 -24.43 -5.98 -37.21
C VAL C 64 -24.16 -5.79 -35.71
N CYS C 65 -22.99 -6.20 -35.27
CA CYS C 65 -22.55 -5.96 -33.89
C CYS C 65 -21.46 -4.88 -33.87
N ALA C 66 -21.76 -3.79 -33.16
CA ALA C 66 -20.93 -2.63 -33.09
C ALA C 66 -20.45 -2.35 -31.65
N PHE C 67 -19.35 -1.63 -31.59
CA PHE C 67 -18.79 -1.16 -30.37
C PHE C 67 -18.84 0.35 -30.27
N VAL C 68 -18.28 0.89 -29.19
CA VAL C 68 -18.59 2.26 -28.78
C VAL C 68 -17.99 3.33 -29.67
N ASN C 69 -17.02 2.99 -30.47
CA ASN C 69 -16.42 3.93 -31.33
C ASN C 69 -16.89 3.71 -32.78
N ASP C 70 -17.88 2.87 -32.99
CA ASP C 70 -18.44 2.79 -34.34
C ASP C 70 -19.42 3.90 -34.53
N ASP C 71 -19.56 4.40 -35.75
CA ASP C 71 -20.47 5.50 -36.03
C ASP C 71 -21.81 4.98 -36.47
N LEU C 72 -22.80 5.13 -35.61
CA LEU C 72 -24.17 4.70 -35.96
C LEU C 72 -25.08 5.93 -36.03
N SER C 73 -24.55 7.00 -36.59
CA SER C 73 -25.39 8.15 -36.94
C SER C 73 -26.33 7.81 -38.11
N ARG C 74 -27.26 8.69 -38.39
CA ARG C 74 -28.31 8.49 -39.39
C ARG C 74 -27.82 8.01 -40.75
N PRO C 75 -26.84 8.67 -41.34
CA PRO C 75 -26.41 8.18 -42.65
C PRO C 75 -25.86 6.77 -42.63
N VAL C 76 -25.24 6.35 -41.55
CA VAL C 76 -24.77 4.97 -41.49
C VAL C 76 -25.93 4.00 -41.34
N LEU C 77 -26.86 4.32 -40.46
CA LEU C 77 -28.01 3.46 -40.22
C LEU C 77 -28.82 3.32 -41.52
N GLU C 78 -28.91 4.39 -42.27
CA GLU C 78 -29.63 4.32 -43.57
C GLU C 78 -28.96 3.36 -44.54
N ARG C 79 -27.65 3.44 -44.69
CA ARG C 79 -26.95 2.47 -45.48
C ARG C 79 -27.13 1.06 -44.97
N LEU C 80 -27.04 0.86 -43.67
CA LEU C 80 -27.23 -0.52 -43.13
C LEU C 80 -28.62 -1.08 -43.48
N ALA C 81 -29.63 -0.27 -43.26
CA ALA C 81 -30.99 -0.70 -43.52
C ALA C 81 -31.14 -0.98 -45.04
N ALA C 82 -30.65 -0.08 -45.89
CA ALA C 82 -30.76 -0.33 -47.33
C ALA C 82 -30.02 -1.61 -47.72
N GLY C 83 -29.01 -2.03 -46.98
CA GLY C 83 -28.19 -3.17 -47.36
C GLY C 83 -28.75 -4.47 -46.83
N GLY C 84 -29.90 -4.43 -46.14
CA GLY C 84 -30.52 -5.64 -45.60
C GLY C 84 -30.35 -5.89 -44.10
N THR C 85 -29.66 -5.00 -43.38
CA THR C 85 -29.43 -5.22 -41.97
C THR C 85 -30.70 -4.96 -41.20
N ARG C 86 -31.04 -5.84 -40.29
CA ARG C 86 -32.35 -5.71 -39.55
C ARG C 86 -32.22 -5.56 -38.04
N LEU C 87 -31.05 -5.80 -37.51
CA LEU C 87 -30.79 -5.57 -36.10
C LEU C 87 -29.39 -4.97 -35.88
N VAL C 88 -29.31 -4.03 -34.94
CA VAL C 88 -28.07 -3.48 -34.51
C VAL C 88 -27.82 -3.88 -33.05
N ALA C 89 -26.80 -4.71 -32.84
CA ALA C 89 -26.49 -5.21 -31.55
C ALA C 89 -25.23 -4.48 -31.05
N LEU C 90 -25.40 -3.70 -29.99
CA LEU C 90 -24.30 -3.02 -29.32
C LEU C 90 -23.67 -3.93 -28.29
N ARG C 91 -22.41 -4.26 -28.46
CA ARG C 91 -21.70 -4.99 -27.50
C ARG C 91 -21.08 -4.00 -26.43
N SER C 92 -21.96 -3.23 -25.81
CA SER C 92 -21.62 -2.16 -24.91
C SER C 92 -22.84 -1.80 -24.08
N ALA C 93 -22.61 -1.05 -22.99
CA ALA C 93 -23.70 -0.52 -22.21
C ALA C 93 -24.11 0.81 -22.78
N GLY C 94 -23.13 1.61 -23.11
CA GLY C 94 -23.42 2.95 -23.67
C GLY C 94 -23.90 2.95 -25.10
N TYR C 95 -24.62 4.01 -25.47
CA TYR C 95 -25.24 4.11 -26.78
C TYR C 95 -25.32 5.52 -27.34
N ASN C 96 -24.46 6.42 -26.84
CA ASN C 96 -24.43 7.82 -27.36
C ASN C 96 -23.95 7.87 -28.78
N HIS C 97 -23.36 6.81 -29.28
CA HIS C 97 -22.91 6.77 -30.73
C HIS C 97 -24.00 6.39 -31.71
N VAL C 98 -25.20 6.13 -31.19
CA VAL C 98 -26.31 5.72 -32.05
C VAL C 98 -27.36 6.79 -32.16
N ASP C 99 -27.79 7.10 -33.37
CA ASP C 99 -28.94 8.03 -33.56
C ASP C 99 -30.22 7.25 -33.42
N LEU C 100 -30.74 7.21 -32.21
CA LEU C 100 -31.86 6.29 -31.88
C LEU C 100 -33.13 6.65 -32.58
N ALA C 101 -33.35 7.94 -32.77
CA ALA C 101 -34.61 8.38 -33.50
C ALA C 101 -34.50 7.83 -34.91
N ALA C 102 -33.32 7.95 -35.54
CA ALA C 102 -33.17 7.49 -36.92
C ALA C 102 -33.28 5.99 -37.01
N ALA C 103 -32.76 5.26 -36.03
CA ALA C 103 -32.98 3.81 -36.05
C ALA C 103 -34.47 3.48 -36.01
N GLU C 104 -35.17 4.15 -35.13
CA GLU C 104 -36.60 3.89 -34.98
C GLU C 104 -37.33 4.23 -36.27
N ALA C 105 -37.08 5.40 -36.85
CA ALA C 105 -37.71 5.72 -38.13
C ALA C 105 -37.43 4.64 -39.17
N LEU C 106 -36.29 3.97 -39.12
CA LEU C 106 -35.97 2.98 -40.12
C LEU C 106 -36.47 1.62 -39.72
N GLY C 107 -37.05 1.45 -38.56
CA GLY C 107 -37.48 0.11 -38.11
C GLY C 107 -36.35 -0.86 -37.74
N LEU C 108 -35.21 -0.29 -37.35
CA LEU C 108 -34.02 -1.01 -36.93
C LEU C 108 -33.93 -1.05 -35.39
N PRO C 109 -34.28 -2.18 -34.78
CA PRO C 109 -34.10 -2.23 -33.35
C PRO C 109 -32.62 -2.24 -32.98
N VAL C 110 -32.36 -1.66 -31.81
CA VAL C 110 -31.03 -1.53 -31.29
C VAL C 110 -31.04 -2.17 -29.93
N VAL C 111 -30.16 -3.12 -29.73
CA VAL C 111 -30.05 -3.80 -28.46
C VAL C 111 -28.68 -3.64 -27.84
N HIS C 112 -28.61 -3.77 -26.53
CA HIS C 112 -27.38 -3.51 -25.75
C HIS C 112 -27.16 -4.38 -24.54
N VAL C 113 -26.03 -4.20 -23.85
CA VAL C 113 -25.75 -4.96 -22.67
C VAL C 113 -25.58 -4.00 -21.49
N PRO C 114 -26.67 -3.73 -20.77
CA PRO C 114 -26.68 -2.63 -19.81
C PRO C 114 -25.91 -2.84 -18.54
N ALA C 115 -25.68 -4.10 -18.21
CA ALA C 115 -25.07 -4.39 -16.94
C ALA C 115 -24.25 -5.62 -16.96
N TYR C 116 -23.40 -5.72 -17.95
CA TYR C 116 -22.43 -6.82 -17.94
C TYR C 116 -21.58 -6.87 -16.70
N SER C 117 -21.11 -5.72 -16.21
CA SER C 117 -20.29 -5.71 -14.95
C SER C 117 -20.02 -4.30 -14.49
N PRO C 118 -20.95 -3.71 -13.75
CA PRO C 118 -20.73 -2.39 -13.15
C PRO C 118 -19.48 -2.41 -12.26
N HIS C 119 -19.19 -3.55 -11.69
CA HIS C 119 -18.00 -3.65 -10.82
C HIS C 119 -16.70 -3.52 -11.64
N ALA C 120 -16.64 -4.08 -12.84
CA ALA C 120 -15.45 -3.94 -13.67
C ALA C 120 -15.06 -2.44 -13.83
N VAL C 121 -16.04 -1.63 -14.12
CA VAL C 121 -15.78 -0.26 -14.48
C VAL C 121 -15.48 0.53 -13.25
N ALA C 122 -16.26 0.32 -12.18
CA ALA C 122 -16.04 1.03 -10.96
C ALA C 122 -14.68 0.74 -10.42
N GLU C 123 -14.30 -0.53 -10.43
CA GLU C 123 -12.98 -0.97 -9.92
C GLU C 123 -11.83 -0.35 -10.72
N HIS C 124 -12.01 -0.19 -12.01
CA HIS C 124 -10.98 0.45 -12.83
C HIS C 124 -10.80 1.93 -12.42
N ALA C 125 -11.92 2.62 -12.21
CA ALA C 125 -11.86 3.99 -11.71
C ALA C 125 -11.12 4.08 -10.38
N VAL C 126 -11.34 3.12 -9.49
CA VAL C 126 -10.66 3.15 -8.21
C VAL C 126 -9.15 2.84 -8.41
N GLY C 127 -8.84 1.93 -9.34
CA GLY C 127 -7.49 1.71 -9.74
C GLY C 127 -6.75 2.97 -10.26
N LEU C 128 -7.43 3.78 -11.05
CA LEU C 128 -6.83 5.01 -11.56
C LEU C 128 -6.54 5.93 -10.38
N ILE C 129 -7.51 6.01 -9.45
CA ILE C 129 -7.35 6.86 -8.27
C ILE C 129 -6.11 6.47 -7.49
N LEU C 130 -5.97 5.18 -7.21
CA LEU C 130 -4.82 4.76 -6.42
C LEU C 130 -3.48 4.87 -7.11
N THR C 131 -3.47 4.61 -8.40
CA THR C 131 -2.24 4.78 -9.17
C THR C 131 -1.78 6.24 -9.13
N LEU C 132 -2.69 7.16 -9.38
CA LEU C 132 -2.34 8.55 -9.32
C LEU C 132 -1.86 8.93 -7.91
N ASN C 133 -2.57 8.42 -6.89
CA ASN C 133 -2.37 8.88 -5.54
C ASN C 133 -0.99 8.46 -5.06
N ARG C 134 -0.72 7.18 -5.23
CA ARG C 134 0.55 6.62 -4.80
C ARG C 134 1.66 6.62 -5.86
N ARG C 135 1.36 7.25 -7.00
CA ARG C 135 2.29 7.34 -8.10
C ARG C 135 2.82 5.98 -8.49
N LEU C 136 1.94 5.00 -8.58
CA LEU C 136 2.41 3.59 -8.82
C LEU C 136 2.99 3.36 -10.22
N HIS C 137 2.47 4.09 -11.19
CA HIS C 137 2.96 4.06 -12.56
C HIS C 137 4.41 4.62 -12.63
N ARG C 138 4.71 5.63 -11.83
CA ARG C 138 6.08 6.21 -11.73
C ARG C 138 7.00 5.33 -10.91
N ALA C 139 6.48 4.79 -9.79
CA ALA C 139 7.26 3.87 -8.97
C ALA C 139 7.71 2.67 -9.72
N TYR C 140 6.78 2.11 -10.45
CA TYR C 140 7.08 0.90 -11.23
C TYR C 140 8.26 1.14 -12.13
N ASN C 141 8.21 2.19 -12.90
CA ASN C 141 9.28 2.49 -13.82
C ASN C 141 10.59 2.74 -13.09
N ARG C 142 10.55 3.36 -11.94
CA ARG C 142 11.75 3.52 -11.17
C ARG C 142 12.35 2.21 -10.70
N THR C 143 11.56 1.39 -10.01
CA THR C 143 12.17 0.20 -9.42
C THR C 143 12.65 -0.75 -10.47
N ARG C 144 11.97 -0.80 -11.60
CA ARG C 144 12.40 -1.58 -12.74
C ARG C 144 13.80 -1.34 -13.19
N GLU C 145 14.28 -0.14 -13.07
CA GLU C 145 15.61 0.18 -13.42
C GLU C 145 16.51 0.38 -12.19
N GLY C 146 16.06 -0.09 -11.03
CA GLY C 146 16.95 0.05 -9.86
C GLY C 146 16.98 1.38 -9.19
N ASP C 147 15.99 2.23 -9.51
CA ASP C 147 15.86 3.51 -8.81
C ASP C 147 14.86 3.28 -7.71
N PHE C 148 15.34 3.15 -6.48
CA PHE C 148 14.46 2.94 -5.34
C PHE C 148 14.18 4.24 -4.56
N SER C 149 14.41 5.40 -5.17
CA SER C 149 14.22 6.69 -4.47
C SER C 149 12.73 7.06 -4.51
N LEU C 150 12.30 7.81 -3.49
CA LEU C 150 10.92 8.09 -3.26
C LEU C 150 10.47 9.54 -3.46
N HIS C 151 11.37 10.43 -3.82
CA HIS C 151 10.98 11.81 -4.04
C HIS C 151 9.80 11.85 -5.05
N GLY C 152 8.83 12.69 -4.73
CA GLY C 152 7.64 12.95 -5.57
C GLY C 152 6.57 11.89 -5.45
N LEU C 153 6.77 10.83 -4.65
CA LEU C 153 5.81 9.73 -4.64
C LEU C 153 4.88 9.75 -3.42
N THR C 154 5.02 10.75 -2.57
CA THR C 154 4.17 10.83 -1.40
C THR C 154 2.73 11.02 -1.79
N GLY C 155 1.85 10.20 -1.28
CA GLY C 155 0.47 10.29 -1.61
C GLY C 155 -0.34 10.85 -0.49
N PHE C 156 -1.64 10.48 -0.47
CA PHE C 156 -2.57 10.95 0.54
C PHE C 156 -3.52 9.85 0.94
N ASP C 157 -3.92 9.84 2.19
CA ASP C 157 -4.88 8.88 2.65
C ASP C 157 -6.23 9.17 1.97
N LEU C 158 -6.85 8.12 1.44
CA LEU C 158 -8.18 8.23 0.87
C LEU C 158 -9.21 8.38 2.01
N HIS C 159 -8.97 7.67 3.12
CA HIS C 159 -9.83 7.72 4.32
C HIS C 159 -10.12 9.19 4.70
N GLY C 160 -11.38 9.55 4.81
CA GLY C 160 -11.70 10.89 5.22
C GLY C 160 -11.85 11.91 4.11
N LYS C 161 -11.36 11.62 2.91
CA LYS C 161 -11.54 12.57 1.82
C LYS C 161 -12.97 12.60 1.30
N ARG C 162 -13.29 13.72 0.68
CA ARG C 162 -14.57 13.84 0.01
C ARG C 162 -14.53 13.43 -1.46
N VAL C 163 -15.43 12.52 -1.82
CA VAL C 163 -15.45 11.95 -3.12
C VAL C 163 -16.78 12.31 -3.67
N GLY C 164 -16.77 13.02 -4.78
CA GLY C 164 -17.98 13.43 -5.45
C GLY C 164 -18.21 12.53 -6.66
N VAL C 165 -19.41 11.96 -6.73
CA VAL C 165 -19.82 11.11 -7.79
C VAL C 165 -20.90 11.80 -8.61
N ILE C 166 -20.62 12.03 -9.90
CA ILE C 166 -21.52 12.66 -10.79
C ILE C 166 -22.16 11.54 -11.63
N GLY C 167 -23.44 11.25 -11.36
CA GLY C 167 -24.10 10.10 -11.94
C GLY C 167 -24.03 8.90 -11.03
N THR C 168 -25.10 8.68 -10.28
CA THR C 168 -25.18 7.60 -9.32
C THR C 168 -26.04 6.44 -9.81
N GLY C 169 -25.75 5.96 -11.01
CA GLY C 169 -26.47 4.85 -11.60
C GLY C 169 -25.80 3.56 -11.27
N GLN C 170 -25.87 2.59 -12.19
CA GLN C 170 -25.31 1.28 -11.85
C GLN C 170 -23.83 1.35 -11.55
N ILE C 171 -23.07 2.05 -12.38
CA ILE C 171 -21.61 2.11 -12.15
C ILE C 171 -21.31 3.12 -11.03
N GLY C 172 -21.92 4.31 -11.09
CA GLY C 172 -21.63 5.36 -10.08
C GLY C 172 -21.93 4.87 -8.65
N GLU C 173 -23.01 4.12 -8.49
CA GLU C 173 -23.37 3.62 -7.17
C GLU C 173 -22.38 2.59 -6.72
N THR C 174 -21.94 1.74 -7.63
CA THR C 174 -21.00 0.68 -7.25
C THR C 174 -19.65 1.36 -6.84
N PHE C 175 -19.27 2.38 -7.60
CA PHE C 175 -18.08 3.16 -7.29
C PHE C 175 -18.25 3.80 -5.89
N ALA C 176 -19.40 4.40 -5.66
CA ALA C 176 -19.66 5.06 -4.36
C ALA C 176 -19.53 4.09 -3.17
N ARG C 177 -20.01 2.87 -3.36
CA ARG C 177 -19.94 1.86 -2.32
C ARG C 177 -18.53 1.55 -2.06
N ILE C 178 -17.74 1.34 -3.10
CA ILE C 178 -16.30 1.00 -2.87
C ILE C 178 -15.59 2.11 -2.09
N MET C 179 -15.85 3.35 -2.49
CA MET C 179 -15.17 4.45 -1.90
C MET C 179 -15.64 4.64 -0.46
N ALA C 180 -16.90 4.32 -0.18
CA ALA C 180 -17.37 4.41 1.22
C ALA C 180 -16.63 3.43 2.01
N GLY C 181 -16.29 2.28 1.44
CA GLY C 181 -15.55 1.27 2.20
C GLY C 181 -14.13 1.70 2.57
N PHE C 182 -13.57 2.73 1.89
CA PHE C 182 -12.27 3.26 2.27
C PHE C 182 -12.42 4.33 3.37
N GLY C 183 -13.67 4.58 3.77
CA GLY C 183 -14.02 5.63 4.74
C GLY C 183 -14.08 7.03 4.14
N CYS C 184 -14.36 7.15 2.85
CA CYS C 184 -14.51 8.42 2.23
C CYS C 184 -15.88 9.01 2.56
N GLU C 185 -15.98 10.31 2.43
CA GLU C 185 -17.23 10.98 2.60
C GLU C 185 -17.81 11.15 1.25
N LEU C 186 -18.98 10.60 1.01
CA LEU C 186 -19.54 10.61 -0.31
C LEU C 186 -20.48 11.77 -0.59
N LEU C 187 -20.22 12.48 -1.67
CA LEU C 187 -21.05 13.53 -2.16
C LEU C 187 -21.50 13.11 -3.57
N ALA C 188 -22.75 13.44 -3.89
CA ALA C 188 -23.42 12.88 -5.07
C ALA C 188 -24.26 13.89 -5.79
N TYR C 189 -24.26 13.81 -7.12
CA TYR C 189 -25.10 14.63 -7.92
C TYR C 189 -25.72 13.76 -9.03
N ASP C 190 -27.04 13.79 -9.12
CA ASP C 190 -27.82 13.04 -10.10
C ASP C 190 -29.20 13.68 -10.16
N PRO C 191 -29.73 13.91 -11.35
CA PRO C 191 -31.13 14.35 -11.45
C PRO C 191 -32.12 13.37 -10.78
N TYR C 192 -31.78 12.10 -10.55
CA TYR C 192 -32.65 11.18 -9.88
C TYR C 192 -31.99 10.52 -8.72
N PRO C 193 -32.05 11.16 -7.57
CA PRO C 193 -31.26 10.60 -6.49
C PRO C 193 -31.73 9.23 -6.12
N ASN C 194 -30.85 8.39 -5.60
CA ASN C 194 -31.25 7.07 -5.20
C ASN C 194 -30.90 6.63 -3.79
N PRO C 195 -31.77 5.84 -3.21
CA PRO C 195 -31.76 5.71 -1.77
C PRO C 195 -30.59 4.89 -1.27
N ARG C 196 -30.07 4.03 -2.13
CA ARG C 196 -28.92 3.24 -1.77
C ARG C 196 -27.68 4.10 -1.43
N ILE C 197 -27.52 5.21 -2.12
CA ILE C 197 -26.46 6.16 -1.90
C ILE C 197 -26.61 6.75 -0.50
N GLN C 198 -27.80 7.16 -0.16
CA GLN C 198 -28.02 7.74 1.20
C GLN C 198 -27.78 6.70 2.24
N ALA C 199 -28.20 5.46 1.99
CA ALA C 199 -27.92 4.40 2.94
C ALA C 199 -26.45 4.16 3.13
N LEU C 200 -25.63 4.47 2.14
CA LEU C 200 -24.17 4.38 2.31
C LEU C 200 -23.61 5.49 3.14
N GLY C 201 -24.41 6.50 3.45
CA GLY C 201 -23.86 7.72 4.04
C GLY C 201 -23.65 8.86 3.04
N GLY C 202 -24.04 8.71 1.79
CA GLY C 202 -23.80 9.75 0.81
C GLY C 202 -24.78 10.90 0.98
N ARG C 203 -24.35 12.08 0.62
CA ARG C 203 -25.21 13.22 0.64
C ARG C 203 -25.35 13.81 -0.77
N TYR C 204 -26.57 13.97 -1.26
CA TYR C 204 -26.79 14.61 -2.57
C TYR C 204 -26.69 16.12 -2.44
N LEU C 205 -26.18 16.76 -3.47
CA LEU C 205 -26.11 18.20 -3.51
C LEU C 205 -26.03 18.64 -4.97
N ALA C 206 -26.05 19.96 -5.17
CA ALA C 206 -26.02 20.52 -6.50
C ALA C 206 -24.62 20.34 -7.11
N LEU C 207 -24.56 20.35 -8.42
CA LEU C 207 -23.34 20.12 -9.14
C LEU C 207 -22.20 21.05 -8.73
N ASP C 208 -22.49 22.34 -8.63
CA ASP C 208 -21.44 23.30 -8.30
C ASP C 208 -20.91 23.14 -6.90
N ALA C 209 -21.79 22.77 -5.99
CA ALA C 209 -21.36 22.54 -4.62
C ALA C 209 -20.50 21.25 -4.54
N LEU C 210 -20.91 20.21 -5.25
CA LEU C 210 -20.13 18.98 -5.33
C LEU C 210 -18.71 19.28 -5.86
N LEU C 211 -18.62 20.02 -6.95
CA LEU C 211 -17.34 20.38 -7.49
C LEU C 211 -16.52 21.20 -6.51
N ALA C 212 -17.18 22.16 -5.81
CA ALA C 212 -16.38 23.00 -4.93
C ALA C 212 -15.93 22.24 -3.70
N GLU C 213 -16.65 21.22 -3.30
CA GLU C 213 -16.30 20.58 -2.01
C GLU C 213 -15.50 19.27 -2.13
N SER C 214 -15.40 18.67 -3.33
CA SER C 214 -14.83 17.35 -3.47
C SER C 214 -13.31 17.40 -3.56
N ASP C 215 -12.65 16.43 -2.94
CA ASP C 215 -11.22 16.23 -3.16
C ASP C 215 -10.99 15.38 -4.42
N ILE C 216 -11.93 14.46 -4.72
CA ILE C 216 -11.85 13.56 -5.88
C ILE C 216 -13.22 13.61 -6.51
N VAL C 217 -13.27 13.79 -7.82
CA VAL C 217 -14.46 13.74 -8.56
C VAL C 217 -14.41 12.66 -9.62
N SER C 218 -15.49 11.86 -9.75
CA SER C 218 -15.54 10.76 -10.73
C SER C 218 -16.83 10.86 -11.51
N LEU C 219 -16.70 10.85 -12.84
CA LEU C 219 -17.82 10.95 -13.80
C LEU C 219 -18.40 9.58 -14.21
N HIS C 220 -19.68 9.40 -13.97
CA HIS C 220 -20.40 8.16 -14.29
C HIS C 220 -21.78 8.40 -14.88
N CYS C 221 -21.97 9.59 -15.45
CA CYS C 221 -23.21 9.91 -16.14
C CYS C 221 -22.99 9.57 -17.64
N PRO C 222 -24.06 9.25 -18.37
CA PRO C 222 -23.94 9.11 -19.78
C PRO C 222 -23.66 10.40 -20.51
N LEU C 223 -23.18 10.26 -21.74
CA LEU C 223 -22.98 11.38 -22.63
C LEU C 223 -24.33 11.67 -23.32
N THR C 224 -24.87 12.85 -23.09
CA THR C 224 -26.08 13.38 -23.74
C THR C 224 -25.77 14.84 -24.04
N ALA C 225 -26.71 15.53 -24.69
CA ALA C 225 -26.53 16.96 -25.02
C ALA C 225 -26.36 17.73 -23.73
N ASP C 226 -26.91 17.26 -22.61
CA ASP C 226 -26.77 17.98 -21.36
C ASP C 226 -25.48 17.73 -20.64
N THR C 227 -24.74 16.64 -20.92
CA THR C 227 -23.52 16.34 -20.16
C THR C 227 -22.31 16.64 -20.97
N ARG C 228 -22.51 16.99 -22.23
CA ARG C 228 -21.39 17.31 -23.09
C ARG C 228 -20.59 18.51 -22.60
N HIS C 229 -19.30 18.31 -22.40
CA HIS C 229 -18.44 19.35 -21.80
C HIS C 229 -18.94 19.83 -20.45
N LEU C 230 -19.53 18.93 -19.69
CA LEU C 230 -19.90 19.23 -18.35
C LEU C 230 -18.70 19.79 -17.60
N ILE C 231 -17.53 19.19 -17.73
CA ILE C 231 -16.35 19.72 -17.07
C ILE C 231 -15.61 20.61 -18.07
N ASP C 232 -15.82 21.91 -17.92
CA ASP C 232 -15.23 22.92 -18.78
C ASP C 232 -14.36 23.86 -17.97
N ALA C 233 -13.83 24.90 -18.61
CA ALA C 233 -12.88 25.81 -17.90
C ALA C 233 -13.47 26.42 -16.64
N GLN C 234 -14.70 26.89 -16.78
CA GLN C 234 -15.40 27.52 -15.67
C GLN C 234 -15.66 26.57 -14.51
N ARG C 235 -16.10 25.36 -14.82
CA ARG C 235 -16.30 24.42 -13.73
C ARG C 235 -14.97 23.95 -13.09
N LEU C 236 -13.91 23.78 -13.88
CA LEU C 236 -12.57 23.42 -13.29
C LEU C 236 -12.12 24.48 -12.34
N ALA C 237 -12.40 25.74 -12.66
CA ALA C 237 -11.95 26.84 -11.80
C ALA C 237 -12.65 26.84 -10.44
N THR C 238 -13.78 26.21 -10.33
CA THR C 238 -14.50 26.22 -9.07
C THR C 238 -14.09 25.06 -8.20
N MET C 239 -13.36 24.13 -8.77
CA MET C 239 -12.98 22.94 -8.02
C MET C 239 -11.97 23.32 -6.98
N LYS C 240 -11.80 22.49 -6.00
CA LYS C 240 -10.77 22.63 -5.02
C LYS C 240 -9.39 22.56 -5.65
N PRO C 241 -8.48 23.43 -5.26
CA PRO C 241 -7.14 23.37 -5.81
C PRO C 241 -6.38 22.11 -5.47
N GLY C 242 -5.81 21.48 -6.47
CA GLY C 242 -5.13 20.19 -6.32
C GLY C 242 -6.06 19.00 -6.35
N ALA C 243 -7.33 19.18 -6.70
CA ALA C 243 -8.25 18.04 -6.72
C ALA C 243 -7.91 16.99 -7.80
N MET C 244 -8.52 15.81 -7.67
CA MET C 244 -8.32 14.72 -8.61
C MET C 244 -9.63 14.53 -9.37
N LEU C 245 -9.54 14.44 -10.70
CA LEU C 245 -10.69 14.18 -11.57
C LEU C 245 -10.47 12.86 -12.31
N ILE C 246 -11.49 12.01 -12.30
CA ILE C 246 -11.48 10.71 -12.92
C ILE C 246 -12.61 10.68 -13.96
N ASN C 247 -12.27 10.30 -15.18
CA ASN C 247 -13.28 10.15 -16.26
C ASN C 247 -13.22 8.79 -16.89
N THR C 248 -14.09 7.89 -16.41
CA THR C 248 -14.32 6.58 -17.05
C THR C 248 -15.70 6.53 -17.73
N GLY C 249 -16.24 7.70 -18.04
CA GLY C 249 -17.52 7.82 -18.67
C GLY C 249 -17.37 7.87 -20.18
N ARG C 250 -17.33 9.09 -20.73
CA ARG C 250 -17.09 9.32 -22.13
C ARG C 250 -16.18 10.52 -22.29
N GLY C 251 -15.41 10.53 -23.35
CA GLY C 251 -14.47 11.59 -23.64
C GLY C 251 -15.10 12.96 -23.68
N ALA C 252 -16.28 13.05 -24.26
CA ALA C 252 -16.87 14.38 -24.47
C ALA C 252 -17.54 14.95 -23.23
N LEU C 253 -17.47 14.27 -22.10
CA LEU C 253 -17.92 14.86 -20.86
C LEU C 253 -17.01 15.94 -20.40
N VAL C 254 -15.77 15.95 -20.90
CA VAL C 254 -14.85 16.97 -20.48
C VAL C 254 -14.29 17.79 -21.68
N ASN C 255 -13.83 18.98 -21.42
CA ASN C 255 -13.05 19.70 -22.40
C ASN C 255 -11.56 19.54 -22.07
N ALA C 256 -10.90 18.65 -22.81
CA ALA C 256 -9.53 18.31 -22.48
C ALA C 256 -8.55 19.46 -22.60
N ALA C 257 -8.78 20.42 -23.50
CA ALA C 257 -7.88 21.60 -23.57
C ALA C 257 -7.95 22.39 -22.29
N ALA C 258 -9.12 22.45 -21.66
CA ALA C 258 -9.19 23.16 -20.41
C ALA C 258 -8.51 22.38 -19.29
N LEU C 259 -8.57 21.04 -19.35
CA LEU C 259 -7.86 20.22 -18.36
C LEU C 259 -6.37 20.55 -18.42
N ILE C 260 -5.82 20.70 -19.62
CA ILE C 260 -4.39 20.95 -19.75
C ILE C 260 -4.02 22.19 -18.97
N GLU C 261 -4.80 23.25 -19.15
CA GLU C 261 -4.43 24.54 -18.49
C GLU C 261 -4.52 24.42 -16.97
N ALA C 262 -5.49 23.70 -16.49
CA ALA C 262 -5.66 23.52 -15.06
C ALA C 262 -4.58 22.61 -14.50
N LEU C 263 -4.14 21.65 -15.29
CA LEU C 263 -2.98 20.84 -14.84
C LEU C 263 -1.71 21.69 -14.76
N LYS C 264 -1.50 22.54 -15.77
CA LYS C 264 -0.26 23.34 -15.78
C LYS C 264 -0.24 24.28 -14.63
N SER C 265 -1.37 24.87 -14.29
CA SER C 265 -1.38 25.83 -13.17
C SER C 265 -1.33 25.12 -11.84
N GLY C 266 -1.61 23.82 -11.75
CA GLY C 266 -1.72 23.15 -10.44
C GLY C 266 -3.14 23.16 -9.87
N GLN C 267 -4.05 23.91 -10.49
CA GLN C 267 -5.45 23.92 -10.08
C GLN C 267 -6.06 22.52 -10.05
N LEU C 268 -5.78 21.75 -11.11
CA LEU C 268 -6.12 20.34 -11.09
C LEU C 268 -4.84 19.57 -10.68
N GLY C 269 -4.94 18.83 -9.60
CA GLY C 269 -3.83 18.06 -9.07
C GLY C 269 -3.57 16.73 -9.79
N TYR C 270 -4.60 16.10 -10.29
CA TYR C 270 -4.49 14.77 -10.88
C TYR C 270 -5.59 14.55 -11.89
N LEU C 271 -5.29 13.71 -12.88
CA LEU C 271 -6.29 13.33 -13.88
C LEU C 271 -6.11 11.92 -14.30
N GLY C 272 -7.19 11.14 -14.17
CA GLY C 272 -7.23 9.80 -14.67
C GLY C 272 -8.27 9.65 -15.75
N LEU C 273 -7.86 9.25 -16.95
CA LEU C 273 -8.79 9.09 -18.05
C LEU C 273 -8.77 7.70 -18.58
N ASP C 274 -9.96 7.14 -18.80
CA ASP C 274 -10.10 5.90 -19.58
C ASP C 274 -10.75 6.17 -20.93
N VAL C 275 -11.11 7.43 -21.21
CA VAL C 275 -11.78 7.85 -22.36
C VAL C 275 -11.29 9.19 -22.78
N TYR C 276 -11.47 9.47 -24.06
CA TYR C 276 -10.98 10.72 -24.65
C TYR C 276 -11.89 11.09 -25.83
N GLU C 277 -12.17 12.38 -25.95
CA GLU C 277 -13.15 12.86 -26.90
C GLU C 277 -12.92 12.47 -28.34
N GLU C 278 -11.67 12.51 -28.76
CA GLU C 278 -11.31 12.15 -30.14
C GLU C 278 -10.73 10.78 -30.15
N GLU C 279 -11.16 9.88 -29.27
CA GLU C 279 -10.50 8.59 -29.24
C GLU C 279 -10.83 7.72 -30.45
N ALA C 280 -11.93 7.99 -31.14
CA ALA C 280 -12.55 6.92 -32.01
C ALA C 280 -11.63 6.28 -33.01
N ASP C 281 -10.80 7.10 -33.64
CA ASP C 281 -9.81 6.63 -34.61
C ASP C 281 -8.43 6.39 -34.09
N ILE C 282 -8.23 6.44 -32.78
CA ILE C 282 -6.90 6.35 -32.09
C ILE C 282 -6.92 5.06 -31.22
N PHE C 283 -7.87 4.95 -30.30
CA PHE C 283 -7.87 3.86 -29.36
C PHE C 283 -8.09 2.48 -29.96
N PHE C 284 -7.64 1.50 -29.21
CA PHE C 284 -7.70 0.09 -29.52
C PHE C 284 -6.63 -0.37 -30.52
N GLU C 285 -5.87 0.53 -31.07
CA GLU C 285 -4.83 0.08 -31.95
C GLU C 285 -3.45 0.57 -31.49
N ASP C 286 -2.41 -0.14 -31.86
CA ASP C 286 -1.06 0.28 -31.55
C ASP C 286 -0.65 1.29 -32.57
N ARG C 287 -0.56 2.55 -32.21
CA ARG C 287 -0.13 3.60 -33.15
C ARG C 287 1.21 4.13 -32.79
N SER C 288 1.99 3.32 -32.11
CA SER C 288 3.24 3.85 -31.55
C SER C 288 4.26 4.14 -32.65
N ASP C 289 4.11 3.56 -33.83
CA ASP C 289 5.09 3.71 -34.90
C ASP C 289 4.97 5.07 -35.62
N GLN C 290 3.90 5.81 -35.46
CA GLN C 290 3.71 7.08 -36.13
C GLN C 290 3.53 8.20 -35.16
N PRO C 291 3.82 9.41 -35.58
CA PRO C 291 3.48 10.55 -34.76
C PRO C 291 2.01 10.57 -34.40
N LEU C 292 1.71 10.95 -33.19
CA LEU C 292 0.36 11.20 -32.78
C LEU C 292 -0.10 12.56 -33.24
N GLN C 293 -1.20 12.63 -34.01
CA GLN C 293 -1.65 13.92 -34.62
C GLN C 293 -2.29 14.80 -33.60
N ASP C 294 -2.93 14.22 -32.63
CA ASP C 294 -3.78 15.00 -31.69
C ASP C 294 -2.95 15.72 -30.61
N ASP C 295 -2.83 17.04 -30.75
CA ASP C 295 -2.01 17.85 -29.88
C ASP C 295 -2.41 17.80 -28.42
N VAL C 296 -3.71 17.76 -28.21
CA VAL C 296 -4.24 17.83 -26.87
C VAL C 296 -3.96 16.49 -26.16
N LEU C 297 -4.21 15.37 -26.83
CA LEU C 297 -3.91 14.06 -26.18
C LEU C 297 -2.44 13.93 -25.93
N ALA C 298 -1.62 14.34 -26.90
CA ALA C 298 -0.12 14.27 -26.70
C ALA C 298 0.32 15.05 -25.47
N ARG C 299 -0.25 16.22 -25.30
CA ARG C 299 0.09 17.04 -24.14
C ARG C 299 -0.42 16.39 -22.81
N LEU C 300 -1.63 15.85 -22.82
CA LEU C 300 -2.12 15.17 -21.64
C LEU C 300 -1.20 14.03 -21.24
N LEU C 301 -0.75 13.25 -22.23
CA LEU C 301 0.17 12.18 -22.01
C LEU C 301 1.53 12.58 -21.44
N SER C 302 1.90 13.85 -21.57
CA SER C 302 3.19 14.33 -21.08
C SER C 302 3.30 14.51 -19.56
N PHE C 303 2.18 14.58 -18.88
CA PHE C 303 2.20 14.95 -17.44
C PHE C 303 2.46 13.78 -16.47
N PRO C 304 3.17 14.04 -15.38
CA PRO C 304 3.48 13.00 -14.37
C PRO C 304 2.29 12.66 -13.49
N ASN C 305 1.29 13.52 -13.48
CA ASN C 305 0.11 13.39 -12.65
C ASN C 305 -1.18 13.17 -13.52
N VAL C 306 -0.98 12.61 -14.68
CA VAL C 306 -2.07 12.21 -15.57
C VAL C 306 -1.82 10.73 -15.99
N VAL C 307 -2.86 9.91 -15.88
CA VAL C 307 -2.82 8.51 -16.38
C VAL C 307 -3.98 8.34 -17.32
N VAL C 308 -3.66 7.84 -18.50
CA VAL C 308 -4.62 7.48 -19.52
C VAL C 308 -4.56 5.98 -19.81
N THR C 309 -5.68 5.34 -19.65
CA THR C 309 -5.81 4.00 -20.12
C THR C 309 -6.73 4.05 -21.31
N ALA C 310 -6.51 3.14 -22.24
CA ALA C 310 -7.19 3.23 -23.56
C ALA C 310 -8.57 2.52 -23.58
N HIS C 311 -9.50 3.05 -22.76
CA HIS C 311 -10.88 2.60 -22.72
C HIS C 311 -10.95 1.14 -22.41
N GLN C 312 -10.28 0.79 -21.32
CA GLN C 312 -10.23 -0.59 -20.86
C GLN C 312 -10.97 -0.81 -19.52
N ALA C 313 -11.77 0.17 -19.10
CA ALA C 313 -12.50 -0.05 -17.86
C ALA C 313 -13.43 -1.27 -17.89
N PHE C 314 -13.96 -1.58 -19.05
CA PHE C 314 -14.88 -2.72 -19.24
C PHE C 314 -14.11 -4.02 -19.35
N LEU C 315 -12.78 -3.97 -19.39
CA LEU C 315 -12.02 -5.14 -19.84
C LEU C 315 -11.58 -6.06 -18.71
N THR C 316 -12.51 -6.86 -18.21
CA THR C 316 -12.20 -7.99 -17.36
C THR C 316 -12.82 -9.32 -17.93
N ARG C 317 -12.31 -10.48 -17.50
CA ARG C 317 -12.79 -11.77 -17.99
C ARG C 317 -14.31 -11.85 -17.84
N GLU C 318 -14.83 -11.43 -16.69
CA GLU C 318 -16.22 -11.62 -16.39
C GLU C 318 -17.02 -10.66 -17.21
N ALA C 319 -16.52 -9.41 -17.37
CA ALA C 319 -17.23 -8.46 -18.18
C ALA C 319 -17.37 -8.99 -19.63
N LEU C 320 -16.28 -9.47 -20.21
CA LEU C 320 -16.27 -9.90 -21.60
C LEU C 320 -17.22 -11.08 -21.81
N ALA C 321 -17.22 -12.03 -20.86
CA ALA C 321 -18.05 -13.21 -21.00
C ALA C 321 -19.50 -12.79 -20.96
N ALA C 322 -19.84 -11.84 -20.06
CA ALA C 322 -21.21 -11.41 -19.98
C ALA C 322 -21.60 -10.65 -21.22
N ILE C 323 -20.71 -9.85 -21.75
CA ILE C 323 -21.02 -9.09 -22.93
C ILE C 323 -21.35 -10.06 -24.11
N ALA C 324 -20.51 -11.06 -24.30
CA ALA C 324 -20.68 -12.01 -25.38
C ALA C 324 -21.97 -12.83 -25.15
N ASP C 325 -22.16 -13.37 -23.96
CA ASP C 325 -23.37 -14.14 -23.71
C ASP C 325 -24.60 -13.35 -23.88
N THR C 326 -24.64 -12.14 -23.30
CA THR C 326 -25.86 -11.36 -23.40
C THR C 326 -26.09 -10.90 -24.82
N THR C 327 -25.05 -10.55 -25.52
CA THR C 327 -25.21 -10.09 -26.91
C THR C 327 -25.75 -11.21 -27.84
N LEU C 328 -25.19 -12.40 -27.75
CA LEU C 328 -25.70 -13.54 -28.48
C LEU C 328 -27.13 -13.89 -28.06
N ASP C 329 -27.43 -13.82 -26.79
CA ASP C 329 -28.83 -14.02 -26.35
C ASP C 329 -29.73 -12.95 -26.84
N ASN C 330 -29.25 -11.70 -26.89
CA ASN C 330 -30.11 -10.64 -27.39
C ASN C 330 -30.55 -10.96 -28.86
N ILE C 331 -29.60 -11.46 -29.62
CA ILE C 331 -29.83 -11.71 -31.02
C ILE C 331 -30.78 -12.91 -31.16
N ALA C 332 -30.58 -13.95 -30.36
CA ALA C 332 -31.55 -15.10 -30.32
C ALA C 332 -32.96 -14.67 -29.90
N ALA C 333 -33.06 -13.79 -28.92
CA ALA C 333 -34.35 -13.27 -28.52
C ALA C 333 -35.03 -12.51 -29.66
N TRP C 334 -34.27 -11.75 -30.40
CA TRP C 334 -34.82 -10.98 -31.49
C TRP C 334 -35.34 -11.90 -32.56
N GLN C 335 -34.62 -12.96 -32.81
CA GLN C 335 -34.99 -13.85 -33.84
C GLN C 335 -36.12 -14.80 -33.43
N ASP C 336 -36.55 -14.68 -32.18
CA ASP C 336 -37.71 -15.35 -31.67
C ASP C 336 -38.82 -14.35 -31.49
N GLY C 337 -38.66 -13.13 -31.97
CA GLY C 337 -39.76 -12.20 -31.92
C GLY C 337 -40.05 -11.65 -30.55
N THR C 338 -39.16 -11.89 -29.59
CA THR C 338 -39.31 -11.26 -28.28
C THR C 338 -37.98 -10.52 -27.94
N PRO C 339 -37.72 -9.42 -28.59
CA PRO C 339 -36.50 -8.70 -28.28
C PRO C 339 -36.38 -8.20 -26.85
N ARG C 340 -35.19 -8.33 -26.31
CA ARG C 340 -34.86 -7.78 -25.01
C ARG C 340 -33.60 -6.90 -25.09
N ASN C 341 -33.40 -6.14 -24.01
CA ASN C 341 -32.39 -5.17 -23.89
C ASN C 341 -32.37 -4.19 -25.01
N ARG C 342 -33.55 -3.77 -25.45
CA ARG C 342 -33.62 -2.75 -26.44
C ARG C 342 -33.32 -1.42 -25.86
N VAL C 343 -32.74 -0.54 -26.66
CA VAL C 343 -32.63 0.85 -26.29
C VAL C 343 -33.61 1.63 -27.15
N ARG C 344 -34.28 2.62 -26.58
CA ARG C 344 -35.24 3.38 -27.39
C ARG C 344 -35.02 4.87 -27.39
N ALA C 345 -35.55 5.51 -28.44
CA ALA C 345 -35.42 6.97 -28.57
C ALA C 345 -36.10 7.71 -27.39
N HIS D 16 16.44 22.85 23.57
CA HIS D 16 17.12 21.93 24.48
C HIS D 16 17.55 20.64 23.80
N MET D 17 16.89 19.54 24.11
CA MET D 17 17.09 18.23 23.52
C MET D 17 17.60 18.14 22.06
N ARG D 18 18.64 17.35 21.83
CA ARG D 18 19.22 17.11 20.52
C ARG D 18 18.93 15.73 19.97
N ILE D 19 18.43 15.66 18.75
CA ILE D 19 18.02 14.38 18.13
C ILE D 19 18.76 14.16 16.84
N LEU D 20 19.43 13.02 16.72
CA LEU D 20 20.07 12.66 15.49
C LEU D 20 19.22 11.62 14.76
N PHE D 21 18.84 11.94 13.56
CA PHE D 21 18.09 11.06 12.68
C PHE D 21 19.05 10.35 11.73
N PHE D 22 19.04 9.03 11.69
CA PHE D 22 19.74 8.27 10.60
C PHE D 22 18.80 7.97 9.42
N SER D 23 19.41 7.62 8.28
CA SER D 23 18.68 7.27 7.06
C SER D 23 17.69 8.36 6.66
N SER D 24 18.06 9.62 6.86
CA SER D 24 17.16 10.72 6.64
C SER D 24 16.95 10.95 5.18
N GLN D 25 15.72 11.21 4.81
CA GLN D 25 15.39 11.68 3.45
C GLN D 25 14.75 13.07 3.58
N ALA D 26 14.62 13.72 2.46
CA ALA D 26 14.00 15.03 2.43
C ALA D 26 12.57 15.03 2.98
N TYR D 27 11.78 14.00 2.73
CA TYR D 27 10.46 13.92 3.30
C TYR D 27 10.51 13.78 4.81
N ASP D 28 11.56 13.20 5.32
CA ASP D 28 11.70 13.09 6.77
C ASP D 28 12.02 14.46 7.41
N SER D 29 12.96 15.19 6.83
CA SER D 29 13.26 16.47 7.42
C SER D 29 12.14 17.47 7.28
N GLU D 30 11.47 17.43 6.13
CA GLU D 30 10.33 18.37 5.98
C GLU D 30 9.28 18.11 6.99
N SER D 31 8.87 16.85 7.14
CA SER D 31 7.75 16.57 8.04
C SER D 31 8.16 16.84 9.52
N PHE D 32 9.35 16.40 9.92
CA PHE D 32 9.78 16.61 11.27
C PHE D 32 10.00 18.09 11.58
N GLN D 33 10.56 18.87 10.65
CA GLN D 33 10.69 20.34 10.84
C GLN D 33 9.36 21.00 10.98
N ALA D 34 8.33 20.57 10.23
CA ALA D 34 7.00 21.16 10.42
C ALA D 34 6.43 20.84 11.80
N SER D 35 6.52 19.60 12.21
CA SER D 35 6.00 19.20 13.49
C SER D 35 6.79 19.82 14.70
N ASN D 36 8.10 20.08 14.50
CA ASN D 36 8.94 20.64 15.55
C ASN D 36 8.65 22.12 15.89
N HIS D 37 7.80 22.79 15.12
CA HIS D 37 7.37 24.14 15.52
C HIS D 37 6.66 24.07 16.86
N ARG D 38 6.17 22.92 17.24
CA ARG D 38 5.51 22.69 18.50
C ARG D 38 6.41 22.26 19.65
N HIS D 39 7.71 22.17 19.40
CA HIS D 39 8.65 21.57 20.35
C HIS D 39 9.96 22.29 20.49
N GLY D 40 10.55 22.74 19.40
CA GLY D 40 11.82 23.43 19.43
C GLY D 40 12.98 22.51 19.77
N PHE D 41 12.86 21.20 19.61
CA PHE D 41 14.04 20.33 19.69
C PHE D 41 15.06 20.74 18.64
N GLU D 42 16.29 20.32 18.84
CA GLU D 42 17.34 20.61 17.88
C GLU D 42 17.54 19.32 17.06
N LEU D 43 17.30 19.44 15.78
CA LEU D 43 17.14 18.24 14.90
C LEU D 43 18.32 18.15 14.04
N HIS D 44 18.98 17.01 14.01
CA HIS D 44 20.09 16.84 13.06
C HIS D 44 19.78 15.67 12.15
N PHE D 45 19.89 15.87 10.86
CA PHE D 45 19.56 14.82 9.89
C PHE D 45 20.79 14.27 9.22
N GLN D 46 21.03 13.00 9.40
CA GLN D 46 22.08 12.37 8.75
C GLN D 46 21.49 11.40 7.73
N GLN D 47 22.08 11.37 6.54
CA GLN D 47 21.64 10.48 5.47
C GLN D 47 22.06 9.06 5.59
N ALA D 48 23.21 8.82 6.15
CA ALA D 48 23.70 7.49 6.21
C ALA D 48 22.78 6.58 7.07
N HIS D 49 22.78 5.31 6.73
CA HIS D 49 22.16 4.26 7.53
C HIS D 49 22.93 4.11 8.79
N LEU D 50 22.20 3.86 9.86
CA LEU D 50 22.81 3.43 11.10
C LEU D 50 23.34 1.99 10.97
N GLN D 51 24.61 1.81 11.29
CA GLN D 51 25.26 0.49 11.41
C GLN D 51 26.56 0.69 12.21
N ALA D 52 27.27 -0.40 12.44
CA ALA D 52 28.40 -0.40 13.38
C ALA D 52 29.38 0.76 13.04
N ASP D 53 29.64 0.94 11.77
CA ASP D 53 30.56 1.97 11.32
C ASP D 53 30.00 3.37 11.13
N THR D 54 28.73 3.60 11.37
CA THR D 54 28.22 4.95 11.42
C THR D 54 27.74 5.41 12.78
N ALA D 55 27.72 4.50 13.76
CA ALA D 55 27.14 4.81 15.04
C ALA D 55 27.88 5.92 15.73
N VAL D 56 29.19 6.02 15.44
CA VAL D 56 30.00 7.13 15.96
C VAL D 56 29.41 8.52 15.68
N LEU D 57 28.65 8.67 14.60
CA LEU D 57 28.00 9.92 14.36
C LEU D 57 27.01 10.34 15.46
N ALA D 58 26.53 9.41 16.26
CA ALA D 58 25.58 9.69 17.32
C ALA D 58 26.23 9.92 18.66
N GLN D 59 27.55 9.96 18.69
CA GLN D 59 28.29 10.33 19.88
C GLN D 59 27.79 11.60 20.49
N GLY D 60 27.46 11.57 21.77
CA GLY D 60 26.93 12.76 22.45
C GLY D 60 25.47 13.10 22.16
N PHE D 61 24.75 12.30 21.37
CA PHE D 61 23.30 12.59 21.13
C PHE D 61 22.48 11.75 22.05
N GLU D 62 21.68 12.41 22.84
CA GLU D 62 20.87 11.70 23.82
C GLU D 62 19.78 10.85 23.16
N VAL D 63 19.24 11.36 22.06
CA VAL D 63 18.19 10.70 21.33
C VAL D 63 18.64 10.41 19.87
N VAL D 64 18.40 9.18 19.46
CA VAL D 64 18.61 8.78 18.11
C VAL D 64 17.27 8.35 17.53
N CYS D 65 16.96 8.87 16.33
CA CYS D 65 15.73 8.51 15.61
C CYS D 65 16.09 7.67 14.39
N ALA D 66 15.62 6.42 14.39
CA ALA D 66 15.97 5.42 13.40
C ALA D 66 14.72 4.96 12.61
N PHE D 67 14.98 4.48 11.41
CA PHE D 67 13.99 3.96 10.53
C PHE D 67 14.22 2.44 10.29
N VAL D 68 13.35 1.82 9.49
CA VAL D 68 13.18 0.39 9.45
C VAL D 68 14.37 -0.38 8.85
N ASN D 69 15.24 0.28 8.12
N ASN D 69 15.22 0.38 8.14
CA ASN D 69 16.35 -0.47 7.64
CA ASN D 69 16.44 0.02 7.48
C ASN D 69 17.65 0.01 8.38
C ASN D 69 17.66 0.16 8.33
N ASP D 70 17.53 0.71 9.52
CA ASP D 70 18.69 0.96 10.37
C ASP D 70 18.96 -0.26 11.18
N ASP D 71 20.23 -0.52 11.44
CA ASP D 71 20.64 -1.68 12.16
C ASP D 71 20.72 -1.37 13.65
N LEU D 72 19.76 -1.89 14.42
CA LEU D 72 19.75 -1.72 15.87
C LEU D 72 19.93 -3.05 16.55
N SER D 73 20.81 -3.85 15.98
CA SER D 73 21.27 -5.08 16.65
C SER D 73 22.16 -4.70 17.87
N ARG D 74 22.44 -5.70 18.68
CA ARG D 74 23.21 -5.53 19.90
C ARG D 74 24.50 -4.70 19.78
N PRO D 75 25.37 -4.99 18.83
CA PRO D 75 26.62 -4.25 18.80
C PRO D 75 26.38 -2.78 18.50
N VAL D 76 25.34 -2.46 17.75
CA VAL D 76 25.06 -1.05 17.50
C VAL D 76 24.52 -0.37 18.75
N LEU D 77 23.62 -1.05 19.43
CA LEU D 77 23.02 -0.50 20.63
C LEU D 77 24.09 -0.26 21.68
N GLU D 78 25.05 -1.15 21.74
CA GLU D 78 26.18 -0.99 22.71
C GLU D 78 27.00 0.24 22.44
N ARG D 79 27.36 0.44 21.20
CA ARG D 79 28.00 1.68 20.78
C ARG D 79 27.21 2.91 21.10
N LEU D 80 25.93 2.91 20.82
CA LEU D 80 25.07 4.09 21.11
C LEU D 80 25.03 4.42 22.59
N ALA D 81 24.82 3.40 23.40
CA ALA D 81 24.76 3.57 24.84
C ALA D 81 26.13 4.08 25.30
N ALA D 82 27.21 3.44 24.86
CA ALA D 82 28.53 3.90 25.33
C ALA D 82 28.78 5.37 24.87
N GLY D 83 28.17 5.82 23.77
CA GLY D 83 28.42 7.19 23.26
C GLY D 83 27.56 8.24 23.94
N GLY D 84 26.72 7.83 24.89
CA GLY D 84 25.82 8.77 25.57
C GLY D 84 24.33 8.77 25.13
N THR D 85 23.94 7.92 24.19
CA THR D 85 22.54 7.91 23.73
C THR D 85 21.64 7.24 24.78
N ARG D 86 20.52 7.87 25.09
CA ARG D 86 19.67 7.38 26.18
C ARG D 86 18.26 6.98 25.73
N LEU D 87 17.89 7.32 24.49
CA LEU D 87 16.62 6.92 23.93
C LEU D 87 16.75 6.58 22.49
N VAL D 88 16.06 5.53 22.09
CA VAL D 88 15.95 5.16 20.71
C VAL D 88 14.56 5.34 20.27
N ALA D 89 14.35 6.27 19.34
CA ALA D 89 13.02 6.60 18.87
C ALA D 89 12.86 6.06 17.41
N LEU D 90 11.99 5.06 17.26
CA LEU D 90 11.69 4.48 15.93
C LEU D 90 10.61 5.32 15.28
N ARG D 91 10.90 5.91 14.13
CA ARG D 91 9.89 6.60 13.37
C ARG D 91 9.16 5.60 12.46
N SER D 92 8.66 4.53 13.06
CA SER D 92 8.07 3.42 12.37
C SER D 92 7.11 2.66 13.29
N ALA D 93 6.31 1.79 12.72
CA ALA D 93 5.51 0.90 13.57
C ALA D 93 6.25 -0.34 13.90
N GLY D 94 6.93 -0.86 12.91
CA GLY D 94 7.66 -2.10 13.06
C GLY D 94 8.95 -1.95 13.80
N TYR D 95 9.42 -3.05 14.37
CA TYR D 95 10.61 -3.02 15.22
C TYR D 95 11.47 -4.30 15.18
N ASN D 96 11.29 -5.10 14.12
CA ASN D 96 12.04 -6.37 13.99
C ASN D 96 13.53 -6.10 13.77
N HIS D 97 13.91 -4.89 13.39
CA HIS D 97 15.34 -4.52 13.25
C HIS D 97 16.06 -4.16 14.59
N VAL D 98 15.32 -4.19 15.70
CA VAL D 98 15.87 -3.82 17.00
C VAL D 98 16.10 -5.08 17.87
N ASP D 99 17.26 -5.23 18.47
CA ASP D 99 17.44 -6.30 19.46
C ASP D 99 16.91 -5.77 20.76
N LEU D 100 15.64 -6.05 21.01
CA LEU D 100 14.96 -5.48 22.17
C LEU D 100 15.51 -5.95 23.54
N ALA D 101 15.92 -7.21 23.60
CA ALA D 101 16.51 -7.74 24.85
C ALA D 101 17.80 -6.98 25.16
N ALA D 102 18.63 -6.76 24.13
CA ALA D 102 19.83 -6.02 24.32
C ALA D 102 19.54 -4.56 24.73
N ALA D 103 18.53 -3.95 24.14
CA ALA D 103 18.21 -2.57 24.56
C ALA D 103 17.84 -2.53 26.04
N GLU D 104 17.04 -3.49 26.44
CA GLU D 104 16.63 -3.57 27.85
C GLU D 104 17.86 -3.80 28.74
N ALA D 105 18.73 -4.74 28.42
CA ALA D 105 19.92 -4.96 29.19
C ALA D 105 20.75 -3.69 29.30
N LEU D 106 20.77 -2.84 28.30
CA LEU D 106 21.50 -1.62 28.38
C LEU D 106 20.72 -0.48 29.00
N GLY D 107 19.49 -0.67 29.43
CA GLY D 107 18.70 0.44 29.95
C GLY D 107 18.32 1.53 28.95
N LEU D 108 18.25 1.14 27.67
CA LEU D 108 17.87 2.01 26.55
C LEU D 108 16.41 1.81 26.15
N PRO D 109 15.52 2.74 26.51
CA PRO D 109 14.17 2.54 26.10
C PRO D 109 14.07 2.72 24.59
N VAL D 110 13.09 2.02 24.01
CA VAL D 110 12.82 2.04 22.60
C VAL D 110 11.34 2.39 22.41
N VAL D 111 11.08 3.48 21.68
CA VAL D 111 9.72 3.92 21.44
C VAL D 111 9.40 3.94 19.96
N HIS D 112 8.13 3.84 19.60
CA HIS D 112 7.68 3.70 18.22
C HIS D 112 6.35 4.32 17.96
N VAL D 113 5.88 4.25 16.73
CA VAL D 113 4.62 4.87 16.30
C VAL D 113 3.72 3.77 15.76
N PRO D 114 2.93 3.13 16.64
CA PRO D 114 2.23 1.92 16.28
C PRO D 114 1.07 2.11 15.34
N ALA D 115 0.57 3.34 15.19
CA ALA D 115 -0.65 3.58 14.40
C ALA D 115 -0.74 4.95 13.83
N TYR D 116 0.33 5.39 13.23
CA TYR D 116 0.25 6.58 12.48
C TYR D 116 -0.83 6.62 11.38
N SER D 117 -1.01 5.55 10.60
CA SER D 117 -2.08 5.52 9.58
C SER D 117 -2.18 4.11 8.99
N PRO D 118 -2.95 3.24 9.63
CA PRO D 118 -3.21 1.92 9.10
C PRO D 118 -3.84 2.03 7.70
N HIS D 119 -4.56 3.12 7.44
CA HIS D 119 -5.16 3.35 6.15
C HIS D 119 -4.12 3.56 5.04
N ALA D 120 -3.00 4.24 5.33
CA ALA D 120 -1.99 4.49 4.29
C ALA D 120 -1.47 3.15 3.75
N VAL D 121 -1.22 2.23 4.64
CA VAL D 121 -0.61 0.98 4.26
C VAL D 121 -1.62 0.05 3.60
N ALA D 122 -2.82 -0.05 4.16
CA ALA D 122 -3.83 -0.86 3.57
C ALA D 122 -4.20 -0.38 2.20
N GLU D 123 -4.34 0.95 2.04
CA GLU D 123 -4.66 1.49 0.74
C GLU D 123 -3.58 1.12 -0.30
N HIS D 124 -2.33 1.16 0.12
CA HIS D 124 -1.24 0.92 -0.82
C HIS D 124 -1.36 -0.50 -1.28
N ALA D 125 -1.63 -1.42 -0.34
CA ALA D 125 -1.83 -2.81 -0.72
C ALA D 125 -2.93 -2.94 -1.74
N VAL D 126 -4.03 -2.20 -1.57
CA VAL D 126 -5.13 -2.26 -2.53
C VAL D 126 -4.73 -1.68 -3.87
N GLY D 127 -3.98 -0.60 -3.86
CA GLY D 127 -3.36 -0.09 -5.06
C GLY D 127 -2.48 -1.10 -5.82
N LEU D 128 -1.68 -1.87 -5.10
CA LEU D 128 -0.88 -2.90 -5.78
C LEU D 128 -1.81 -3.92 -6.47
N ILE D 129 -2.85 -4.34 -5.73
CA ILE D 129 -3.80 -5.30 -6.25
C ILE D 129 -4.38 -4.81 -7.57
N LEU D 130 -4.85 -3.59 -7.58
CA LEU D 130 -5.50 -3.08 -8.76
C LEU D 130 -4.57 -2.86 -9.93
N THR D 131 -3.35 -2.38 -9.66
CA THR D 131 -2.37 -2.18 -10.69
C THR D 131 -2.07 -3.49 -11.35
N LEU D 132 -1.83 -4.53 -10.55
CA LEU D 132 -1.58 -5.87 -11.09
C LEU D 132 -2.77 -6.42 -11.84
N ASN D 133 -3.95 -6.22 -11.29
CA ASN D 133 -5.18 -6.80 -11.88
C ASN D 133 -5.45 -6.18 -13.25
N ARG D 134 -5.47 -4.87 -13.31
CA ARG D 134 -5.80 -4.17 -14.56
C ARG D 134 -4.57 -3.79 -15.40
N ARG D 135 -3.41 -4.25 -14.95
CA ARG D 135 -2.17 -4.00 -15.65
C ARG D 135 -1.95 -2.52 -15.91
N LEU D 136 -2.23 -1.71 -14.89
CA LEU D 136 -2.20 -0.26 -15.08
C LEU D 136 -0.80 0.30 -15.34
N HIS D 137 0.17 -0.35 -14.76
CA HIS D 137 1.62 -0.02 -14.96
C HIS D 137 1.99 -0.28 -16.44
N ARG D 138 1.53 -1.41 -17.02
CA ARG D 138 1.79 -1.71 -18.45
C ARG D 138 0.98 -0.77 -19.37
N ALA D 139 -0.29 -0.50 -19.04
CA ALA D 139 -1.12 0.41 -19.80
C ALA D 139 -0.51 1.77 -19.89
N TYR D 140 -0.11 2.31 -18.73
CA TYR D 140 0.50 3.64 -18.69
C TYR D 140 1.66 3.79 -19.65
N ASN D 141 2.59 2.86 -19.61
CA ASN D 141 3.70 2.86 -20.54
C ASN D 141 3.28 2.70 -22.00
N ARG D 142 2.25 1.94 -22.26
CA ARG D 142 1.75 1.86 -23.64
C ARG D 142 1.15 3.18 -24.18
N THR D 143 0.23 3.77 -23.43
CA THR D 143 -0.47 4.93 -23.94
C THR D 143 0.45 6.08 -24.06
N ARG D 144 1.38 6.14 -23.15
CA ARG D 144 2.40 7.13 -23.21
C ARG D 144 3.22 7.20 -24.49
N GLU D 145 3.35 6.09 -25.18
CA GLU D 145 4.05 6.07 -26.48
C GLU D 145 3.09 5.87 -27.60
N GLY D 146 1.80 6.05 -27.35
CA GLY D 146 0.85 5.97 -28.44
C GLY D 146 0.43 4.54 -28.81
N ASP D 147 0.69 3.60 -27.93
CA ASP D 147 0.18 2.28 -28.08
C ASP D 147 -1.14 2.13 -27.30
N PHE D 148 -2.25 2.13 -28.01
CA PHE D 148 -3.55 2.06 -27.37
C PHE D 148 -4.14 0.64 -27.52
N SER D 149 -3.29 -0.37 -27.77
CA SER D 149 -3.77 -1.75 -27.87
C SER D 149 -3.91 -2.34 -26.47
N LEU D 150 -4.85 -3.26 -26.35
CA LEU D 150 -5.25 -3.82 -25.11
C LEU D 150 -4.89 -5.29 -24.89
N HIS D 151 -4.20 -5.93 -25.82
CA HIS D 151 -3.79 -7.33 -25.59
C HIS D 151 -3.01 -7.46 -24.26
N GLY D 152 -3.33 -8.49 -23.51
CA GLY D 152 -2.65 -8.84 -22.24
C GLY D 152 -3.13 -7.97 -21.07
N LEU D 153 -4.07 -7.05 -21.27
CA LEU D 153 -4.47 -6.19 -20.15
C LEU D 153 -5.78 -6.57 -19.48
N THR D 154 -6.39 -7.69 -19.92
CA THR D 154 -7.69 -8.12 -19.40
C THR D 154 -7.51 -8.50 -17.99
N GLY D 155 -8.29 -7.89 -17.12
CA GLY D 155 -8.16 -8.23 -15.70
C GLY D 155 -9.29 -9.13 -15.24
N PHE D 156 -9.61 -9.02 -13.95
CA PHE D 156 -10.68 -9.78 -13.32
C PHE D 156 -11.45 -8.91 -12.34
N ASP D 157 -12.72 -9.18 -12.19
CA ASP D 157 -13.54 -8.45 -11.23
C ASP D 157 -13.10 -8.87 -9.83
N LEU D 158 -12.92 -7.90 -8.94
CA LEU D 158 -12.58 -8.16 -7.55
C LEU D 158 -13.84 -8.70 -6.82
N HIS D 159 -14.99 -8.10 -7.14
CA HIS D 159 -16.28 -8.47 -6.64
C HIS D 159 -16.45 -9.98 -6.66
N GLY D 160 -16.76 -10.57 -5.49
CA GLY D 160 -16.94 -12.00 -5.45
C GLY D 160 -15.68 -12.86 -5.19
N LYS D 161 -14.50 -12.32 -5.38
CA LYS D 161 -13.29 -13.11 -5.15
C LYS D 161 -13.03 -13.29 -3.67
N ARG D 162 -12.24 -14.34 -3.38
CA ARG D 162 -11.80 -14.62 -2.00
C ARG D 162 -10.44 -14.03 -1.68
N VAL D 163 -10.44 -13.19 -0.65
CA VAL D 163 -9.32 -12.45 -0.26
C VAL D 163 -8.95 -12.95 1.11
N GLY D 164 -7.77 -13.55 1.21
CA GLY D 164 -7.21 -14.06 2.45
C GLY D 164 -6.26 -13.07 3.08
N VAL D 165 -6.55 -12.69 4.30
CA VAL D 165 -5.73 -11.81 5.07
C VAL D 165 -4.98 -12.55 6.14
N ILE D 166 -3.65 -12.50 6.10
CA ILE D 166 -2.80 -13.13 7.12
C ILE D 166 -2.30 -12.08 8.08
N GLY D 167 -2.84 -12.08 9.27
CA GLY D 167 -2.60 -11.00 10.24
C GLY D 167 -3.72 -9.96 10.15
N THR D 168 -4.67 -10.05 11.09
CA THR D 168 -5.84 -9.16 11.12
C THR D 168 -5.74 -8.12 12.25
N GLY D 169 -4.58 -7.45 12.30
CA GLY D 169 -4.36 -6.39 13.30
C GLY D 169 -4.80 -5.07 12.71
N GLN D 170 -4.15 -4.00 13.10
CA GLN D 170 -4.58 -2.66 12.69
C GLN D 170 -4.59 -2.48 11.18
N ILE D 171 -3.54 -2.91 10.52
CA ILE D 171 -3.48 -2.76 9.09
C ILE D 171 -4.34 -3.83 8.42
N GLY D 172 -4.18 -5.09 8.85
CA GLY D 172 -4.92 -6.18 8.24
C GLY D 172 -6.39 -5.98 8.30
N GLU D 173 -6.86 -5.51 9.44
CA GLU D 173 -8.31 -5.28 9.57
C GLU D 173 -8.78 -4.14 8.65
N THR D 174 -7.97 -3.10 8.50
CA THR D 174 -8.37 -1.96 7.68
C THR D 174 -8.39 -2.43 6.22
N PHE D 175 -7.42 -3.25 5.84
CA PHE D 175 -7.35 -3.84 4.51
C PHE D 175 -8.59 -4.72 4.25
N ALA D 176 -8.92 -5.56 5.21
CA ALA D 176 -10.12 -6.40 5.12
C ALA D 176 -11.41 -5.60 4.90
N ARG D 177 -11.56 -4.52 5.65
CA ARG D 177 -12.72 -3.69 5.50
C ARG D 177 -12.81 -3.07 4.11
N ILE D 178 -11.68 -2.58 3.59
CA ILE D 178 -11.71 -2.06 2.19
C ILE D 178 -12.14 -3.12 1.18
N MET D 179 -11.52 -4.28 1.27
CA MET D 179 -11.80 -5.34 0.33
C MET D 179 -13.24 -5.84 0.48
N ALA D 180 -13.81 -5.78 1.69
CA ALA D 180 -15.21 -6.15 1.86
C ALA D 180 -16.07 -5.21 1.16
N GLY D 181 -15.65 -3.94 1.09
CA GLY D 181 -16.43 -2.93 0.34
C GLY D 181 -16.41 -3.11 -1.18
N PHE D 182 -15.47 -3.91 -1.72
CA PHE D 182 -15.51 -4.25 -3.14
C PHE D 182 -16.44 -5.47 -3.38
N GLY D 183 -17.01 -6.01 -2.32
CA GLY D 183 -17.84 -7.24 -2.39
C GLY D 183 -16.98 -8.51 -2.43
N CYS D 184 -15.78 -8.49 -1.88
CA CYS D 184 -14.98 -9.68 -1.79
C CYS D 184 -15.48 -10.55 -0.58
N GLU D 185 -15.15 -11.82 -0.63
CA GLU D 185 -15.39 -12.73 0.44
C GLU D 185 -14.09 -12.80 1.23
N LEU D 186 -14.15 -12.43 2.50
CA LEU D 186 -12.94 -12.34 3.34
C LEU D 186 -12.64 -13.61 4.14
N LEU D 187 -11.43 -14.09 4.01
CA LEU D 187 -10.92 -15.21 4.76
C LEU D 187 -9.76 -14.65 5.55
N ALA D 188 -9.60 -15.15 6.75
CA ALA D 188 -8.66 -14.56 7.70
C ALA D 188 -7.92 -15.61 8.50
N TYR D 189 -6.67 -15.33 8.80
CA TYR D 189 -5.90 -16.12 9.69
C TYR D 189 -5.11 -15.21 10.64
N ASP D 190 -5.23 -15.49 11.93
CA ASP D 190 -4.51 -14.79 12.98
C ASP D 190 -4.53 -15.69 14.23
N PRO D 191 -3.42 -15.79 14.95
CA PRO D 191 -3.46 -16.45 16.27
C PRO D 191 -4.45 -15.83 17.23
N TYR D 192 -4.83 -14.57 17.06
CA TYR D 192 -5.87 -13.96 17.92
C TYR D 192 -7.00 -13.38 17.12
N PRO D 193 -7.95 -14.22 16.74
CA PRO D 193 -8.98 -13.70 15.89
C PRO D 193 -9.75 -12.55 16.52
N ASN D 194 -10.30 -11.69 15.70
CA ASN D 194 -11.07 -10.62 16.29
C ASN D 194 -12.46 -10.47 15.73
N PRO D 195 -13.38 -10.05 16.58
CA PRO D 195 -14.77 -9.97 16.21
C PRO D 195 -15.08 -8.97 15.09
N ARG D 196 -14.26 -7.96 14.94
CA ARG D 196 -14.52 -6.96 13.91
C ARG D 196 -14.48 -7.52 12.51
N ILE D 197 -13.56 -8.45 12.31
CA ILE D 197 -13.44 -9.19 11.05
C ILE D 197 -14.73 -10.01 10.77
N GLN D 198 -15.24 -10.67 11.78
CA GLN D 198 -16.50 -11.42 11.60
C GLN D 198 -17.63 -10.49 11.31
N ALA D 199 -17.68 -9.36 11.99
CA ALA D 199 -18.76 -8.40 11.72
C ALA D 199 -18.72 -7.93 10.28
N LEU D 200 -17.58 -7.95 9.62
CA LEU D 200 -17.48 -7.59 8.22
C LEU D 200 -17.93 -8.67 7.30
N GLY D 201 -18.18 -9.85 7.83
CA GLY D 201 -18.49 -11.01 6.96
C GLY D 201 -17.29 -11.93 6.82
N GLY D 202 -16.18 -11.68 7.51
CA GLY D 202 -15.02 -12.51 7.33
C GLY D 202 -15.12 -13.81 8.08
N ARG D 203 -14.46 -14.81 7.55
CA ARG D 203 -14.44 -16.06 8.22
C ARG D 203 -12.99 -16.49 8.53
N TYR D 204 -12.70 -16.76 9.80
CA TYR D 204 -11.40 -17.26 10.18
C TYR D 204 -11.21 -18.73 9.82
N LEU D 205 -10.00 -19.09 9.46
CA LEU D 205 -9.66 -20.46 9.18
C LEU D 205 -8.17 -20.67 9.36
N ALA D 206 -7.74 -21.90 9.20
CA ALA D 206 -6.35 -22.26 9.34
C ALA D 206 -5.55 -21.76 8.15
N LEU D 207 -4.26 -21.54 8.38
CA LEU D 207 -3.40 -20.96 7.40
C LEU D 207 -3.46 -21.74 6.11
N ASP D 208 -3.33 -23.04 6.19
CA ASP D 208 -3.27 -23.80 4.97
C ASP D 208 -4.53 -23.76 4.14
N ALA D 209 -5.65 -23.71 4.82
CA ALA D 209 -6.95 -23.60 4.18
C ALA D 209 -7.11 -22.21 3.55
N LEU D 210 -6.64 -21.18 4.23
CA LEU D 210 -6.67 -19.87 3.68
C LEU D 210 -5.86 -19.83 2.37
N LEU D 211 -4.64 -20.33 2.42
CA LEU D 211 -3.84 -20.39 1.22
C LEU D 211 -4.49 -21.19 0.07
N ALA D 212 -5.15 -22.30 0.38
CA ALA D 212 -5.73 -23.11 -0.68
C ALA D 212 -6.97 -22.46 -1.25
N GLU D 213 -7.68 -21.67 -0.48
CA GLU D 213 -8.96 -21.15 -0.95
C GLU D 213 -8.92 -19.73 -1.49
N SER D 214 -7.85 -18.97 -1.21
CA SER D 214 -7.83 -17.53 -1.54
C SER D 214 -7.44 -17.26 -2.99
N ASP D 215 -8.17 -16.38 -3.64
CA ASP D 215 -7.75 -15.87 -4.97
C ASP D 215 -6.64 -14.80 -4.82
N ILE D 216 -6.74 -14.03 -3.75
CA ILE D 216 -5.74 -12.96 -3.41
C ILE D 216 -5.36 -13.18 -1.92
N VAL D 217 -4.05 -13.17 -1.60
CA VAL D 217 -3.55 -13.21 -0.28
C VAL D 217 -2.71 -11.97 0.04
N SER D 218 -2.90 -11.40 1.23
CA SER D 218 -2.18 -10.23 1.63
C SER D 218 -1.61 -10.46 3.02
N LEU D 219 -0.32 -10.18 3.17
CA LEU D 219 0.45 -10.36 4.45
C LEU D 219 0.48 -9.08 5.29
N HIS D 220 -0.05 -9.17 6.49
CA HIS D 220 -0.05 -8.01 7.43
C HIS D 220 0.30 -8.44 8.85
N CYS D 221 1.08 -9.51 8.96
CA CYS D 221 1.62 -9.95 10.24
C CYS D 221 3.01 -9.38 10.39
N PRO D 222 3.47 -9.20 11.63
CA PRO D 222 4.81 -8.69 11.80
C PRO D 222 5.83 -9.78 11.44
N LEU D 223 7.09 -9.35 11.28
CA LEU D 223 8.21 -10.29 11.14
C LEU D 223 8.67 -10.72 12.57
N THR D 224 8.53 -12.02 12.86
CA THR D 224 9.07 -12.66 14.09
C THR D 224 9.68 -13.99 13.64
N ALA D 225 10.25 -14.73 14.58
CA ALA D 225 10.81 -16.06 14.27
C ALA D 225 9.73 -16.99 13.75
N ASP D 226 8.49 -16.82 14.16
CA ASP D 226 7.42 -17.63 13.59
C ASP D 226 6.89 -17.24 12.19
N THR D 227 7.10 -16.02 11.73
CA THR D 227 6.59 -15.63 10.42
C THR D 227 7.67 -15.57 9.36
N ARG D 228 8.91 -15.69 9.77
CA ARG D 228 9.99 -15.72 8.84
C ARG D 228 9.80 -16.80 7.78
N HIS D 229 9.83 -16.42 6.51
CA HIS D 229 9.61 -17.37 5.41
C HIS D 229 8.29 -18.16 5.59
N LEU D 230 7.29 -17.50 6.14
CA LEU D 230 5.98 -18.06 6.14
C LEU D 230 5.53 -18.51 4.74
N ILE D 231 5.79 -17.70 3.72
CA ILE D 231 5.50 -18.11 2.36
C ILE D 231 6.74 -18.67 1.73
N ASP D 232 6.80 -20.00 1.73
CA ASP D 232 7.89 -20.75 1.17
C ASP D 232 7.40 -21.64 0.02
N ALA D 233 8.30 -22.43 -0.53
CA ALA D 233 7.95 -23.25 -1.69
C ALA D 233 6.75 -24.13 -1.44
N GLN D 234 6.77 -24.83 -0.31
CA GLN D 234 5.73 -25.72 0.10
C GLN D 234 4.41 -25.01 0.16
N ARG D 235 4.37 -23.86 0.80
CA ARG D 235 3.11 -23.15 0.92
C ARG D 235 2.63 -22.56 -0.41
N LEU D 236 3.55 -22.09 -1.26
CA LEU D 236 3.13 -21.61 -2.57
C LEU D 236 2.47 -22.72 -3.39
N ALA D 237 2.97 -23.95 -3.27
CA ALA D 237 2.40 -25.06 -4.03
C ALA D 237 0.99 -25.43 -3.55
N THR D 238 0.60 -25.00 -2.36
CA THR D 238 -0.75 -25.18 -1.77
C THR D 238 -1.75 -24.18 -2.32
N MET D 239 -1.26 -23.06 -2.83
CA MET D 239 -2.13 -21.95 -3.20
C MET D 239 -2.89 -22.28 -4.45
N LYS D 240 -3.95 -21.55 -4.67
CA LYS D 240 -4.73 -21.67 -5.87
C LYS D 240 -3.91 -21.25 -7.09
N PRO D 241 -3.92 -22.05 -8.15
CA PRO D 241 -3.16 -21.66 -9.30
C PRO D 241 -3.56 -20.35 -9.90
N GLY D 242 -2.59 -19.51 -10.23
CA GLY D 242 -2.88 -18.19 -10.74
C GLY D 242 -3.28 -17.18 -9.66
N ALA D 243 -3.11 -17.52 -8.38
CA ALA D 243 -3.43 -16.55 -7.33
C ALA D 243 -2.50 -15.30 -7.29
N MET D 244 -2.97 -14.27 -6.57
CA MET D 244 -2.23 -13.05 -6.38
C MET D 244 -1.74 -13.02 -4.93
N LEU D 245 -0.46 -12.69 -4.74
CA LEU D 245 0.14 -12.52 -3.39
C LEU D 245 0.63 -11.10 -3.25
N ILE D 246 0.29 -10.47 -2.17
CA ILE D 246 0.67 -9.11 -1.85
C ILE D 246 1.45 -9.14 -0.54
N ASN D 247 2.63 -8.52 -0.53
CA ASN D 247 3.45 -8.35 0.69
C ASN D 247 3.83 -6.89 0.95
N THR D 248 3.06 -6.26 1.81
CA THR D 248 3.37 -4.96 2.30
C THR D 248 3.78 -5.05 3.81
N GLY D 249 4.23 -6.23 4.22
CA GLY D 249 4.65 -6.48 5.59
C GLY D 249 6.15 -6.29 5.80
N ARG D 250 6.91 -7.37 5.60
CA ARG D 250 8.36 -7.35 5.65
C ARG D 250 8.93 -8.35 4.69
N GLY D 251 10.09 -8.03 4.12
CA GLY D 251 10.67 -8.85 3.09
C GLY D 251 10.84 -10.31 3.49
N ALA D 252 11.26 -10.52 4.75
CA ALA D 252 11.61 -11.86 5.19
C ALA D 252 10.37 -12.72 5.48
N LEU D 253 9.16 -12.21 5.27
CA LEU D 253 7.98 -13.04 5.35
C LEU D 253 7.88 -14.02 4.25
N VAL D 254 8.62 -13.77 3.16
CA VAL D 254 8.56 -14.65 2.00
C VAL D 254 9.95 -15.13 1.60
N ASN D 255 9.97 -16.24 0.91
CA ASN D 255 11.20 -16.67 0.25
C ASN D 255 11.12 -16.28 -1.23
N ALA D 256 11.85 -15.25 -1.60
CA ALA D 256 11.66 -14.70 -2.92
C ALA D 256 12.15 -15.64 -3.99
N ALA D 257 13.20 -16.45 -3.73
CA ALA D 257 13.62 -17.42 -4.76
C ALA D 257 12.46 -18.38 -5.09
N ALA D 258 11.67 -18.79 -4.08
CA ALA D 258 10.57 -19.65 -4.37
C ALA D 258 9.47 -18.92 -5.15
N LEU D 259 9.25 -17.64 -4.84
CA LEU D 259 8.29 -16.84 -5.61
C LEU D 259 8.66 -16.85 -7.10
N ILE D 260 9.93 -16.72 -7.42
CA ILE D 260 10.34 -16.71 -8.83
C ILE D 260 9.92 -17.99 -9.55
N GLU D 261 10.13 -19.13 -8.90
CA GLU D 261 9.77 -20.41 -9.57
C GLU D 261 8.27 -20.53 -9.78
N ALA D 262 7.52 -20.07 -8.84
CA ALA D 262 6.07 -20.16 -8.97
C ALA D 262 5.53 -19.19 -9.96
N LEU D 263 6.19 -18.03 -10.10
CA LEU D 263 5.81 -17.10 -11.15
C LEU D 263 6.11 -17.71 -12.51
N LYS D 264 7.28 -18.31 -12.66
CA LYS D 264 7.61 -18.88 -13.93
C LYS D 264 6.64 -20.00 -14.32
N SER D 265 6.25 -20.86 -13.38
CA SER D 265 5.39 -21.95 -13.75
C SER D 265 3.94 -21.48 -13.94
N GLY D 266 3.56 -20.29 -13.48
CA GLY D 266 2.17 -19.85 -13.62
C GLY D 266 1.40 -20.17 -12.37
N GLN D 267 2.01 -20.93 -11.46
CA GLN D 267 1.36 -21.30 -10.19
C GLN D 267 0.97 -20.05 -9.38
N LEU D 268 1.89 -19.08 -9.32
CA LEU D 268 1.57 -17.75 -8.79
C LEU D 268 1.28 -16.84 -9.98
N GLY D 269 0.07 -16.30 -10.01
CA GLY D 269 -0.38 -15.43 -11.09
C GLY D 269 0.10 -14.00 -11.02
N TYR D 270 0.26 -13.49 -9.81
CA TYR D 270 0.64 -12.08 -9.61
C TYR D 270 1.38 -11.88 -8.31
N LEU D 271 2.27 -10.90 -8.29
CA LEU D 271 2.98 -10.55 -7.08
C LEU D 271 3.13 -9.09 -6.94
N GLY D 272 2.72 -8.58 -5.78
CA GLY D 272 2.93 -7.15 -5.45
C GLY D 272 3.75 -7.04 -4.18
N LEU D 273 4.91 -6.37 -4.27
CA LEU D 273 5.79 -6.23 -3.13
C LEU D 273 6.00 -4.79 -2.84
N ASP D 274 5.94 -4.43 -1.56
CA ASP D 274 6.40 -3.13 -1.12
C ASP D 274 7.67 -3.30 -0.24
N VAL D 275 8.10 -4.54 -0.03
CA VAL D 275 9.22 -4.88 0.79
C VAL D 275 9.99 -6.05 0.19
N TYR D 276 11.26 -6.16 0.56
CA TYR D 276 12.11 -7.20 0.05
C TYR D 276 13.17 -7.55 1.09
N GLU D 277 13.47 -8.84 1.18
CA GLU D 277 14.28 -9.34 2.26
C GLU D 277 15.65 -8.70 2.39
N GLU D 278 16.26 -8.43 1.26
CA GLU D 278 17.58 -7.79 1.27
C GLU D 278 17.47 -6.34 0.92
N GLU D 279 16.42 -5.67 1.34
CA GLU D 279 16.23 -4.28 0.88
C GLU D 279 17.10 -3.26 1.60
N ALA D 280 17.59 -3.61 2.77
CA ALA D 280 18.21 -2.61 3.69
C ALA D 280 19.26 -1.69 3.08
N ASP D 281 20.16 -2.26 2.31
CA ASP D 281 21.21 -1.45 1.67
C ASP D 281 20.92 -1.04 0.26
N ILE D 282 19.69 -1.24 -0.23
CA ILE D 282 19.36 -0.71 -1.50
C ILE D 282 18.17 0.25 -1.55
N PHE D 283 17.07 -0.02 -0.84
CA PHE D 283 15.91 0.83 -0.93
C PHE D 283 16.19 2.26 -0.41
N PHE D 284 15.38 3.17 -0.87
CA PHE D 284 15.44 4.58 -0.53
C PHE D 284 16.56 5.34 -1.22
N GLU D 285 17.26 4.72 -2.14
CA GLU D 285 18.14 5.52 -2.98
C GLU D 285 18.13 5.07 -4.43
N ASP D 286 18.57 5.98 -5.26
CA ASP D 286 18.60 5.72 -6.69
C ASP D 286 19.88 4.93 -6.97
N ARG D 287 19.76 3.66 -7.24
CA ARG D 287 20.89 2.88 -7.60
C ARG D 287 20.88 2.50 -9.08
N SER D 288 20.26 3.29 -9.93
CA SER D 288 20.07 2.88 -11.32
C SER D 288 21.36 2.96 -12.15
N ASP D 289 22.36 3.71 -11.72
CA ASP D 289 23.60 3.87 -12.48
C ASP D 289 24.52 2.69 -12.40
N GLN D 290 24.33 1.76 -11.47
CA GLN D 290 25.17 0.59 -11.37
C GLN D 290 24.41 -0.68 -11.53
N PRO D 291 25.09 -1.75 -11.86
CA PRO D 291 24.39 -3.04 -11.87
C PRO D 291 23.77 -3.34 -10.54
N LEU D 292 22.58 -3.88 -10.56
CA LEU D 292 22.00 -4.40 -9.37
C LEU D 292 22.64 -5.76 -9.05
N GLN D 293 23.20 -5.94 -7.84
CA GLN D 293 23.90 -7.19 -7.45
C GLN D 293 22.98 -8.34 -7.09
N ASP D 294 21.81 -8.03 -6.56
CA ASP D 294 20.90 -9.05 -6.05
C ASP D 294 20.17 -9.74 -7.23
N ASP D 295 20.56 -10.98 -7.50
CA ASP D 295 20.02 -11.77 -8.59
C ASP D 295 18.51 -11.98 -8.49
N VAL D 296 18.04 -12.25 -7.28
CA VAL D 296 16.70 -12.62 -7.03
C VAL D 296 15.82 -11.37 -7.28
N LEU D 297 16.22 -10.20 -6.75
CA LEU D 297 15.45 -8.99 -6.98
C LEU D 297 15.42 -8.59 -8.44
N ALA D 298 16.55 -8.68 -9.12
CA ALA D 298 16.59 -8.39 -10.54
C ALA D 298 15.63 -9.25 -11.29
N ARG D 299 15.55 -10.51 -10.93
CA ARG D 299 14.67 -11.44 -11.64
C ARG D 299 13.21 -11.11 -11.34
N LEU D 300 12.91 -10.77 -10.09
CA LEU D 300 11.56 -10.36 -9.75
C LEU D 300 11.12 -9.17 -10.56
N LEU D 301 12.02 -8.21 -10.73
CA LEU D 301 11.72 -7.05 -11.45
C LEU D 301 11.48 -7.31 -12.95
N SER D 302 11.91 -8.41 -13.50
CA SER D 302 11.82 -8.71 -14.94
C SER D 302 10.40 -9.12 -15.30
N PHE D 303 9.53 -9.45 -14.37
CA PHE D 303 8.22 -10.05 -14.77
C PHE D 303 7.14 -8.99 -15.06
N PRO D 304 6.27 -9.23 -16.05
CA PRO D 304 5.15 -8.36 -16.35
C PRO D 304 4.04 -8.35 -15.28
N ASN D 305 4.00 -9.36 -14.45
CA ASN D 305 2.93 -9.57 -13.45
C ASN D 305 3.49 -9.49 -12.01
N VAL D 306 4.59 -8.78 -11.88
CA VAL D 306 5.13 -8.41 -10.63
C VAL D 306 5.29 -6.88 -10.58
N VAL D 307 4.87 -6.27 -9.46
CA VAL D 307 5.13 -4.84 -9.23
C VAL D 307 5.82 -4.73 -7.87
N VAL D 308 6.93 -4.03 -7.86
CA VAL D 308 7.63 -3.69 -6.69
C VAL D 308 7.62 -2.18 -6.47
N THR D 309 7.17 -1.76 -5.31
CA THR D 309 7.36 -0.40 -4.86
C THR D 309 8.37 -0.47 -3.70
N ALA D 310 9.14 0.59 -3.57
CA ALA D 310 10.33 0.59 -2.69
C ALA D 310 9.99 1.05 -1.27
N HIS D 311 9.12 0.26 -0.62
CA HIS D 311 8.77 0.48 0.81
C HIS D 311 8.19 1.82 1.04
N GLN D 312 7.19 2.15 0.24
CA GLN D 312 6.48 3.41 0.28
C GLN D 312 5.03 3.24 0.76
N ALA D 313 4.65 2.07 1.31
CA ALA D 313 3.25 1.93 1.76
C ALA D 313 2.90 2.94 2.88
N PHE D 314 3.91 3.34 3.67
CA PHE D 314 3.73 4.31 4.74
C PHE D 314 3.64 5.73 4.21
N LEU D 315 3.94 5.96 2.94
CA LEU D 315 4.32 7.27 2.47
C LEU D 315 3.14 8.13 1.96
N THR D 316 2.35 8.65 2.88
CA THR D 316 1.33 9.65 2.58
C THR D 316 1.55 10.88 3.47
N ARG D 317 1.02 12.02 3.06
CA ARG D 317 1.09 13.27 3.86
C ARG D 317 0.65 13.03 5.29
N GLU D 318 -0.48 12.35 5.45
CA GLU D 318 -1.05 12.23 6.75
C GLU D 318 -0.21 11.27 7.56
N ALA D 319 0.28 10.21 6.93
CA ALA D 319 1.08 9.26 7.68
C ALA D 319 2.37 9.95 8.20
N LEU D 320 2.98 10.73 7.34
CA LEU D 320 4.26 11.36 7.68
C LEU D 320 4.02 12.36 8.78
N ALA D 321 2.93 13.13 8.71
CA ALA D 321 2.61 14.11 9.78
C ALA D 321 2.36 13.40 11.11
N ALA D 322 1.66 12.27 11.07
CA ALA D 322 1.43 11.57 12.33
C ALA D 322 2.72 10.95 12.87
N ILE D 323 3.56 10.47 11.97
CA ILE D 323 4.81 9.87 12.47
C ILE D 323 5.65 10.94 13.22
N ALA D 324 5.77 12.10 12.61
CA ALA D 324 6.56 13.17 13.12
C ALA D 324 5.95 13.65 14.43
N ASP D 325 4.65 13.91 14.46
CA ASP D 325 4.02 14.39 15.70
C ASP D 325 4.11 13.42 16.82
N THR D 326 3.82 12.16 16.55
CA THR D 326 3.91 11.13 17.61
C THR D 326 5.34 10.88 18.08
N THR D 327 6.29 10.90 17.14
CA THR D 327 7.67 10.64 17.51
C THR D 327 8.18 11.83 18.41
N LEU D 328 7.92 13.09 18.02
CA LEU D 328 8.34 14.23 18.84
C LEU D 328 7.63 14.20 20.21
N ASP D 329 6.35 13.86 20.25
CA ASP D 329 5.65 13.65 21.52
C ASP D 329 6.18 12.52 22.30
N ASN D 330 6.62 11.44 21.65
CA ASN D 330 7.20 10.34 22.40
C ASN D 330 8.45 10.82 23.15
N ILE D 331 9.24 11.63 22.43
CA ILE D 331 10.49 12.08 22.96
C ILE D 331 10.20 13.05 24.14
N ALA D 332 9.22 13.94 23.97
CA ALA D 332 8.85 14.90 25.05
C ALA D 332 8.35 14.14 26.25
N ALA D 333 7.54 13.10 26.03
CA ALA D 333 7.06 12.31 27.14
C ALA D 333 8.18 11.62 27.90
N TRP D 334 9.15 11.08 27.18
CA TRP D 334 10.28 10.47 27.83
C TRP D 334 11.11 11.45 28.61
N GLN D 335 11.30 12.61 28.06
CA GLN D 335 12.06 13.65 28.69
C GLN D 335 11.36 14.12 29.97
N ASP D 336 10.03 14.10 30.02
CA ASP D 336 9.31 14.36 31.27
C ASP D 336 9.24 13.19 32.23
N GLY D 337 9.92 12.10 31.95
CA GLY D 337 9.82 10.93 32.81
C GLY D 337 8.54 10.13 32.75
N THR D 338 7.68 10.36 31.75
CA THR D 338 6.46 9.53 31.60
C THR D 338 6.39 8.93 30.18
N PRO D 339 7.22 7.93 29.90
CA PRO D 339 7.35 7.54 28.51
C PRO D 339 6.09 6.86 28.00
N ARG D 340 5.88 6.99 26.70
CA ARG D 340 4.75 6.50 25.95
C ARG D 340 5.23 5.70 24.76
N ASN D 341 4.40 4.81 24.24
CA ASN D 341 4.67 4.01 23.06
C ASN D 341 5.98 3.24 23.12
N ARG D 342 6.29 2.73 24.28
CA ARG D 342 7.45 1.89 24.40
C ARG D 342 7.20 0.57 23.72
N VAL D 343 8.24 0.04 23.12
CA VAL D 343 8.29 -1.33 22.68
C VAL D 343 8.95 -2.25 23.72
N ARG D 344 8.14 -3.23 24.10
CA ARG D 344 8.44 -4.52 24.70
C ARG D 344 9.87 -5.04 24.68
N HIS E 16 -46.34 -30.60 17.04
CA HIS E 16 -47.28 -31.60 17.48
C HIS E 16 -46.78 -32.48 18.58
N MET E 17 -45.49 -32.78 18.63
CA MET E 17 -44.99 -33.59 19.72
C MET E 17 -45.15 -32.90 21.08
N ARG E 18 -45.34 -33.67 22.13
CA ARG E 18 -45.53 -33.12 23.47
C ARG E 18 -44.29 -33.17 24.33
N ILE E 19 -44.04 -32.04 24.97
CA ILE E 19 -42.96 -31.91 25.94
C ILE E 19 -43.47 -31.50 27.35
N LEU E 20 -43.07 -32.25 28.37
CA LEU E 20 -43.39 -31.88 29.74
C LEU E 20 -42.13 -31.34 30.39
N PHE E 21 -42.23 -30.11 30.86
CA PHE E 21 -41.19 -29.44 31.60
C PHE E 21 -41.42 -29.56 33.10
N PHE E 22 -40.45 -30.09 33.83
CA PHE E 22 -40.50 -30.04 35.29
C PHE E 22 -39.78 -28.81 35.82
N SER E 23 -40.01 -28.51 37.08
CA SER E 23 -39.37 -27.33 37.76
C SER E 23 -39.51 -26.03 36.99
N SER E 24 -40.64 -25.85 36.35
CA SER E 24 -40.84 -24.70 35.47
C SER E 24 -40.98 -23.41 36.24
N GLN E 25 -40.40 -22.35 35.72
CA GLN E 25 -40.59 -20.98 36.17
C GLN E 25 -41.04 -20.11 35.01
N ALA E 26 -41.54 -18.93 35.36
CA ALA E 26 -42.07 -18.03 34.38
C ALA E 26 -41.03 -17.74 33.28
N TYR E 27 -39.79 -17.55 33.64
CA TYR E 27 -38.78 -17.18 32.66
C TYR E 27 -38.56 -18.40 31.74
N ASP E 28 -38.85 -19.60 32.20
CA ASP E 28 -38.72 -20.81 31.37
C ASP E 28 -39.87 -20.84 30.35
N SER E 29 -41.10 -20.62 30.78
CA SER E 29 -42.23 -20.71 29.84
C SER E 29 -42.23 -19.53 28.89
N GLU E 30 -41.81 -18.37 29.34
CA GLU E 30 -41.60 -17.22 28.50
C GLU E 30 -40.59 -17.48 27.37
N SER E 31 -39.42 -17.93 27.71
CA SER E 31 -38.37 -18.11 26.72
C SER E 31 -38.67 -19.30 25.78
N PHE E 32 -39.18 -20.42 26.33
CA PHE E 32 -39.53 -21.54 25.51
C PHE E 32 -40.73 -21.28 24.61
N GLN E 33 -41.71 -20.52 25.06
CA GLN E 33 -42.80 -20.14 24.16
C GLN E 33 -42.33 -19.25 23.04
N ALA E 34 -41.42 -18.33 23.30
CA ALA E 34 -40.93 -17.49 22.22
C ALA E 34 -40.17 -18.36 21.20
N SER E 35 -39.32 -19.23 21.67
CA SER E 35 -38.57 -20.09 20.80
C SER E 35 -39.42 -21.13 20.04
N ASN E 36 -40.52 -21.55 20.63
CA ASN E 36 -41.42 -22.50 20.00
C ASN E 36 -42.22 -21.95 18.80
N HIS E 37 -42.15 -20.67 18.53
CA HIS E 37 -42.69 -20.14 17.27
C HIS E 37 -42.04 -20.74 16.07
N ARG E 38 -40.85 -21.27 16.22
CA ARG E 38 -40.14 -21.92 15.18
C ARG E 38 -40.49 -23.38 15.00
N HIS E 39 -41.30 -23.95 15.87
CA HIS E 39 -41.45 -25.41 15.90
C HIS E 39 -42.89 -25.87 16.10
N GLY E 40 -43.68 -25.20 16.91
CA GLY E 40 -45.04 -25.67 17.15
C GLY E 40 -45.15 -26.97 17.98
N PHE E 41 -44.14 -27.33 18.78
CA PHE E 41 -44.33 -28.39 19.77
C PHE E 41 -45.45 -27.99 20.73
N GLU E 42 -46.01 -28.98 21.42
CA GLU E 42 -47.04 -28.76 22.40
C GLU E 42 -46.34 -28.82 23.83
N LEU E 43 -46.31 -27.67 24.50
CA LEU E 43 -45.46 -27.46 25.65
C LEU E 43 -46.31 -27.53 26.88
N HIS E 44 -45.95 -28.37 27.85
CA HIS E 44 -46.67 -28.40 29.14
C HIS E 44 -45.72 -28.08 30.28
N PHE E 45 -46.07 -27.10 31.11
CA PHE E 45 -45.16 -26.64 32.15
C PHE E 45 -45.64 -27.03 33.54
N GLN E 46 -44.90 -27.88 34.22
CA GLN E 46 -45.21 -28.34 35.51
C GLN E 46 -44.22 -27.69 36.48
N GLN E 47 -44.74 -27.18 37.56
CA GLN E 47 -43.93 -26.52 38.54
C GLN E 47 -43.16 -27.45 39.44
N ALA E 48 -43.72 -28.60 39.73
CA ALA E 48 -43.06 -29.46 40.65
C ALA E 48 -41.71 -29.94 40.11
N HIS E 49 -40.80 -30.21 41.03
CA HIS E 49 -39.55 -30.88 40.77
C HIS E 49 -39.77 -32.34 40.41
N LEU E 50 -38.96 -32.82 39.48
CA LEU E 50 -38.99 -34.24 39.09
C LEU E 50 -38.24 -35.08 40.14
N GLN E 51 -38.94 -36.08 40.64
CA GLN E 51 -38.39 -37.01 41.63
C GLN E 51 -39.27 -38.24 41.56
N ALA E 52 -38.93 -39.24 42.34
CA ALA E 52 -39.66 -40.52 42.30
C ALA E 52 -41.20 -40.33 42.39
N ASP E 53 -41.64 -39.50 43.30
CA ASP E 53 -43.06 -39.38 43.49
C ASP E 53 -43.75 -38.32 42.60
N THR E 54 -43.02 -37.63 41.69
CA THR E 54 -43.65 -36.77 40.70
C THR E 54 -43.50 -37.29 39.27
N ALA E 55 -42.77 -38.38 39.08
CA ALA E 55 -42.48 -38.84 37.75
C ALA E 55 -43.74 -39.30 37.04
N VAL E 56 -44.70 -39.79 37.83
CA VAL E 56 -45.96 -40.19 37.24
C VAL E 56 -46.59 -39.06 36.39
N LEU E 57 -46.33 -37.79 36.69
CA LEU E 57 -46.87 -36.69 35.83
C LEU E 57 -46.43 -36.77 34.38
N ALA E 58 -45.33 -37.46 34.12
CA ALA E 58 -44.80 -37.58 32.76
C ALA E 58 -45.30 -38.81 32.03
N GLN E 59 -46.25 -39.50 32.60
CA GLN E 59 -46.88 -40.62 31.96
C GLN E 59 -47.41 -40.27 30.59
N GLY E 60 -47.02 -41.03 29.58
CA GLY E 60 -47.44 -40.71 28.21
C GLY E 60 -46.72 -39.55 27.55
N PHE E 61 -45.75 -38.92 28.19
CA PHE E 61 -45.00 -37.82 27.50
C PHE E 61 -43.72 -38.39 26.93
N GLU E 62 -43.57 -38.22 25.61
CA GLU E 62 -42.42 -38.74 24.93
C GLU E 62 -41.14 -38.04 25.33
N VAL E 63 -41.25 -36.74 25.57
CA VAL E 63 -40.14 -35.91 25.92
C VAL E 63 -40.38 -35.21 27.28
N VAL E 64 -39.39 -35.31 28.13
CA VAL E 64 -39.36 -34.61 29.39
C VAL E 64 -38.17 -33.63 29.36
N CYS E 65 -38.45 -32.40 29.74
CA CYS E 65 -37.42 -31.38 29.88
C CYS E 65 -37.19 -31.07 31.34
N ALA E 66 -35.95 -31.30 31.78
CA ALA E 66 -35.54 -31.15 33.14
C ALA E 66 -34.47 -30.10 33.33
N PHE E 67 -34.45 -29.57 34.54
CA PHE E 67 -33.47 -28.60 34.96
C PHE E 67 -32.55 -29.19 36.03
N VAL E 68 -31.60 -28.39 36.49
CA VAL E 68 -30.53 -28.88 37.30
C VAL E 68 -30.91 -29.39 38.70
N ASN E 69 -32.05 -29.03 39.23
N ASN E 69 -32.12 -28.99 39.13
CA ASN E 69 -32.38 -29.52 40.57
CA ASN E 69 -32.74 -29.32 40.43
C ASN E 69 -33.43 -30.65 40.42
C ASN E 69 -33.71 -30.47 40.34
N ASP E 70 -33.71 -31.14 39.20
CA ASP E 70 -34.56 -32.32 39.02
C ASP E 70 -33.76 -33.61 39.27
N ASP E 71 -34.42 -34.63 39.80
CA ASP E 71 -33.74 -35.86 40.12
C ASP E 71 -33.87 -36.88 39.00
N LEU E 72 -32.77 -37.10 38.30
CA LEU E 72 -32.73 -38.06 37.22
C LEU E 72 -31.82 -39.22 37.56
N SER E 73 -31.93 -39.66 38.80
CA SER E 73 -31.28 -40.92 39.20
C SER E 73 -32.00 -42.12 38.57
N ARG E 74 -31.41 -43.30 38.70
CA ARG E 74 -31.93 -44.51 38.12
C ARG E 74 -33.38 -44.80 38.43
N PRO E 75 -33.83 -44.73 39.67
CA PRO E 75 -35.22 -45.04 39.86
C PRO E 75 -36.16 -44.07 39.16
N VAL E 76 -35.76 -42.81 39.00
CA VAL E 76 -36.64 -41.87 38.25
C VAL E 76 -36.64 -42.16 36.75
N LEU E 77 -35.47 -42.45 36.21
CA LEU E 77 -35.34 -42.80 34.80
C LEU E 77 -36.12 -44.03 34.50
N GLU E 78 -36.14 -44.97 35.43
CA GLU E 78 -36.93 -46.22 35.20
C GLU E 78 -38.39 -45.94 35.05
N ARG E 79 -38.91 -45.16 35.97
CA ARG E 79 -40.30 -44.78 35.88
C ARG E 79 -40.60 -44.07 34.59
N LEU E 80 -39.73 -43.14 34.19
CA LEU E 80 -39.99 -42.38 32.99
C LEU E 80 -40.05 -43.29 31.76
N ALA E 81 -39.10 -44.21 31.68
CA ALA E 81 -39.05 -45.12 30.55
C ALA E 81 -40.31 -46.00 30.60
N ALA E 82 -40.63 -46.56 31.75
CA ALA E 82 -41.86 -47.41 31.85
C ALA E 82 -43.10 -46.61 31.51
N GLY E 83 -43.13 -45.31 31.74
CA GLY E 83 -44.33 -44.51 31.39
C GLY E 83 -44.38 -44.01 29.94
N GLY E 84 -43.41 -44.38 29.11
CA GLY E 84 -43.43 -44.01 27.68
C GLY E 84 -42.47 -42.90 27.27
N THR E 85 -41.71 -42.36 28.21
CA THR E 85 -40.82 -41.23 27.87
C THR E 85 -39.62 -41.76 27.08
N ARG E 86 -39.27 -41.10 25.98
CA ARG E 86 -38.25 -41.62 25.11
C ARG E 86 -37.05 -40.71 24.97
N LEU E 87 -37.16 -39.47 25.46
CA LEU E 87 -36.04 -38.52 25.44
C LEU E 87 -36.03 -37.63 26.68
N VAL E 88 -34.83 -37.45 27.23
CA VAL E 88 -34.66 -36.54 28.32
C VAL E 88 -33.87 -35.39 27.84
N ALA E 89 -34.48 -34.21 27.87
CA ALA E 89 -33.84 -32.99 27.38
C ALA E 89 -33.51 -32.06 28.56
N LEU E 90 -32.22 -31.88 28.81
CA LEU E 90 -31.74 -31.08 29.89
C LEU E 90 -31.64 -29.66 29.36
N ARG E 91 -32.38 -28.75 29.97
CA ARG E 91 -32.24 -27.34 29.65
C ARG E 91 -31.14 -26.71 30.49
N SER E 92 -29.97 -27.31 30.41
CA SER E 92 -28.80 -26.94 31.20
C SER E 92 -27.53 -27.41 30.50
N ALA E 93 -26.37 -26.94 30.94
CA ALA E 93 -25.13 -27.48 30.52
C ALA E 93 -24.74 -28.64 31.40
N GLY E 94 -24.88 -28.45 32.71
CA GLY E 94 -24.54 -29.48 33.69
C GLY E 94 -25.46 -30.66 33.72
N TYR E 95 -24.91 -31.84 34.12
CA TYR E 95 -25.63 -33.09 34.10
C TYR E 95 -25.29 -34.05 35.24
N ASN E 96 -24.73 -33.53 36.33
CA ASN E 96 -24.44 -34.34 37.49
C ASN E 96 -25.67 -34.91 38.17
N HIS E 97 -26.83 -34.38 37.88
CA HIS E 97 -28.09 -34.88 38.43
C HIS E 97 -28.67 -36.10 37.66
N VAL E 98 -28.00 -36.53 36.59
CA VAL E 98 -28.50 -37.59 35.74
C VAL E 98 -27.63 -38.85 35.90
N ASP E 99 -28.23 -40.02 36.14
CA ASP E 99 -27.48 -41.26 36.13
C ASP E 99 -27.35 -41.71 34.67
N LEU E 100 -26.26 -41.30 34.03
CA LEU E 100 -26.09 -41.52 32.60
C LEU E 100 -25.98 -43.01 32.20
N ALA E 101 -25.34 -43.81 33.06
CA ALA E 101 -25.20 -45.26 32.79
C ALA E 101 -26.59 -45.89 32.81
N ALA E 102 -27.39 -45.53 33.79
CA ALA E 102 -28.77 -46.02 33.78
C ALA E 102 -29.59 -45.55 32.59
N ALA E 103 -29.44 -44.30 32.14
CA ALA E 103 -30.18 -43.83 30.97
C ALA E 103 -29.80 -44.67 29.77
N GLU E 104 -28.52 -44.92 29.62
CA GLU E 104 -28.05 -45.74 28.51
C GLU E 104 -28.57 -47.16 28.58
N ALA E 105 -28.48 -47.81 29.74
CA ALA E 105 -29.08 -49.13 29.90
C ALA E 105 -30.55 -49.14 29.54
N LEU E 106 -31.29 -48.06 29.77
CA LEU E 106 -32.68 -48.02 29.40
C LEU E 106 -32.92 -47.57 27.99
N GLY E 107 -31.89 -47.22 27.24
CA GLY E 107 -32.13 -46.70 25.86
C GLY E 107 -32.80 -45.35 25.78
N LEU E 108 -32.60 -44.55 26.84
CA LEU E 108 -33.09 -43.18 26.94
C LEU E 108 -31.98 -42.20 26.62
N PRO E 109 -31.96 -41.65 25.42
CA PRO E 109 -30.98 -40.59 25.19
C PRO E 109 -31.22 -39.36 26.07
N VAL E 110 -30.13 -38.70 26.37
CA VAL E 110 -30.10 -37.50 27.21
C VAL E 110 -29.36 -36.45 26.44
N VAL E 111 -30.02 -35.33 26.22
CA VAL E 111 -29.43 -34.22 25.51
C VAL E 111 -29.32 -32.99 26.36
N HIS E 112 -28.42 -32.09 26.02
CA HIS E 112 -28.18 -30.89 26.78
C HIS E 112 -27.76 -29.70 25.99
N VAL E 113 -27.45 -28.60 26.68
CA VAL E 113 -27.04 -27.39 26.02
C VAL E 113 -25.70 -26.96 26.59
N PRO E 114 -24.61 -27.43 25.99
CA PRO E 114 -23.30 -27.31 26.58
C PRO E 114 -22.71 -25.91 26.55
N ALA E 115 -23.20 -25.04 25.68
CA ALA E 115 -22.58 -23.72 25.54
C ALA E 115 -23.56 -22.66 25.17
N TYR E 116 -24.71 -22.64 25.82
CA TYR E 116 -25.59 -21.53 25.61
C TYR E 116 -24.96 -20.17 25.80
N SER E 117 -24.14 -19.99 26.83
CA SER E 117 -23.47 -18.71 27.04
C SER E 117 -22.49 -18.83 28.17
N PRO E 118 -21.29 -19.28 27.84
CA PRO E 118 -20.21 -19.26 28.80
C PRO E 118 -19.95 -17.84 29.37
N HIS E 119 -20.18 -16.81 28.56
CA HIS E 119 -20.03 -15.45 29.03
C HIS E 119 -21.02 -15.11 30.16
N ALA E 120 -22.28 -15.52 30.08
CA ALA E 120 -23.25 -15.20 31.13
C ALA E 120 -22.72 -15.66 32.50
N VAL E 121 -22.18 -16.85 32.56
CA VAL E 121 -21.84 -17.40 33.82
C VAL E 121 -20.53 -16.80 34.32
N ALA E 122 -19.55 -16.65 33.42
CA ALA E 122 -18.30 -16.02 33.78
C ALA E 122 -18.53 -14.61 34.26
N GLU E 123 -19.36 -13.88 33.57
CA GLU E 123 -19.63 -12.46 33.96
C GLU E 123 -20.26 -12.39 35.35
N HIS E 124 -21.15 -13.33 35.67
CA HIS E 124 -21.82 -13.32 36.95
C HIS E 124 -20.80 -13.54 38.04
N ALA E 125 -19.88 -14.48 37.82
CA ALA E 125 -18.78 -14.70 38.77
C ALA E 125 -17.94 -13.45 38.97
N VAL E 126 -17.65 -12.73 37.89
CA VAL E 126 -16.93 -11.43 38.02
C VAL E 126 -17.79 -10.38 38.76
N GLY E 127 -19.10 -10.33 38.49
CA GLY E 127 -20.00 -9.50 39.27
C GLY E 127 -19.93 -9.78 40.81
N LEU E 128 -19.87 -11.06 41.19
CA LEU E 128 -19.82 -11.39 42.58
C LEU E 128 -18.53 -10.82 43.12
N ILE E 129 -17.44 -11.04 42.38
CA ILE E 129 -16.13 -10.59 42.82
C ILE E 129 -16.14 -9.10 43.12
N LEU E 130 -16.66 -8.31 42.18
CA LEU E 130 -16.68 -6.86 42.37
C LEU E 130 -17.59 -6.40 43.48
N THR E 131 -18.76 -7.05 43.61
CA THR E 131 -19.67 -6.70 44.68
C THR E 131 -19.01 -6.94 46.04
N LEU E 132 -18.40 -8.09 46.21
CA LEU E 132 -17.75 -8.41 47.46
C LEU E 132 -16.58 -7.42 47.68
N ASN E 133 -15.80 -7.16 46.63
CA ASN E 133 -14.57 -6.32 46.75
C ASN E 133 -14.93 -4.89 47.18
N ARG E 134 -15.82 -4.25 46.45
CA ARG E 134 -16.19 -2.88 46.73
C ARG E 134 -17.36 -2.76 47.68
N ARG E 135 -17.81 -3.88 48.21
CA ARG E 135 -18.91 -3.90 49.17
C ARG E 135 -20.12 -3.20 48.61
N LEU E 136 -20.44 -3.45 47.35
CA LEU E 136 -21.52 -2.71 46.68
C LEU E 136 -22.91 -3.03 47.24
N HIS E 137 -23.07 -4.27 47.71
CA HIS E 137 -24.28 -4.73 48.34
C HIS E 137 -24.55 -3.95 49.59
N ARG E 138 -23.52 -3.71 50.37
CA ARG E 138 -23.58 -2.89 51.58
C ARG E 138 -23.79 -1.40 51.25
N ALA E 139 -23.04 -0.89 50.26
CA ALA E 139 -23.12 0.52 49.90
C ALA E 139 -24.50 0.89 49.45
N TYR E 140 -25.08 0.03 48.64
CA TYR E 140 -26.47 0.21 48.15
C TYR E 140 -27.46 0.41 49.27
N ASN E 141 -27.42 -0.46 50.25
CA ASN E 141 -28.37 -0.32 51.35
C ASN E 141 -28.09 0.90 52.17
N ARG E 142 -26.80 1.29 52.27
CA ARG E 142 -26.52 2.54 52.97
C ARG E 142 -27.09 3.76 52.28
N THR E 143 -26.72 3.92 51.01
CA THR E 143 -27.06 5.18 50.35
C THR E 143 -28.57 5.30 50.22
N ARG E 144 -29.27 4.18 50.08
CA ARG E 144 -30.71 4.18 50.03
C ARG E 144 -31.38 4.78 51.24
N GLU E 145 -30.78 4.63 52.38
CA GLU E 145 -31.29 5.25 53.57
C GLU E 145 -30.54 6.50 53.97
N GLY E 146 -29.81 7.10 53.05
CA GLY E 146 -29.11 8.35 53.40
C GLY E 146 -27.82 8.23 54.22
N ASP E 147 -27.27 7.00 54.32
CA ASP E 147 -26.02 6.78 54.97
C ASP E 147 -24.92 6.81 53.89
N PHE E 148 -24.18 7.91 53.85
CA PHE E 148 -23.18 8.09 52.81
C PHE E 148 -21.79 7.89 53.41
N SER E 149 -21.70 7.21 54.53
CA SER E 149 -20.40 6.96 55.14
C SER E 149 -19.76 5.76 54.48
N LEU E 150 -18.43 5.75 54.52
CA LEU E 150 -17.60 4.75 53.85
C LEU E 150 -16.82 3.76 54.69
N HIS E 151 -16.95 3.81 56.01
CA HIS E 151 -16.23 2.85 56.87
C HIS E 151 -16.62 1.43 56.41
N GLY E 152 -15.62 0.59 56.34
CA GLY E 152 -15.77 -0.82 56.01
C GLY E 152 -15.92 -1.08 54.53
N LEU E 153 -15.87 -0.05 53.67
CA LEU E 153 -16.10 -0.28 52.25
C LEU E 153 -14.85 -0.23 51.37
N THR E 154 -13.68 -0.03 51.98
CA THR E 154 -12.45 0.04 51.24
C THR E 154 -12.18 -1.29 50.59
N GLY E 155 -11.95 -1.29 49.30
CA GLY E 155 -11.74 -2.52 48.60
C GLY E 155 -10.29 -2.63 48.19
N PHE E 156 -10.06 -3.39 47.12
CA PHE E 156 -8.72 -3.66 46.63
C PHE E 156 -8.71 -3.65 45.13
N ASP E 157 -7.58 -3.22 44.55
CA ASP E 157 -7.47 -3.24 43.10
C ASP E 157 -7.38 -4.67 42.68
N LEU E 158 -8.11 -5.02 41.63
CA LEU E 158 -7.99 -6.33 41.02
C LEU E 158 -6.68 -6.47 40.23
N HIS E 159 -6.35 -5.40 39.53
CA HIS E 159 -5.11 -5.28 38.78
C HIS E 159 -3.93 -5.83 39.60
N GLY E 160 -3.20 -6.78 39.06
CA GLY E 160 -2.07 -7.34 39.78
C GLY E 160 -2.34 -8.52 40.69
N LYS E 161 -3.58 -8.75 41.08
CA LYS E 161 -3.88 -9.87 41.98
C LYS E 161 -3.82 -11.22 41.26
N ARG E 162 -3.58 -12.26 42.06
CA ARG E 162 -3.57 -13.60 41.53
C ARG E 162 -4.92 -14.25 41.62
N VAL E 163 -5.38 -14.71 40.48
CA VAL E 163 -6.69 -15.29 40.36
C VAL E 163 -6.52 -16.69 39.94
N GLY E 164 -6.97 -17.62 40.79
CA GLY E 164 -6.85 -19.05 40.51
C GLY E 164 -8.18 -19.59 39.99
N VAL E 165 -8.13 -20.17 38.81
CA VAL E 165 -9.22 -20.78 38.16
C VAL E 165 -9.15 -22.33 38.21
N ILE E 166 -10.11 -22.97 38.88
CA ILE E 166 -10.14 -24.40 39.01
C ILE E 166 -11.17 -24.90 38.00
N GLY E 167 -10.66 -25.58 36.96
CA GLY E 167 -11.48 -25.96 35.81
C GLY E 167 -11.41 -24.88 34.73
N THR E 168 -10.60 -25.15 33.70
CA THR E 168 -10.41 -24.22 32.59
C THR E 168 -11.09 -24.74 31.30
N GLY E 169 -12.38 -25.06 31.42
CA GLY E 169 -13.21 -25.40 30.31
C GLY E 169 -13.86 -24.16 29.71
N GLN E 170 -15.04 -24.32 29.16
CA GLN E 170 -15.66 -23.20 28.45
C GLN E 170 -15.90 -22.02 29.33
N ILE E 171 -16.46 -22.26 30.52
CA ILE E 171 -16.72 -21.11 31.42
C ILE E 171 -15.45 -20.63 32.05
N GLY E 172 -14.66 -21.56 32.55
CA GLY E 172 -13.42 -21.20 33.26
C GLY E 172 -12.48 -20.41 32.40
N GLU E 173 -12.36 -20.81 31.15
CA GLU E 173 -11.49 -20.08 30.23
C GLU E 173 -12.06 -18.68 29.93
N THR E 174 -13.39 -18.56 29.78
CA THR E 174 -13.98 -17.28 29.52
C THR E 174 -13.70 -16.37 30.72
N PHE E 175 -13.86 -16.93 31.93
CA PHE E 175 -13.66 -16.18 33.14
C PHE E 175 -12.17 -15.73 33.18
N ALA E 176 -11.26 -16.65 32.89
CA ALA E 176 -9.84 -16.31 32.89
C ALA E 176 -9.51 -15.15 31.94
N ARG E 177 -10.08 -15.17 30.74
CA ARG E 177 -9.86 -14.11 29.76
C ARG E 177 -10.37 -12.78 30.27
N ILE E 178 -11.55 -12.75 30.87
CA ILE E 178 -12.04 -11.48 31.50
C ILE E 178 -11.08 -10.96 32.57
N MET E 179 -10.66 -11.88 33.48
CA MET E 179 -9.83 -11.48 34.58
C MET E 179 -8.44 -11.06 34.08
N ALA E 180 -7.94 -11.68 33.01
CA ALA E 180 -6.67 -11.24 32.43
C ALA E 180 -6.85 -9.80 31.94
N GLY E 181 -8.02 -9.44 31.43
CA GLY E 181 -8.24 -8.08 30.95
C GLY E 181 -8.20 -7.02 32.03
N PHE E 182 -8.34 -7.42 33.30
CA PHE E 182 -8.26 -6.47 34.41
C PHE E 182 -6.78 -6.29 34.78
N GLY E 183 -5.88 -7.03 34.10
CA GLY E 183 -4.49 -7.15 34.50
C GLY E 183 -4.20 -8.10 35.68
N CYS E 184 -5.01 -9.15 35.89
CA CYS E 184 -4.75 -10.10 36.93
C CYS E 184 -3.72 -11.11 36.46
N GLU E 185 -3.08 -11.76 37.42
CA GLU E 185 -2.15 -12.81 37.11
C GLU E 185 -2.94 -14.10 37.23
N LEU E 186 -3.03 -14.85 36.14
CA LEU E 186 -3.86 -16.03 36.12
C LEU E 186 -3.11 -17.26 36.52
N LEU E 187 -3.64 -17.98 37.48
CA LEU E 187 -3.19 -19.32 37.87
C LEU E 187 -4.32 -20.29 37.56
N ALA E 188 -3.96 -21.52 37.14
CA ALA E 188 -4.95 -22.47 36.63
C ALA E 188 -4.68 -23.89 37.04
N TYR E 189 -5.76 -24.62 37.28
CA TYR E 189 -5.67 -26.01 37.56
C TYR E 189 -6.72 -26.73 36.79
N ASP E 190 -6.31 -27.72 36.01
CA ASP E 190 -7.23 -28.57 35.27
C ASP E 190 -6.46 -29.89 34.98
N PRO E 191 -7.10 -31.05 35.16
CA PRO E 191 -6.44 -32.28 34.69
C PRO E 191 -6.08 -32.26 33.17
N TYR E 192 -6.72 -31.44 32.34
CA TYR E 192 -6.32 -31.31 30.96
C TYR E 192 -6.03 -29.89 30.60
N PRO E 193 -4.82 -29.43 30.88
CA PRO E 193 -4.53 -28.06 30.59
C PRO E 193 -4.71 -27.69 29.13
N ASN E 194 -4.89 -26.44 28.85
CA ASN E 194 -5.12 -26.07 27.50
C ASN E 194 -4.35 -24.82 27.12
N PRO E 195 -4.02 -24.77 25.86
CA PRO E 195 -3.03 -23.79 25.40
C PRO E 195 -3.60 -22.42 25.38
N ARG E 196 -4.89 -22.28 25.20
CA ARG E 196 -5.55 -21.00 25.20
C ARG E 196 -5.28 -20.20 26.48
N ILE E 197 -5.23 -20.87 27.61
CA ILE E 197 -4.97 -20.29 28.92
C ILE E 197 -3.55 -19.74 28.94
N GLN E 198 -2.61 -20.52 28.44
CA GLN E 198 -1.22 -20.08 28.40
C GLN E 198 -1.09 -18.91 27.50
N ALA E 199 -1.76 -18.93 26.36
CA ALA E 199 -1.74 -17.77 25.46
C ALA E 199 -2.28 -16.50 26.12
N LEU E 200 -3.08 -16.66 27.16
CA LEU E 200 -3.62 -15.54 27.93
C LEU E 200 -2.62 -14.99 28.89
N GLY E 201 -1.54 -15.70 29.08
CA GLY E 201 -0.63 -15.43 30.20
C GLY E 201 -0.79 -16.36 31.41
N GLY E 202 -1.69 -17.33 31.37
CA GLY E 202 -1.96 -18.11 32.56
C GLY E 202 -0.91 -19.15 32.80
N ARG E 203 -0.74 -19.55 34.05
CA ARG E 203 0.23 -20.54 34.42
C ARG E 203 -0.45 -21.69 35.13
N TYR E 204 -0.30 -22.90 34.59
CA TYR E 204 -0.86 -24.08 35.23
C TYR E 204 -0.03 -24.53 36.37
N LEU E 205 -0.66 -25.02 37.41
CA LEU E 205 0.03 -25.52 38.58
C LEU E 205 -0.87 -26.48 39.34
N ALA E 206 -0.32 -27.10 40.36
CA ALA E 206 -1.06 -28.12 41.11
C ALA E 206 -2.13 -27.41 41.96
N LEU E 207 -3.17 -28.16 42.30
CA LEU E 207 -4.28 -27.64 43.09
C LEU E 207 -3.84 -26.99 44.39
N ASP E 208 -2.97 -27.63 45.15
CA ASP E 208 -2.58 -27.04 46.45
C ASP E 208 -1.79 -25.78 46.30
N ALA E 209 -0.95 -25.73 45.29
CA ALA E 209 -0.18 -24.55 45.06
C ALA E 209 -1.09 -23.40 44.58
N LEU E 210 -2.08 -23.73 43.72
CA LEU E 210 -3.08 -22.72 43.29
C LEU E 210 -3.79 -22.12 44.52
N LEU E 211 -4.25 -22.99 45.41
CA LEU E 211 -4.90 -22.54 46.61
C LEU E 211 -4.05 -21.70 47.46
N ALA E 212 -2.77 -22.08 47.59
CA ALA E 212 -1.90 -21.32 48.50
C ALA E 212 -1.50 -19.99 47.91
N GLU E 213 -1.46 -19.88 46.60
CA GLU E 213 -0.93 -18.63 46.01
C GLU E 213 -2.03 -17.63 45.57
N SER E 214 -3.28 -18.04 45.50
CA SER E 214 -4.31 -17.18 44.87
C SER E 214 -4.89 -16.20 45.85
N ASP E 215 -5.09 -14.98 45.39
CA ASP E 215 -5.87 -13.98 46.17
C ASP E 215 -7.40 -14.23 46.00
N ILE E 216 -7.79 -14.70 44.82
CA ILE E 216 -9.17 -14.99 44.47
C ILE E 216 -9.17 -16.33 43.83
N VAL E 217 -10.04 -17.21 44.27
CA VAL E 217 -10.25 -18.50 43.64
C VAL E 217 -11.68 -18.63 43.11
N SER E 218 -11.83 -19.16 41.88
CA SER E 218 -13.15 -19.38 41.30
C SER E 218 -13.27 -20.81 40.76
N LEU E 219 -14.37 -21.49 41.13
CA LEU E 219 -14.66 -22.88 40.74
C LEU E 219 -15.49 -22.96 39.45
N HIS E 220 -14.96 -23.68 38.45
CA HIS E 220 -15.62 -23.88 37.20
C HIS E 220 -15.50 -25.28 36.67
N CYS E 221 -15.27 -26.22 37.59
CA CYS E 221 -15.19 -27.64 37.24
C CYS E 221 -16.57 -28.22 37.47
N PRO E 222 -16.88 -29.32 36.77
CA PRO E 222 -18.16 -29.97 37.03
C PRO E 222 -18.14 -30.69 38.32
N LEU E 223 -19.33 -31.05 38.79
CA LEU E 223 -19.44 -31.89 39.97
C LEU E 223 -19.34 -33.34 39.53
N THR E 224 -18.39 -34.06 40.07
CA THR E 224 -18.20 -35.50 39.88
C THR E 224 -17.73 -36.03 41.23
N ALA E 225 -17.55 -37.33 41.32
CA ALA E 225 -17.08 -37.96 42.57
C ALA E 225 -15.73 -37.41 42.95
N ASP E 226 -14.89 -37.03 41.99
CA ASP E 226 -13.63 -36.41 42.33
C ASP E 226 -13.67 -34.95 42.77
N THR E 227 -14.71 -34.17 42.46
CA THR E 227 -14.71 -32.74 42.80
C THR E 227 -15.64 -32.48 43.98
N ARG E 228 -16.32 -33.50 44.45
CA ARG E 228 -17.20 -33.38 45.59
C ARG E 228 -16.47 -32.94 46.84
N HIS E 229 -16.90 -31.84 47.45
CA HIS E 229 -16.20 -31.29 48.60
C HIS E 229 -14.75 -31.03 48.31
N LEU E 230 -14.44 -30.65 47.08
CA LEU E 230 -13.06 -30.28 46.76
C LEU E 230 -12.57 -29.21 47.71
N ILE E 231 -13.42 -28.23 48.03
CA ILE E 231 -13.09 -27.23 49.01
C ILE E 231 -13.64 -27.65 50.36
N ASP E 232 -12.75 -28.27 51.14
CA ASP E 232 -13.07 -28.74 52.47
C ASP E 232 -12.25 -27.99 53.51
N ALA E 233 -12.38 -28.38 54.78
CA ALA E 233 -11.66 -27.64 55.87
C ALA E 233 -10.17 -27.58 55.63
N GLN E 234 -9.57 -28.71 55.26
CA GLN E 234 -8.14 -28.76 55.04
C GLN E 234 -7.69 -27.89 53.93
N ARG E 235 -8.42 -27.86 52.85
CA ARG E 235 -8.03 -27.01 51.75
C ARG E 235 -8.27 -25.55 52.00
N LEU E 236 -9.31 -25.23 52.72
CA LEU E 236 -9.47 -23.83 53.19
C LEU E 236 -8.31 -23.34 54.06
N ALA E 237 -7.79 -24.20 54.92
CA ALA E 237 -6.65 -23.82 55.78
C ALA E 237 -5.38 -23.57 55.00
N THR E 238 -5.27 -24.08 53.79
CA THR E 238 -4.05 -23.83 53.04
C THR E 238 -4.14 -22.53 52.22
N MET E 239 -5.33 -21.97 52.09
CA MET E 239 -5.50 -20.79 51.27
C MET E 239 -4.82 -19.61 51.95
N LYS E 240 -4.60 -18.59 51.17
CA LYS E 240 -4.11 -17.33 51.68
C LYS E 240 -5.11 -16.70 52.63
N PRO E 241 -4.67 -16.28 53.81
CA PRO E 241 -5.59 -15.64 54.72
C PRO E 241 -6.28 -14.43 54.12
N GLY E 242 -7.58 -14.33 54.33
CA GLY E 242 -8.36 -13.23 53.79
C GLY E 242 -8.72 -13.43 52.33
N ALA E 243 -8.44 -14.60 51.74
CA ALA E 243 -8.72 -14.78 50.27
C ALA E 243 -10.23 -14.73 49.95
N MET E 244 -10.55 -14.59 48.65
CA MET E 244 -11.94 -14.60 48.17
C MET E 244 -12.17 -15.88 47.41
N LEU E 245 -13.27 -16.56 47.76
CA LEU E 245 -13.67 -17.80 47.10
C LEU E 245 -15.04 -17.56 46.37
N ILE E 246 -15.13 -17.94 45.11
CA ILE E 246 -16.30 -17.77 44.31
C ILE E 246 -16.72 -19.14 43.81
N ASN E 247 -17.98 -19.48 44.04
CA ASN E 247 -18.54 -20.74 43.56
C ASN E 247 -19.78 -20.53 42.73
N THR E 248 -19.59 -20.53 41.42
CA THR E 248 -20.70 -20.55 40.45
C THR E 248 -20.75 -21.91 39.71
N GLY E 249 -20.16 -22.93 40.32
CA GLY E 249 -20.19 -24.28 39.76
C GLY E 249 -21.36 -25.12 40.26
N ARG E 250 -21.17 -25.83 41.37
CA ARG E 250 -22.25 -26.61 42.00
C ARG E 250 -22.06 -26.58 43.49
N GLY E 251 -23.16 -26.67 44.22
CA GLY E 251 -23.13 -26.59 45.68
C GLY E 251 -22.18 -27.60 46.34
N ALA E 252 -22.16 -28.81 45.82
CA ALA E 252 -21.43 -29.87 46.46
C ALA E 252 -19.94 -29.83 46.16
N LEU E 253 -19.47 -28.84 45.40
CA LEU E 253 -18.03 -28.63 45.28
C LEU E 253 -17.40 -28.19 46.57
N VAL E 254 -18.23 -27.65 47.50
CA VAL E 254 -17.68 -27.10 48.75
C VAL E 254 -18.36 -27.71 49.94
N ASN E 255 -17.67 -27.66 51.06
CA ASN E 255 -18.32 -28.01 52.26
C ASN E 255 -18.72 -26.73 53.00
N ALA E 256 -20.00 -26.41 52.99
CA ALA E 256 -20.39 -25.10 53.48
C ALA E 256 -20.17 -24.92 55.01
N ALA E 257 -20.33 -25.98 55.81
CA ALA E 257 -20.05 -25.88 57.25
C ALA E 257 -18.60 -25.47 57.47
N ALA E 258 -17.68 -25.97 56.67
CA ALA E 258 -16.29 -25.54 56.81
C ALA E 258 -16.08 -24.07 56.36
N LEU E 259 -16.82 -23.65 55.35
CA LEU E 259 -16.75 -22.24 54.95
C LEU E 259 -17.14 -21.34 56.13
N ILE E 260 -18.16 -21.73 56.86
CA ILE E 260 -18.60 -20.92 57.99
C ILE E 260 -17.48 -20.71 59.01
N GLU E 261 -16.77 -21.76 59.36
CA GLU E 261 -15.68 -21.65 60.37
C GLU E 261 -14.57 -20.77 59.85
N ALA E 262 -14.25 -20.89 58.57
CA ALA E 262 -13.18 -20.08 58.00
C ALA E 262 -13.59 -18.62 57.88
N LEU E 263 -14.89 -18.37 57.66
CA LEU E 263 -15.35 -16.99 57.62
C LEU E 263 -15.33 -16.41 59.01
N LYS E 264 -15.76 -17.18 59.98
CA LYS E 264 -15.73 -16.66 61.34
C LYS E 264 -14.33 -16.38 61.82
N SER E 265 -13.36 -17.18 61.43
CA SER E 265 -11.96 -16.91 61.92
C SER E 265 -11.31 -15.80 61.14
N GLY E 266 -11.83 -15.42 59.99
CA GLY E 266 -11.14 -14.47 59.09
C GLY E 266 -10.28 -15.16 58.07
N GLN E 267 -10.06 -16.46 58.20
CA GLN E 267 -9.21 -17.17 57.28
C GLN E 267 -9.70 -17.01 55.80
N LEU E 268 -11.03 -17.09 55.62
CA LEU E 268 -11.64 -16.79 54.36
C LEU E 268 -12.19 -15.34 54.49
N GLY E 269 -11.72 -14.47 53.60
CA GLY E 269 -12.07 -13.05 53.61
C GLY E 269 -13.39 -12.74 52.91
N TYR E 270 -13.73 -13.50 51.89
CA TYR E 270 -14.93 -13.23 51.13
C TYR E 270 -15.48 -14.51 50.55
N LEU E 271 -16.79 -14.60 50.42
CA LEU E 271 -17.44 -15.73 49.73
C LEU E 271 -18.58 -15.25 48.83
N GLY E 272 -18.53 -15.63 47.56
CA GLY E 272 -19.62 -15.41 46.65
C GLY E 272 -20.17 -16.79 46.21
N LEU E 273 -21.47 -17.03 46.42
CA LEU E 273 -22.10 -18.26 45.99
C LEU E 273 -23.22 -17.98 45.03
N ASP E 274 -23.29 -18.76 43.95
CA ASP E 274 -24.46 -18.83 43.14
C ASP E 274 -25.15 -20.16 43.29
N VAL E 275 -24.56 -21.07 44.06
CA VAL E 275 -25.03 -22.41 44.21
C VAL E 275 -24.82 -22.86 45.65
N TYR E 276 -25.61 -23.84 46.05
CA TYR E 276 -25.56 -24.35 47.45
C TYR E 276 -25.98 -25.82 47.46
N GLU E 277 -25.26 -26.60 48.25
CA GLU E 277 -25.39 -28.06 48.20
C GLU E 277 -26.81 -28.51 48.43
N GLU E 278 -27.55 -27.90 49.36
CA GLU E 278 -28.94 -28.32 49.63
C GLU E 278 -29.87 -27.34 48.97
N GLU E 279 -29.54 -26.84 47.80
CA GLU E 279 -30.43 -25.83 47.18
C GLU E 279 -31.73 -26.38 46.58
N ALA E 280 -31.78 -27.67 46.33
CA ALA E 280 -32.76 -28.23 45.38
C ALA E 280 -34.20 -27.86 45.74
N ASP E 281 -34.51 -27.90 47.02
CA ASP E 281 -35.81 -27.61 47.54
C ASP E 281 -35.98 -26.23 48.13
N ILE E 282 -35.05 -25.35 47.90
CA ILE E 282 -35.04 -23.98 48.48
C ILE E 282 -35.01 -22.93 47.35
N PHE E 283 -34.07 -23.09 46.44
CA PHE E 283 -33.91 -22.13 45.41
C PHE E 283 -35.10 -22.07 44.43
N PHE E 284 -35.19 -20.91 43.81
CA PHE E 284 -36.14 -20.61 42.75
C PHE E 284 -37.51 -20.30 43.31
N GLU E 285 -37.67 -20.19 44.64
CA GLU E 285 -38.97 -19.80 45.20
C GLU E 285 -38.79 -18.71 46.23
N ASP E 286 -39.82 -17.96 46.46
CA ASP E 286 -39.87 -17.00 47.54
C ASP E 286 -40.32 -17.72 48.78
N ARG E 287 -39.41 -17.98 49.69
CA ARG E 287 -39.74 -18.64 50.98
C ARG E 287 -39.69 -17.65 52.11
N SER E 288 -39.82 -16.36 51.79
CA SER E 288 -39.52 -15.33 52.82
C SER E 288 -40.59 -15.32 53.94
N ASP E 289 -41.78 -15.89 53.70
CA ASP E 289 -42.82 -15.89 54.73
C ASP E 289 -42.62 -16.94 55.81
N GLN E 290 -41.75 -17.88 55.63
CA GLN E 290 -41.54 -18.93 56.60
C GLN E 290 -40.13 -19.00 57.12
N PRO E 291 -39.94 -19.62 58.28
CA PRO E 291 -38.56 -19.84 58.72
C PRO E 291 -37.79 -20.67 57.73
N LEU E 292 -36.53 -20.34 57.50
CA LEU E 292 -35.65 -21.13 56.73
C LEU E 292 -35.20 -22.30 57.64
N GLN E 293 -35.41 -23.54 57.22
CA GLN E 293 -34.97 -24.70 58.02
C GLN E 293 -33.48 -24.96 58.03
N ASP E 294 -32.80 -24.66 56.93
CA ASP E 294 -31.40 -25.05 56.78
C ASP E 294 -30.50 -24.09 57.64
N ASP E 295 -29.98 -24.60 58.74
CA ASP E 295 -29.09 -23.83 59.60
C ASP E 295 -27.83 -23.28 58.88
N VAL E 296 -27.19 -24.10 58.06
CA VAL E 296 -25.92 -23.73 57.45
C VAL E 296 -26.16 -22.55 56.53
N LEU E 297 -27.18 -22.67 55.70
CA LEU E 297 -27.46 -21.61 54.76
C LEU E 297 -27.82 -20.34 55.51
N ALA E 298 -28.67 -20.45 56.51
CA ALA E 298 -29.04 -19.26 57.29
C ALA E 298 -27.80 -18.57 57.86
N ARG E 299 -26.85 -19.34 58.33
CA ARG E 299 -25.64 -18.79 58.88
C ARG E 299 -24.76 -18.13 57.80
N LEU E 300 -24.63 -18.78 56.64
CA LEU E 300 -23.92 -18.16 55.52
C LEU E 300 -24.53 -16.82 55.15
N LEU E 301 -25.83 -16.73 55.19
CA LEU E 301 -26.49 -15.54 54.78
C LEU E 301 -26.34 -14.41 55.77
N SER E 302 -25.95 -14.73 56.98
CA SER E 302 -25.76 -13.75 58.02
C SER E 302 -24.52 -12.86 57.85
N PHE E 303 -23.54 -13.26 57.07
CA PHE E 303 -22.25 -12.54 57.09
C PHE E 303 -22.24 -11.31 56.15
N PRO E 304 -21.55 -10.24 56.54
CA PRO E 304 -21.36 -9.06 55.69
C PRO E 304 -20.46 -9.26 54.47
N ASN E 305 -19.70 -10.34 54.46
CA ASN E 305 -18.69 -10.60 53.40
C ASN E 305 -19.03 -11.84 52.61
N VAL E 306 -20.32 -12.16 52.63
CA VAL E 306 -20.86 -13.26 51.86
C VAL E 306 -22.02 -12.74 51.02
N VAL E 307 -22.01 -13.10 49.73
CA VAL E 307 -23.15 -12.81 48.85
C VAL E 307 -23.59 -14.13 48.22
N VAL E 308 -24.88 -14.38 48.34
CA VAL E 308 -25.52 -15.52 47.75
C VAL E 308 -26.53 -15.07 46.76
N THR E 309 -26.40 -15.57 45.54
CA THR E 309 -27.41 -15.41 44.55
C THR E 309 -27.98 -16.81 44.29
N ALA E 310 -29.24 -16.85 43.94
CA ALA E 310 -29.99 -18.11 43.92
C ALA E 310 -29.90 -18.83 42.58
N HIS E 311 -28.67 -19.22 42.24
CA HIS E 311 -28.43 -19.95 40.99
C HIS E 311 -28.96 -19.21 39.77
N GLN E 312 -28.52 -17.97 39.64
CA GLN E 312 -28.91 -17.11 38.52
C GLN E 312 -27.73 -16.78 37.57
N ALA E 313 -26.59 -17.46 37.70
CA ALA E 313 -25.51 -17.14 36.82
C ALA E 313 -25.84 -17.35 35.33
N PHE E 314 -26.73 -18.27 35.04
CA PHE E 314 -27.17 -18.54 33.69
C PHE E 314 -28.19 -17.56 33.22
N LEU E 315 -28.66 -16.67 34.10
CA LEU E 315 -29.92 -15.94 33.85
C LEU E 315 -29.71 -14.60 33.15
N THR E 316 -29.46 -14.65 31.83
CA THR E 316 -29.41 -13.48 31.01
C THR E 316 -30.32 -13.72 29.84
N ARG E 317 -30.72 -12.66 29.20
CA ARG E 317 -31.58 -12.71 28.07
C ARG E 317 -31.06 -13.63 26.99
N GLU E 318 -29.80 -13.49 26.69
CA GLU E 318 -29.18 -14.23 25.62
C GLU E 318 -29.02 -15.68 26.01
N ALA E 319 -28.63 -15.94 27.25
CA ALA E 319 -28.48 -17.31 27.69
C ALA E 319 -29.82 -18.06 27.61
N LEU E 320 -30.89 -17.41 28.05
CA LEU E 320 -32.21 -18.06 28.06
C LEU E 320 -32.66 -18.38 26.65
N ALA E 321 -32.41 -17.45 25.73
CA ALA E 321 -32.88 -17.61 24.34
C ALA E 321 -32.08 -18.76 23.70
N ALA E 322 -30.79 -18.82 23.97
CA ALA E 322 -29.98 -19.96 23.45
C ALA E 322 -30.33 -21.32 24.10
N ILE E 323 -30.66 -21.34 25.39
CA ILE E 323 -31.11 -22.57 26.01
C ILE E 323 -32.41 -23.11 25.38
N ALA E 324 -33.38 -22.22 25.18
CA ALA E 324 -34.64 -22.57 24.61
C ALA E 324 -34.43 -22.99 23.16
N ASP E 325 -33.70 -22.20 22.38
CA ASP E 325 -33.53 -22.55 20.94
C ASP E 325 -32.82 -23.89 20.80
N THR E 326 -31.74 -24.07 21.54
CA THR E 326 -30.94 -25.25 21.39
C THR E 326 -31.68 -26.47 21.91
N THR E 327 -32.45 -26.30 22.99
CA THR E 327 -33.23 -27.42 23.54
C THR E 327 -34.33 -27.85 22.56
N LEU E 328 -35.08 -26.90 22.02
CA LEU E 328 -36.11 -27.21 20.98
C LEU E 328 -35.51 -27.82 19.68
N ASP E 329 -34.38 -27.30 19.23
CA ASP E 329 -33.63 -27.97 18.15
C ASP E 329 -33.13 -29.35 18.51
N ASN E 330 -32.67 -29.56 19.76
CA ASN E 330 -32.19 -30.89 20.14
C ASN E 330 -33.31 -31.88 20.01
N ILE E 331 -34.49 -31.46 20.44
CA ILE E 331 -35.65 -32.32 20.40
C ILE E 331 -36.11 -32.58 18.93
N ALA E 332 -36.14 -31.56 18.10
CA ALA E 332 -36.39 -31.77 16.66
C ALA E 332 -35.34 -32.71 16.00
N ALA E 333 -34.08 -32.53 16.29
CA ALA E 333 -33.05 -33.36 15.73
C ALA E 333 -33.24 -34.82 16.15
N TRP E 334 -33.58 -35.05 17.42
CA TRP E 334 -33.87 -36.41 17.87
C TRP E 334 -35.06 -37.01 17.14
N GLN E 335 -36.09 -36.21 16.97
CA GLN E 335 -37.27 -36.60 16.30
C GLN E 335 -36.99 -37.06 14.88
N ASP E 336 -36.08 -36.39 14.22
CA ASP E 336 -35.70 -36.73 12.89
C ASP E 336 -34.67 -37.83 12.84
N GLY E 337 -34.36 -38.45 13.95
CA GLY E 337 -33.38 -39.53 13.95
C GLY E 337 -31.94 -39.14 13.82
N THR E 338 -31.60 -37.84 13.97
CA THR E 338 -30.18 -37.42 13.94
C THR E 338 -29.85 -36.62 15.20
N PRO E 339 -29.71 -37.30 16.33
CA PRO E 339 -29.67 -36.55 17.56
C PRO E 339 -28.35 -35.80 17.65
N ARG E 340 -28.39 -34.67 18.33
CA ARG E 340 -27.22 -33.87 18.64
C ARG E 340 -27.22 -33.43 20.11
N ASN E 341 -26.07 -32.99 20.58
CA ASN E 341 -25.80 -32.59 21.95
C ASN E 341 -26.14 -33.66 22.97
N ARG E 342 -25.86 -34.89 22.64
CA ARG E 342 -26.04 -35.96 23.56
C ARG E 342 -25.02 -35.94 24.66
N VAL E 343 -25.43 -36.34 25.84
CA VAL E 343 -24.48 -36.59 26.89
C VAL E 343 -24.25 -38.09 26.96
N ARG E 344 -23.01 -38.49 27.10
CA ARG E 344 -22.66 -39.89 27.01
C ARG E 344 -21.99 -40.43 28.27
N ALA E 345 -22.45 -41.58 28.75
CA ALA E 345 -21.90 -42.18 30.00
C ALA E 345 -20.38 -42.28 29.82
N LYS F 4 27.49 35.09 73.42
CA LYS F 4 26.22 34.81 74.07
C LYS F 4 25.17 34.29 73.11
N VAL F 5 25.13 34.89 71.94
CA VAL F 5 24.24 34.46 70.89
C VAL F 5 25.01 34.28 69.58
N HIS F 6 24.75 33.19 68.88
CA HIS F 6 25.42 32.91 67.67
C HIS F 6 24.67 33.54 66.58
N HIS F 7 25.31 34.47 65.90
CA HIS F 7 24.78 35.04 64.70
C HIS F 7 25.02 34.11 63.53
N HIS F 8 23.96 33.47 63.05
CA HIS F 8 23.98 32.47 61.96
C HIS F 8 24.01 33.08 60.56
N HIS F 9 24.90 32.63 59.68
CA HIS F 9 24.76 33.04 58.29
C HIS F 9 23.83 32.07 57.57
N HIS F 10 23.69 30.87 58.11
CA HIS F 10 22.79 29.87 57.56
C HIS F 10 22.16 29.08 58.66
N MET F 17 7.63 20.39 59.29
CA MET F 17 6.67 20.86 58.32
C MET F 17 5.27 20.51 58.74
N ARG F 18 4.39 21.49 58.76
CA ARG F 18 3.02 21.30 59.25
C ARG F 18 1.98 21.33 58.15
N ILE F 19 1.17 20.27 58.11
CA ILE F 19 0.13 20.12 57.07
C ILE F 19 -1.25 20.01 57.72
N LEU F 20 -2.17 20.87 57.29
CA LEU F 20 -3.55 20.81 57.76
C LEU F 20 -4.45 20.20 56.68
N PHE F 21 -5.08 19.10 57.03
CA PHE F 21 -5.99 18.35 56.16
C PHE F 21 -7.43 18.78 56.46
N PHE F 22 -8.15 19.30 55.48
CA PHE F 22 -9.59 19.51 55.62
C PHE F 22 -10.37 18.27 55.16
N SER F 23 -11.63 18.21 55.56
CA SER F 23 -12.55 17.07 55.20
C SER F 23 -12.01 15.71 55.53
N SER F 24 -11.26 15.61 56.62
CA SER F 24 -10.54 14.38 57.01
C SER F 24 -11.48 13.28 57.47
N GLN F 25 -11.23 12.06 57.00
CA GLN F 25 -11.94 10.85 57.46
C GLN F 25 -10.88 9.89 58.00
N ALA F 26 -11.35 8.87 58.68
CA ALA F 26 -10.45 7.90 59.27
C ALA F 26 -9.52 7.24 58.27
N TYR F 27 -10.00 6.95 57.08
CA TYR F 27 -9.15 6.32 56.11
C TYR F 27 -8.12 7.30 55.61
N ASP F 28 -8.38 8.58 55.70
CA ASP F 28 -7.42 9.55 55.30
C ASP F 28 -6.25 9.57 56.34
N SER F 29 -6.56 9.67 57.62
CA SER F 29 -5.51 9.79 58.62
C SER F 29 -4.77 8.48 58.74
N GLU F 30 -5.43 7.36 58.58
CA GLU F 30 -4.70 6.11 58.56
C GLU F 30 -3.70 6.00 57.43
N SER F 31 -4.12 6.28 56.22
CA SER F 31 -3.22 6.11 55.09
C SER F 31 -2.05 7.16 55.10
N PHE F 32 -2.37 8.40 55.41
CA PHE F 32 -1.34 9.40 55.51
C PHE F 32 -0.36 9.18 56.66
N GLN F 33 -0.83 8.67 57.79
CA GLN F 33 0.10 8.28 58.87
C GLN F 33 1.01 7.17 58.46
N ALA F 34 0.53 6.17 57.76
CA ALA F 34 1.45 5.12 57.30
C ALA F 34 2.52 5.65 56.31
N SER F 35 2.10 6.49 55.38
CA SER F 35 2.97 7.15 54.41
C SER F 35 4.01 8.09 55.00
N ASN F 36 3.63 8.77 56.04
CA ASN F 36 4.49 9.65 56.82
C ASN F 36 5.70 9.05 57.59
N HIS F 37 5.87 7.75 57.59
CA HIS F 37 7.05 7.17 58.19
C HIS F 37 8.25 7.71 57.50
N ARG F 38 8.10 7.94 56.21
CA ARG F 38 9.19 8.35 55.33
C ARG F 38 9.54 9.80 55.46
N HIS F 39 8.80 10.56 56.23
CA HIS F 39 8.94 12.00 56.14
C HIS F 39 8.88 12.68 57.49
N GLY F 40 8.07 12.21 58.45
CA GLY F 40 8.04 12.85 59.75
C GLY F 40 7.41 14.24 59.70
N PHE F 41 6.60 14.55 58.69
CA PHE F 41 5.85 15.79 58.72
C PHE F 41 4.92 15.76 59.93
N GLU F 42 4.45 16.92 60.32
CA GLU F 42 3.53 17.01 61.39
C GLU F 42 2.15 17.18 60.74
N LEU F 43 1.31 16.19 60.96
CA LEU F 43 0.02 16.09 60.26
C LEU F 43 -1.13 16.48 61.15
N HIS F 44 -1.97 17.41 60.73
CA HIS F 44 -3.14 17.80 61.51
C HIS F 44 -4.41 17.56 60.71
N PHE F 45 -5.37 16.83 61.28
CA PHE F 45 -6.57 16.44 60.58
C PHE F 45 -7.78 17.16 61.08
N GLN F 46 -8.37 18.00 60.26
CA GLN F 46 -9.63 18.64 60.57
C GLN F 46 -10.75 18.01 59.79
N GLN F 47 -11.85 17.73 60.47
CA GLN F 47 -13.00 17.13 59.85
C GLN F 47 -13.79 18.08 58.98
N ALA F 48 -13.86 19.33 59.34
CA ALA F 48 -14.70 20.24 58.62
C ALA F 48 -14.23 20.41 57.18
N HIS F 49 -15.18 20.73 56.34
CA HIS F 49 -14.94 21.11 54.95
C HIS F 49 -14.29 22.48 54.92
N LEU F 50 -13.38 22.66 53.99
CA LEU F 50 -12.78 23.94 53.73
C LEU F 50 -13.80 24.82 52.98
N GLN F 51 -14.08 25.98 53.54
CA GLN F 51 -14.90 27.02 52.90
C GLN F 51 -14.56 28.36 53.57
N ALA F 52 -15.21 29.43 53.13
CA ALA F 52 -14.84 30.78 53.57
C ALA F 52 -14.76 30.88 55.11
N ASP F 53 -15.73 30.30 55.79
CA ASP F 53 -15.74 30.45 57.22
C ASP F 53 -14.91 29.40 58.00
N THR F 54 -14.25 28.45 57.33
CA THR F 54 -13.39 27.51 58.02
C THR F 54 -11.93 27.69 57.68
N ALA F 55 -11.66 28.58 56.74
CA ALA F 55 -10.30 28.77 56.26
C ALA F 55 -9.40 29.26 57.36
N VAL F 56 -9.99 29.98 58.31
CA VAL F 56 -9.23 30.49 59.45
C VAL F 56 -8.52 29.36 60.18
N LEU F 57 -9.06 28.15 60.15
CA LEU F 57 -8.37 27.02 60.79
C LEU F 57 -6.99 26.75 60.23
N ALA F 58 -6.73 27.21 59.00
CA ALA F 58 -5.42 26.99 58.37
C ALA F 58 -4.45 28.14 58.60
N GLN F 59 -4.79 29.06 59.46
CA GLN F 59 -3.89 30.15 59.79
C GLN F 59 -2.57 29.62 60.26
N GLY F 60 -1.49 30.10 59.66
CA GLY F 60 -0.16 29.68 60.06
C GLY F 60 0.28 28.34 59.50
N PHE F 61 -0.59 27.62 58.76
CA PHE F 61 -0.18 26.34 58.19
C PHE F 61 0.34 26.61 56.80
N GLU F 62 1.57 26.18 56.60
CA GLU F 62 2.26 26.42 55.34
C GLU F 62 1.63 25.62 54.20
N VAL F 63 1.15 24.43 54.55
CA VAL F 63 0.54 23.51 53.59
C VAL F 63 -0.89 23.06 54.03
N VAL F 64 -1.79 23.15 53.09
CA VAL F 64 -3.16 22.72 53.28
C VAL F 64 -3.45 21.60 52.30
N CYS F 65 -3.95 20.48 52.84
CA CYS F 65 -4.32 19.32 52.02
C CYS F 65 -5.83 19.20 51.93
N ALA F 66 -6.34 19.28 50.71
CA ALA F 66 -7.77 19.35 50.45
C ALA F 66 -8.23 18.22 49.58
N PHE F 67 -9.53 17.91 49.74
CA PHE F 67 -10.17 16.87 48.96
C PHE F 67 -11.25 17.48 48.05
N VAL F 68 -11.97 16.62 47.34
CA VAL F 68 -12.72 17.05 46.17
C VAL F 68 -13.99 17.81 46.49
N ASN F 69 -14.44 17.76 47.72
N ASN F 69 -14.36 17.69 47.77
CA ASN F 69 -15.59 18.57 48.02
CA ASN F 69 -15.46 18.36 48.45
C ASN F 69 -15.17 19.81 48.90
C ASN F 69 -15.09 19.64 49.24
N ASP F 70 -13.88 20.12 49.04
CA ASP F 70 -13.44 21.38 49.67
C ASP F 70 -13.56 22.52 48.69
N ASP F 71 -13.83 23.70 49.22
CA ASP F 71 -14.02 24.88 48.41
C ASP F 71 -12.74 25.71 48.23
N LEU F 72 -12.12 25.60 47.07
CA LEU F 72 -10.93 26.30 46.77
C LEU F 72 -11.17 27.35 45.69
N SER F 73 -12.29 28.03 45.82
CA SER F 73 -12.54 29.22 45.00
C SER F 73 -11.64 30.39 45.45
N ARG F 74 -11.64 31.44 44.65
CA ARG F 74 -10.82 32.59 44.91
C ARG F 74 -10.94 33.17 46.33
N PRO F 75 -12.12 33.43 46.86
CA PRO F 75 -12.13 34.01 48.21
C PRO F 75 -11.50 33.10 49.26
N VAL F 76 -11.60 31.78 49.08
CA VAL F 76 -10.96 30.90 50.04
C VAL F 76 -9.43 30.94 49.88
N LEU F 77 -8.97 30.89 48.64
CA LEU F 77 -7.56 30.92 48.36
C LEU F 77 -6.97 32.22 48.94
N GLU F 78 -7.72 33.31 48.84
CA GLU F 78 -7.20 34.59 49.33
C GLU F 78 -6.96 34.54 50.83
N ARG F 79 -7.95 34.03 51.55
CA ARG F 79 -7.78 33.88 52.98
C ARG F 79 -6.62 32.98 53.32
N LEU F 80 -6.48 31.86 52.60
CA LEU F 80 -5.38 30.95 52.90
C LEU F 80 -4.03 31.66 52.73
N ALA F 81 -3.89 32.38 51.62
CA ALA F 81 -2.64 33.09 51.32
C ALA F 81 -2.41 34.13 52.39
N ALA F 82 -3.41 34.90 52.72
CA ALA F 82 -3.21 35.90 53.76
C ALA F 82 -2.85 35.28 55.08
N GLY F 83 -3.29 34.04 55.34
CA GLY F 83 -3.03 33.42 56.66
C GLY F 83 -1.72 32.73 56.71
N GLY F 84 -0.95 32.77 55.63
CA GLY F 84 0.40 32.18 55.63
C GLY F 84 0.53 30.84 54.91
N THR F 85 -0.53 30.39 54.25
CA THR F 85 -0.43 29.12 53.53
C THR F 85 0.33 29.35 52.25
N ARG F 86 1.26 28.47 51.95
CA ARG F 86 2.09 28.64 50.76
C ARG F 86 1.94 27.53 49.70
N LEU F 87 1.28 26.43 50.05
CA LEU F 87 1.03 25.35 49.13
C LEU F 87 -0.33 24.73 49.34
N VAL F 88 -0.98 24.43 48.24
CA VAL F 88 -2.22 23.69 48.29
C VAL F 88 -1.97 22.31 47.70
N ALA F 89 -2.12 21.29 48.52
CA ALA F 89 -1.92 19.93 48.08
C ALA F 89 -3.31 19.23 47.96
N LEU F 90 -3.69 18.89 46.73
CA LEU F 90 -4.95 18.13 46.48
C LEU F 90 -4.66 16.66 46.62
N ARG F 91 -5.35 15.99 47.54
CA ARG F 91 -5.24 14.52 47.64
C ARG F 91 -6.28 13.83 46.69
N SER F 92 -6.24 14.24 45.44
CA SER F 92 -7.19 13.87 44.43
C SER F 92 -6.56 14.03 43.04
N ALA F 93 -7.16 13.43 42.05
CA ALA F 93 -6.72 13.64 40.71
C ALA F 93 -7.42 14.88 40.16
N GLY F 94 -8.73 14.96 40.42
CA GLY F 94 -9.52 16.07 39.92
C GLY F 94 -9.28 17.39 40.64
N TYR F 95 -9.55 18.47 39.93
CA TYR F 95 -9.26 19.80 40.45
C TYR F 95 -10.26 20.89 40.03
N ASN F 96 -11.45 20.48 39.62
CA ASN F 96 -12.49 21.42 39.19
C ASN F 96 -12.97 22.27 40.34
N HIS F 97 -12.68 21.88 41.56
CA HIS F 97 -13.04 22.66 42.76
C HIS F 97 -12.04 23.79 43.14
N VAL F 98 -10.97 23.90 42.35
CA VAL F 98 -9.93 24.90 42.58
C VAL F 98 -9.98 26.01 41.51
N ASP F 99 -9.97 27.27 41.95
CA ASP F 99 -9.81 28.39 40.98
C ASP F 99 -8.34 28.54 40.67
N LEU F 100 -7.89 27.89 39.61
CA LEU F 100 -6.50 27.80 39.32
C LEU F 100 -5.87 29.14 38.97
N ALA F 101 -6.58 29.97 38.23
CA ALA F 101 -6.09 31.29 37.82
C ALA F 101 -5.87 32.12 39.10
N ALA F 102 -6.81 32.07 40.03
CA ALA F 102 -6.64 32.79 41.27
C ALA F 102 -5.47 32.26 42.10
N ALA F 103 -5.25 30.96 42.13
CA ALA F 103 -4.08 30.44 42.87
C ALA F 103 -2.77 30.97 42.26
N GLU F 104 -2.70 30.97 40.95
CA GLU F 104 -1.58 31.50 40.23
C GLU F 104 -1.37 32.97 40.60
N ALA F 105 -2.39 33.79 40.42
CA ALA F 105 -2.29 35.19 40.78
C ALA F 105 -1.79 35.37 42.20
N LEU F 106 -2.14 34.48 43.11
CA LEU F 106 -1.67 34.63 44.48
C LEU F 106 -0.31 34.00 44.71
N GLY F 107 0.33 33.40 43.72
CA GLY F 107 1.61 32.71 43.96
C GLY F 107 1.51 31.47 44.84
N LEU F 108 0.33 30.83 44.83
CA LEU F 108 0.03 29.58 45.54
C LEU F 108 0.08 28.40 44.59
N PRO F 109 1.18 27.67 44.60
CA PRO F 109 1.16 26.46 43.78
C PRO F 109 0.11 25.44 44.29
N VAL F 110 -0.42 24.68 43.34
CA VAL F 110 -1.42 23.68 43.61
C VAL F 110 -0.86 22.37 43.05
N VAL F 111 -0.73 21.35 43.90
CA VAL F 111 -0.26 20.05 43.43
C VAL F 111 -1.35 18.98 43.59
N HIS F 112 -1.31 17.93 42.78
CA HIS F 112 -2.31 16.87 42.83
C HIS F 112 -1.75 15.50 42.58
N VAL F 113 -2.60 14.48 42.50
CA VAL F 113 -2.18 13.09 42.30
C VAL F 113 -2.91 12.59 41.08
N PRO F 114 -2.33 12.80 39.90
CA PRO F 114 -3.04 12.53 38.69
C PRO F 114 -3.29 11.06 38.37
N ALA F 115 -2.49 10.15 38.92
CA ALA F 115 -2.61 8.75 38.54
C ALA F 115 -2.30 7.83 39.67
N TYR F 116 -2.87 8.07 40.82
CA TYR F 116 -2.77 7.11 41.89
C TYR F 116 -3.23 5.71 41.51
N SER F 117 -4.37 5.57 40.83
CA SER F 117 -4.84 4.22 40.44
C SER F 117 -6.03 4.32 39.50
N PRO F 118 -5.75 4.46 38.22
CA PRO F 118 -6.79 4.52 37.24
C PRO F 118 -7.59 3.21 37.35
N HIS F 119 -6.97 2.15 37.79
CA HIS F 119 -7.65 0.89 37.90
C HIS F 119 -8.72 0.86 38.94
N ALA F 120 -8.49 1.46 40.09
CA ALA F 120 -9.48 1.50 41.15
C ALA F 120 -10.78 2.09 40.63
N VAL F 121 -10.68 3.18 39.90
CA VAL F 121 -11.88 3.89 39.48
C VAL F 121 -12.57 3.13 38.34
N ALA F 122 -11.78 2.64 37.36
CA ALA F 122 -12.33 1.92 36.24
C ALA F 122 -13.04 0.64 36.75
N GLU F 123 -12.43 -0.07 37.68
CA GLU F 123 -12.98 -1.30 38.21
C GLU F 123 -14.33 -1.01 38.95
N HIS F 124 -14.41 0.14 39.60
CA HIS F 124 -15.64 0.45 40.30
C HIS F 124 -16.73 0.66 39.31
N ALA F 125 -16.42 1.40 38.23
CA ALA F 125 -17.38 1.58 37.19
C ALA F 125 -17.88 0.21 36.68
N VAL F 126 -16.96 -0.74 36.50
CA VAL F 126 -17.36 -2.05 35.98
C VAL F 126 -18.23 -2.75 37.04
N GLY F 127 -17.88 -2.57 38.32
CA GLY F 127 -18.72 -3.09 39.38
C GLY F 127 -20.16 -2.58 39.35
N LEU F 128 -20.33 -1.29 39.07
CA LEU F 128 -21.66 -0.72 38.99
C LEU F 128 -22.42 -1.33 37.81
N ILE F 129 -21.73 -1.52 36.68
CA ILE F 129 -22.31 -2.10 35.51
C ILE F 129 -22.84 -3.50 35.82
N LEU F 130 -22.01 -4.34 36.42
CA LEU F 130 -22.44 -5.69 36.70
C LEU F 130 -23.54 -5.82 37.79
N THR F 131 -23.47 -4.98 38.83
CA THR F 131 -24.52 -4.95 39.83
C THR F 131 -25.88 -4.59 39.19
N LEU F 132 -25.91 -3.52 38.39
CA LEU F 132 -27.11 -3.12 37.73
C LEU F 132 -27.57 -4.21 36.77
N ASN F 133 -26.65 -4.78 36.04
CA ASN F 133 -26.98 -5.79 34.96
C ASN F 133 -27.60 -7.04 35.56
N ARG F 134 -26.91 -7.60 36.55
CA ARG F 134 -27.40 -8.82 37.20
C ARG F 134 -28.27 -8.60 38.45
N ARG F 135 -28.57 -7.33 38.72
CA ARG F 135 -29.42 -6.96 39.83
C ARG F 135 -28.91 -7.54 41.13
N LEU F 136 -27.59 -7.51 41.30
CA LEU F 136 -26.95 -8.15 42.48
C LEU F 136 -27.37 -7.51 43.82
N HIS F 137 -27.61 -6.21 43.77
CA HIS F 137 -28.03 -5.47 44.94
C HIS F 137 -29.44 -5.95 45.36
N ARG F 138 -30.33 -6.20 44.39
CA ARG F 138 -31.65 -6.71 44.67
C ARG F 138 -31.60 -8.17 45.11
N ALA F 139 -30.77 -8.98 44.44
CA ALA F 139 -30.63 -10.39 44.79
C ALA F 139 -30.14 -10.58 46.22
N TYR F 140 -29.12 -9.84 46.57
CA TYR F 140 -28.59 -9.87 47.95
C TYR F 140 -29.68 -9.67 49.00
N ASN F 141 -30.54 -8.65 48.84
CA ASN F 141 -31.55 -8.42 49.86
C ASN F 141 -32.58 -9.49 49.83
N ARG F 142 -32.86 -10.07 48.65
CA ARG F 142 -33.82 -11.19 48.64
C ARG F 142 -33.32 -12.38 49.36
N THR F 143 -32.09 -12.81 49.02
CA THR F 143 -31.62 -14.10 49.59
C THR F 143 -31.38 -14.00 51.08
N ARG F 144 -30.96 -12.83 51.53
CA ARG F 144 -30.80 -12.56 52.95
C ARG F 144 -32.11 -12.80 53.74
N GLU F 145 -33.27 -12.54 53.14
CA GLU F 145 -34.55 -12.76 53.85
C GLU F 145 -35.25 -14.02 53.35
N GLY F 146 -34.54 -14.89 52.65
CA GLY F 146 -35.11 -16.21 52.27
C GLY F 146 -36.00 -16.14 51.04
N ASP F 147 -35.87 -15.07 50.25
CA ASP F 147 -36.51 -14.95 48.99
C ASP F 147 -35.54 -15.40 47.94
N PHE F 148 -35.73 -16.63 47.45
CA PHE F 148 -34.86 -17.15 46.43
C PHE F 148 -35.48 -17.09 45.02
N SER F 149 -36.49 -16.28 44.84
CA SER F 149 -37.09 -16.10 43.53
C SER F 149 -36.31 -15.15 42.61
N LEU F 150 -36.45 -15.38 41.30
CA LEU F 150 -35.67 -14.67 40.32
C LEU F 150 -36.37 -13.71 39.39
N HIS F 151 -37.67 -13.50 39.55
CA HIS F 151 -38.36 -12.52 38.72
C HIS F 151 -37.63 -11.20 38.81
N GLY F 152 -37.51 -10.57 37.68
CA GLY F 152 -36.93 -9.23 37.55
C GLY F 152 -35.41 -9.20 37.59
N LEU F 153 -34.75 -10.38 37.72
CA LEU F 153 -33.30 -10.34 37.83
C LEU F 153 -32.51 -10.73 36.56
N THR F 154 -33.23 -11.04 35.48
CA THR F 154 -32.61 -11.49 34.26
C THR F 154 -31.78 -10.32 33.76
N GLY F 155 -30.52 -10.60 33.49
CA GLY F 155 -29.66 -9.58 32.96
C GLY F 155 -29.39 -9.74 31.48
N PHE F 156 -28.25 -9.26 31.07
CA PHE F 156 -27.81 -9.33 29.68
C PHE F 156 -26.33 -9.63 29.59
N ASP F 157 -25.94 -10.36 28.56
CA ASP F 157 -24.51 -10.65 28.37
C ASP F 157 -23.82 -9.34 27.99
N LEU F 158 -22.69 -9.06 28.60
CA LEU F 158 -21.86 -7.92 28.25
C LEU F 158 -21.17 -8.18 26.91
N HIS F 159 -20.72 -9.40 26.73
CA HIS F 159 -20.10 -9.86 25.50
C HIS F 159 -20.89 -9.40 24.26
N GLY F 160 -20.23 -8.67 23.36
CA GLY F 160 -20.93 -8.25 22.16
C GLY F 160 -21.61 -6.90 22.25
N LYS F 161 -21.86 -6.37 23.45
CA LYS F 161 -22.53 -5.09 23.56
C LYS F 161 -21.61 -3.93 23.23
N ARG F 162 -22.24 -2.80 22.88
CA ARG F 162 -21.46 -1.56 22.57
C ARG F 162 -21.34 -0.66 23.77
N VAL F 163 -20.10 -0.35 24.09
CA VAL F 163 -19.77 0.42 25.25
C VAL F 163 -19.12 1.70 24.79
N GLY F 164 -19.76 2.83 25.08
CA GLY F 164 -19.28 4.14 24.68
C GLY F 164 -18.61 4.84 25.85
N VAL F 165 -17.36 5.22 25.63
CA VAL F 165 -16.54 5.84 26.63
C VAL F 165 -16.36 7.29 26.28
N ILE F 166 -16.84 8.17 27.14
CA ILE F 166 -16.72 9.57 26.90
C ILE F 166 -15.56 10.04 27.77
N GLY F 167 -14.47 10.44 27.12
CA GLY F 167 -13.23 10.75 27.84
C GLY F 167 -12.33 9.54 27.97
N THR F 168 -11.38 9.44 27.04
CA THR F 168 -10.46 8.30 26.95
C THR F 168 -9.07 8.64 27.46
N GLY F 169 -9.02 9.22 28.65
CA GLY F 169 -7.77 9.53 29.30
C GLY F 169 -7.32 8.35 30.15
N GLN F 170 -6.68 8.60 31.27
CA GLN F 170 -6.10 7.52 32.07
C GLN F 170 -7.15 6.56 32.59
N ILE F 171 -8.24 7.10 33.14
CA ILE F 171 -9.28 6.20 33.66
C ILE F 171 -10.06 5.64 32.48
N GLY F 172 -10.46 6.49 31.54
CA GLY F 172 -11.35 6.08 30.42
C GLY F 172 -10.71 5.02 29.58
N GLU F 173 -9.41 5.16 29.34
CA GLU F 173 -8.68 4.12 28.60
C GLU F 173 -8.58 2.79 29.41
N THR F 174 -8.38 2.87 30.70
CA THR F 174 -8.28 1.65 31.51
C THR F 174 -9.66 0.91 31.51
N PHE F 175 -10.71 1.69 31.62
CA PHE F 175 -12.07 1.16 31.59
C PHE F 175 -12.35 0.51 30.24
N ALA F 176 -11.93 1.17 29.18
CA ALA F 176 -12.06 0.63 27.84
C ALA F 176 -11.35 -0.68 27.67
N ARG F 177 -10.16 -0.77 28.22
CA ARG F 177 -9.40 -2.03 28.13
C ARG F 177 -10.13 -3.14 28.86
N ILE F 178 -10.63 -2.86 30.04
CA ILE F 178 -11.35 -3.93 30.81
C ILE F 178 -12.58 -4.43 30.06
N MET F 179 -13.35 -3.47 29.52
CA MET F 179 -14.58 -3.80 28.79
C MET F 179 -14.27 -4.52 27.48
N ALA F 180 -13.13 -4.19 26.84
CA ALA F 180 -12.69 -4.96 25.68
C ALA F 180 -12.40 -6.38 26.08
N GLY F 181 -11.91 -6.61 27.29
CA GLY F 181 -11.66 -8.01 27.70
C GLY F 181 -12.92 -8.85 27.92
N PHE F 182 -14.09 -8.20 28.08
CA PHE F 182 -15.36 -8.92 28.23
C PHE F 182 -15.89 -9.22 26.80
N GLY F 183 -15.19 -8.76 25.78
CA GLY F 183 -15.65 -8.90 24.39
C GLY F 183 -16.67 -7.84 24.00
N CYS F 184 -16.63 -6.68 24.62
CA CYS F 184 -17.48 -5.60 24.20
C CYS F 184 -16.87 -4.87 22.96
N GLU F 185 -17.73 -4.17 22.23
CA GLU F 185 -17.34 -3.40 21.08
C GLU F 185 -17.20 -1.98 21.62
N LEU F 186 -16.00 -1.42 21.50
CA LEU F 186 -15.76 -0.13 22.09
C LEU F 186 -15.99 1.02 21.14
N LEU F 187 -16.75 2.01 21.62
CA LEU F 187 -16.93 3.27 20.95
C LEU F 187 -16.38 4.37 21.86
N ALA F 188 -15.81 5.41 21.26
CA ALA F 188 -15.09 6.43 22.05
C ALA F 188 -15.29 7.85 21.52
N TYR F 189 -15.35 8.79 22.45
CA TYR F 189 -15.43 10.17 22.11
C TYR F 189 -14.51 10.95 23.02
N ASP F 190 -13.64 11.73 22.39
CA ASP F 190 -12.68 12.57 23.09
C ASP F 190 -12.26 13.66 22.06
N PRO F 191 -12.22 14.95 22.45
CA PRO F 191 -11.58 15.94 21.60
C PRO F 191 -10.12 15.62 21.23
N TYR F 192 -9.40 14.78 21.98
CA TYR F 192 -8.04 14.35 21.55
C TYR F 192 -7.91 12.87 21.52
N PRO F 193 -8.40 12.26 20.44
CA PRO F 193 -8.34 10.80 20.39
C PRO F 193 -6.95 10.18 20.67
N ASN F 194 -6.95 9.01 21.28
CA ASN F 194 -5.68 8.37 21.62
C ASN F 194 -5.58 7.02 20.96
N PRO F 195 -4.74 6.90 19.95
CA PRO F 195 -4.64 5.66 19.18
C PRO F 195 -4.56 4.35 20.00
N ARG F 196 -4.31 4.38 21.30
CA ARG F 196 -4.25 3.15 22.07
C ARG F 196 -5.61 2.49 22.19
N ILE F 197 -6.59 3.34 22.31
CA ILE F 197 -7.97 2.96 22.17
C ILE F 197 -8.19 2.23 20.83
N GLN F 198 -7.63 2.78 19.75
CA GLN F 198 -7.73 2.10 18.43
C GLN F 198 -7.02 0.77 18.44
N ALA F 199 -5.86 0.71 19.06
CA ALA F 199 -5.19 -0.56 19.21
C ALA F 199 -6.04 -1.59 19.95
N LEU F 200 -7.02 -1.14 20.72
CA LEU F 200 -7.84 -2.06 21.48
C LEU F 200 -8.98 -2.56 20.65
N GLY F 201 -9.13 -1.96 19.50
CA GLY F 201 -10.30 -2.19 18.67
C GLY F 201 -11.32 -1.09 18.73
N GLY F 202 -11.05 -0.05 19.50
CA GLY F 202 -12.06 0.97 19.71
C GLY F 202 -12.17 1.86 18.49
N ARG F 203 -13.30 2.48 18.35
CA ARG F 203 -13.58 3.33 17.24
C ARG F 203 -14.06 4.67 17.74
N TYR F 204 -13.33 5.72 17.37
CA TYR F 204 -13.77 7.04 17.71
C TYR F 204 -14.91 7.51 16.85
N LEU F 205 -15.80 8.32 17.42
CA LEU F 205 -16.87 8.89 16.68
C LEU F 205 -17.37 10.13 17.40
N ALA F 206 -18.33 10.81 16.78
CA ALA F 206 -18.91 12.03 17.34
C ALA F 206 -19.83 11.68 18.54
N LEU F 207 -19.95 12.64 19.44
CA LEU F 207 -20.68 12.42 20.66
C LEU F 207 -22.09 11.89 20.39
N ASP F 208 -22.80 12.52 19.48
CA ASP F 208 -24.19 12.17 19.23
C ASP F 208 -24.39 10.80 18.62
N ALA F 209 -23.41 10.37 17.84
CA ALA F 209 -23.38 9.02 17.32
C ALA F 209 -23.01 7.98 18.41
N LEU F 210 -22.04 8.30 19.28
CA LEU F 210 -21.71 7.43 20.42
C LEU F 210 -22.94 7.21 21.30
N LEU F 211 -23.61 8.31 21.64
CA LEU F 211 -24.84 8.21 22.41
C LEU F 211 -25.92 7.39 21.72
N ALA F 212 -26.09 7.56 20.42
CA ALA F 212 -27.17 6.82 19.73
C ALA F 212 -26.83 5.33 19.59
N GLU F 213 -25.56 4.97 19.53
CA GLU F 213 -25.22 3.59 19.24
C GLU F 213 -24.84 2.75 20.44
N SER F 214 -24.60 3.36 21.62
CA SER F 214 -24.05 2.62 22.76
C SER F 214 -25.12 1.94 23.60
N ASP F 215 -24.85 0.69 24.02
CA ASP F 215 -25.73 0.00 25.00
C ASP F 215 -25.41 0.47 26.40
N ILE F 216 -24.15 0.81 26.63
CA ILE F 216 -23.67 1.27 27.90
C ILE F 216 -22.81 2.46 27.64
N VAL F 217 -22.99 3.53 28.41
CA VAL F 217 -22.15 4.73 28.30
C VAL F 217 -21.53 5.01 29.63
N SER F 218 -20.23 5.33 29.63
CA SER F 218 -19.55 5.62 30.85
C SER F 218 -18.76 6.96 30.69
N LEU F 219 -18.92 7.86 31.66
CA LEU F 219 -18.29 9.16 31.66
C LEU F 219 -16.96 9.14 32.41
N HIS F 220 -15.91 9.57 31.73
CA HIS F 220 -14.58 9.72 32.31
C HIS F 220 -13.84 10.98 31.83
N CYS F 221 -14.60 12.00 31.46
CA CYS F 221 -14.06 13.29 31.18
C CYS F 221 -14.05 14.12 32.46
N PRO F 222 -13.17 15.12 32.56
CA PRO F 222 -13.21 15.98 33.69
C PRO F 222 -14.40 16.90 33.63
N LEU F 223 -14.70 17.52 34.76
CA LEU F 223 -15.64 18.59 34.78
C LEU F 223 -14.94 19.92 34.39
N THR F 224 -15.43 20.55 33.32
CA THR F 224 -15.01 21.88 32.84
C THR F 224 -16.28 22.55 32.35
N ALA F 225 -16.16 23.81 31.97
CA ALA F 225 -17.31 24.57 31.44
C ALA F 225 -17.85 23.84 30.26
N ASP F 226 -17.03 23.14 29.50
CA ASP F 226 -17.56 22.41 28.33
C ASP F 226 -18.23 21.08 28.60
N THR F 227 -17.99 20.45 29.76
CA THR F 227 -18.62 19.14 30.06
C THR F 227 -19.76 19.28 31.04
N ARG F 228 -19.97 20.46 31.57
CA ARG F 228 -20.99 20.66 32.54
C ARG F 228 -22.36 20.39 31.94
N HIS F 229 -23.12 19.46 32.54
CA HIS F 229 -24.39 19.06 32.00
C HIS F 229 -24.28 18.51 30.55
N LEU F 230 -23.17 17.88 30.25
CA LEU F 230 -23.04 17.19 29.03
C LEU F 230 -24.21 16.22 28.78
N ILE F 231 -24.61 15.48 29.80
CA ILE F 231 -25.76 14.63 29.69
C ILE F 231 -26.98 15.37 30.21
N ASP F 232 -27.71 15.94 29.26
CA ASP F 232 -28.90 16.70 29.54
C ASP F 232 -30.11 16.01 28.90
N ALA F 233 -31.28 16.63 29.00
CA ALA F 233 -32.54 16.00 28.48
C ALA F 233 -32.42 15.63 27.02
N GLN F 234 -31.91 16.56 26.24
CA GLN F 234 -31.79 16.39 24.80
C GLN F 234 -30.86 15.24 24.45
N ARG F 235 -29.72 15.20 25.10
CA ARG F 235 -28.80 14.12 24.82
C ARG F 235 -29.32 12.77 25.33
N LEU F 236 -30.05 12.76 26.46
CA LEU F 236 -30.69 11.49 26.89
C LEU F 236 -31.66 10.97 25.84
N ALA F 237 -32.38 11.88 25.20
CA ALA F 237 -33.40 11.47 24.21
C ALA F 237 -32.79 10.90 22.96
N THR F 238 -31.51 11.14 22.75
CA THR F 238 -30.71 10.61 21.63
C THR F 238 -30.21 9.18 21.89
N MET F 239 -30.14 8.80 23.14
CA MET F 239 -29.61 7.49 23.51
C MET F 239 -30.50 6.35 23.11
N LYS F 240 -29.94 5.18 23.04
CA LYS F 240 -30.68 3.97 22.79
C LYS F 240 -31.68 3.72 23.89
N PRO F 241 -32.90 3.33 23.57
CA PRO F 241 -33.83 3.09 24.63
C PRO F 241 -33.36 1.95 25.51
N GLY F 242 -33.45 2.11 26.82
CA GLY F 242 -33.07 1.06 27.75
C GLY F 242 -31.57 1.01 27.97
N ALA F 243 -30.84 1.99 27.50
CA ALA F 243 -29.40 1.99 27.73
C ALA F 243 -29.00 2.17 29.23
N MET F 244 -27.75 1.87 29.52
CA MET F 244 -27.17 2.05 30.83
C MET F 244 -26.20 3.22 30.78
N LEU F 245 -26.31 4.14 31.73
CA LEU F 245 -25.39 5.24 31.91
C LEU F 245 -24.67 5.07 33.26
N ILE F 246 -23.35 5.22 33.24
CA ILE F 246 -22.50 5.14 34.40
C ILE F 246 -21.75 6.49 34.53
N ASN F 247 -21.77 7.06 35.73
CA ASN F 247 -21.06 8.27 36.04
C ASN F 247 -20.22 8.14 37.27
N THR F 248 -18.94 7.87 37.04
CA THR F 248 -17.93 7.92 38.06
C THR F 248 -16.97 9.10 37.86
N GLY F 249 -17.43 10.12 37.14
CA GLY F 249 -16.63 11.34 36.85
C GLY F 249 -16.87 12.41 37.88
N ARG F 250 -17.88 13.25 37.61
CA ARG F 250 -18.28 14.29 38.55
C ARG F 250 -19.78 14.46 38.43
N GLY F 251 -20.40 14.83 39.53
CA GLY F 251 -21.84 15.05 39.53
C GLY F 251 -22.41 16.01 38.47
N ALA F 252 -21.69 17.08 38.22
CA ALA F 252 -22.21 18.11 37.34
C ALA F 252 -22.03 17.77 35.88
N LEU F 253 -21.48 16.59 35.57
CA LEU F 253 -21.52 16.10 34.17
C LEU F 253 -22.88 15.78 33.67
N VAL F 254 -23.83 15.58 34.59
CA VAL F 254 -25.16 15.20 34.20
C VAL F 254 -26.20 16.14 34.84
N ASN F 255 -27.34 16.21 34.20
CA ASN F 255 -28.46 16.90 34.80
C ASN F 255 -29.38 15.83 35.42
N ALA F 256 -29.30 15.70 36.75
CA ALA F 256 -29.97 14.59 37.41
C ALA F 256 -31.48 14.67 37.35
N ALA F 257 -32.05 15.88 37.30
CA ALA F 257 -33.51 15.99 37.06
C ALA F 257 -33.93 15.39 35.72
N ALA F 258 -33.11 15.54 34.69
CA ALA F 258 -33.42 14.92 33.41
C ALA F 258 -33.24 13.39 33.41
N LEU F 259 -32.26 12.91 34.18
CA LEU F 259 -32.11 11.48 34.38
C LEU F 259 -33.37 10.89 35.00
N ILE F 260 -33.94 11.56 35.98
CA ILE F 260 -35.15 11.05 36.59
C ILE F 260 -36.25 10.81 35.54
N GLU F 261 -36.47 11.79 34.66
CA GLU F 261 -37.59 11.66 33.70
C GLU F 261 -37.35 10.53 32.74
N ALA F 262 -36.11 10.37 32.33
CA ALA F 262 -35.77 9.28 31.42
C ALA F 262 -35.85 7.93 32.08
N LEU F 263 -35.56 7.87 33.38
CA LEU F 263 -35.73 6.61 34.09
C LEU F 263 -37.20 6.26 34.20
N LYS F 264 -38.01 7.25 34.54
CA LYS F 264 -39.46 7.00 34.64
C LYS F 264 -40.05 6.57 33.30
N SER F 265 -39.60 7.13 32.19
CA SER F 265 -40.20 6.74 30.90
C SER F 265 -39.63 5.43 30.41
N GLY F 266 -38.54 4.93 30.99
CA GLY F 266 -37.92 3.69 30.43
C GLY F 266 -36.87 3.99 29.40
N GLN F 267 -36.76 5.25 28.97
CA GLN F 267 -35.78 5.62 27.99
C GLN F 267 -34.34 5.32 28.46
N LEU F 268 -34.06 5.64 29.72
CA LEU F 268 -32.85 5.21 30.37
C LEU F 268 -33.18 3.93 31.18
N GLY F 269 -32.52 2.82 30.82
CA GLY F 269 -32.74 1.52 31.42
C GLY F 269 -32.02 1.34 32.76
N TYR F 270 -30.86 1.97 32.94
CA TYR F 270 -30.07 1.76 34.16
C TYR F 270 -29.20 2.99 34.41
N LEU F 271 -28.94 3.26 35.67
CA LEU F 271 -28.06 4.33 36.05
C LEU F 271 -27.18 3.88 37.24
N GLY F 272 -25.87 4.06 37.09
CA GLY F 272 -24.91 3.86 38.17
C GLY F 272 -24.16 5.13 38.46
N LEU F 273 -24.25 5.64 39.69
CA LEU F 273 -23.59 6.93 40.05
C LEU F 273 -22.66 6.72 41.20
N ASP F 274 -21.47 7.25 41.09
CA ASP F 274 -20.55 7.34 42.23
C ASP F 274 -20.39 8.76 42.62
N VAL F 275 -21.06 9.66 41.92
CA VAL F 275 -20.94 11.10 42.15
C VAL F 275 -22.29 11.77 41.89
N TYR F 276 -22.48 12.92 42.52
CA TYR F 276 -23.76 13.64 42.44
C TYR F 276 -23.49 15.16 42.58
N GLU F 277 -24.21 15.95 41.80
CA GLU F 277 -23.90 17.37 41.61
C GLU F 277 -23.94 18.13 42.95
N GLU F 278 -24.89 17.84 43.83
CA GLU F 278 -24.94 18.49 45.13
C GLU F 278 -24.37 17.56 46.22
N GLU F 279 -23.35 16.78 45.92
CA GLU F 279 -22.86 15.86 46.97
C GLU F 279 -22.04 16.50 48.09
N ALA F 280 -21.55 17.71 47.87
CA ALA F 280 -20.47 18.26 48.76
C ALA F 280 -20.76 18.21 50.24
N ASP F 281 -21.95 18.64 50.60
CA ASP F 281 -22.36 18.63 51.98
C ASP F 281 -23.10 17.41 52.45
N ILE F 282 -23.20 16.37 51.62
CA ILE F 282 -24.03 15.15 51.85
C ILE F 282 -23.09 13.94 52.01
N PHE F 283 -22.24 13.75 51.02
CA PHE F 283 -21.41 12.55 51.02
C PHE F 283 -20.39 12.52 52.17
N PHE F 284 -19.94 11.33 52.45
CA PHE F 284 -18.91 11.01 53.37
C PHE F 284 -19.42 11.05 54.82
N GLU F 285 -20.71 11.27 55.05
CA GLU F 285 -21.25 11.19 56.41
C GLU F 285 -22.49 10.29 56.48
N ASP F 286 -22.76 9.73 57.63
CA ASP F 286 -24.00 9.01 57.84
C ASP F 286 -25.11 10.01 58.17
N ARG F 287 -26.04 10.24 57.25
CA ARG F 287 -27.13 11.18 57.46
C ARG F 287 -28.44 10.46 57.57
N SER F 288 -28.39 9.19 57.93
CA SER F 288 -29.61 8.40 57.86
C SER F 288 -30.59 8.78 58.96
N ASP F 289 -30.14 9.46 60.02
CA ASP F 289 -31.03 9.90 61.09
C ASP F 289 -31.91 11.13 60.76
N GLN F 290 -31.61 11.87 59.72
CA GLN F 290 -32.37 13.06 59.37
C GLN F 290 -33.01 12.92 58.02
N PRO F 291 -34.05 13.65 57.69
CA PRO F 291 -34.56 13.62 56.33
C PRO F 291 -33.50 14.11 55.36
N LEU F 292 -33.46 13.54 54.18
CA LEU F 292 -32.60 14.01 53.14
C LEU F 292 -33.27 15.20 52.44
N GLN F 293 -32.61 16.37 52.39
CA GLN F 293 -33.23 17.59 51.81
C GLN F 293 -33.32 17.56 50.30
N ASP F 294 -32.36 16.91 49.65
CA ASP F 294 -32.24 17.04 48.19
C ASP F 294 -33.24 16.12 47.45
N ASP F 295 -34.23 16.77 46.84
CA ASP F 295 -35.35 16.08 46.26
C ASP F 295 -34.95 15.15 45.16
N VAL F 296 -33.97 15.61 44.40
CA VAL F 296 -33.58 14.92 43.16
C VAL F 296 -32.81 13.69 43.55
N LEU F 297 -31.89 13.82 44.49
CA LEU F 297 -31.16 12.62 45.00
C LEU F 297 -32.10 11.60 45.68
N ALA F 298 -33.01 12.06 46.51
CA ALA F 298 -34.00 11.14 47.09
C ALA F 298 -34.73 10.36 46.01
N ARG F 299 -35.10 11.02 44.94
CA ARG F 299 -35.89 10.37 43.89
C ARG F 299 -35.01 9.38 43.14
N LEU F 300 -33.77 9.75 42.85
CA LEU F 300 -32.83 8.83 42.20
C LEU F 300 -32.65 7.56 43.04
N LEU F 301 -32.52 7.72 44.34
CA LEU F 301 -32.38 6.59 45.23
C LEU F 301 -33.60 5.66 45.28
N SER F 302 -34.74 6.15 44.83
CA SER F 302 -35.99 5.39 44.89
C SER F 302 -36.09 4.26 43.86
N PHE F 303 -35.30 4.31 42.80
CA PHE F 303 -35.52 3.38 41.66
C PHE F 303 -34.80 2.00 41.85
N PRO F 304 -35.40 0.92 41.38
CA PRO F 304 -34.79 -0.40 41.39
C PRO F 304 -33.60 -0.57 40.43
N ASN F 305 -33.47 0.34 39.46
CA ASN F 305 -32.47 0.23 38.41
C ASN F 305 -31.44 1.35 38.48
N VAL F 306 -31.33 1.92 39.67
CA VAL F 306 -30.37 2.96 39.96
C VAL F 306 -29.54 2.48 41.16
N VAL F 307 -28.22 2.55 41.03
CA VAL F 307 -27.32 2.32 42.16
C VAL F 307 -26.47 3.52 42.33
N VAL F 308 -26.42 4.02 43.55
CA VAL F 308 -25.55 5.13 43.95
C VAL F 308 -24.58 4.68 45.02
N THR F 309 -23.30 4.93 44.78
CA THR F 309 -22.27 4.73 45.78
C THR F 309 -21.72 6.11 46.07
N ALA F 310 -21.36 6.32 47.31
CA ALA F 310 -21.05 7.67 47.79
C ALA F 310 -19.59 8.12 47.55
N HIS F 311 -19.23 8.22 46.27
CA HIS F 311 -17.91 8.69 45.85
C HIS F 311 -16.82 7.84 46.45
N GLN F 312 -16.96 6.53 46.23
CA GLN F 312 -15.98 5.58 46.70
C GLN F 312 -15.22 4.92 45.56
N ALA F 313 -15.29 5.45 44.34
CA ALA F 313 -14.56 4.76 43.25
C ALA F 313 -13.04 4.77 43.45
N PHE F 314 -12.53 5.79 44.12
CA PHE F 314 -11.12 5.87 44.42
C PHE F 314 -10.74 4.99 45.59
N LEU F 315 -11.75 4.40 46.29
CA LEU F 315 -11.51 3.89 47.63
C LEU F 315 -11.03 2.45 47.65
N THR F 316 -9.74 2.25 47.35
CA THR F 316 -9.07 0.92 47.52
C THR F 316 -7.81 1.09 48.29
N ARG F 317 -7.32 0.04 48.91
CA ARG F 317 -6.10 0.13 49.66
C ARG F 317 -4.95 0.66 48.84
N GLU F 318 -4.85 0.24 47.61
CA GLU F 318 -3.70 0.62 46.82
C GLU F 318 -3.86 2.06 46.31
N ALA F 319 -5.08 2.49 46.01
CA ALA F 319 -5.29 3.88 45.65
C ALA F 319 -4.95 4.80 46.81
N LEU F 320 -5.39 4.45 48.01
CA LEU F 320 -5.16 5.30 49.18
C LEU F 320 -3.68 5.44 49.47
N ALA F 321 -2.96 4.33 49.37
CA ALA F 321 -1.52 4.34 49.65
C ALA F 321 -0.84 5.22 48.60
N ALA F 322 -1.24 5.11 47.34
CA ALA F 322 -0.60 5.93 46.31
C ALA F 322 -0.92 7.42 46.48
N ILE F 323 -2.15 7.71 46.92
CA ILE F 323 -2.53 9.09 47.14
C ILE F 323 -1.68 9.71 48.27
N ALA F 324 -1.53 8.97 49.35
CA ALA F 324 -0.81 9.43 50.47
C ALA F 324 0.68 9.57 50.11
N ASP F 325 1.26 8.56 49.45
CA ASP F 325 2.69 8.61 49.15
C ASP F 325 2.99 9.74 48.21
N THR F 326 2.21 9.84 47.15
CA THR F 326 2.47 10.87 46.17
C THR F 326 2.21 12.29 46.75
N THR F 327 1.19 12.44 47.59
CA THR F 327 0.91 13.73 48.15
C THR F 327 2.05 14.15 49.09
N LEU F 328 2.49 13.27 49.99
CA LEU F 328 3.61 13.58 50.86
C LEU F 328 4.89 13.88 50.06
N ASP F 329 5.17 13.07 49.05
CA ASP F 329 6.28 13.38 48.16
C ASP F 329 6.10 14.70 47.47
N ASN F 330 4.88 15.06 47.04
CA ASN F 330 4.71 16.34 46.37
C ASN F 330 5.16 17.48 47.29
N ILE F 331 4.79 17.33 48.56
CA ILE F 331 5.03 18.32 49.54
C ILE F 331 6.58 18.39 49.83
N ALA F 332 7.24 17.24 49.97
CA ALA F 332 8.69 17.23 50.10
C ALA F 332 9.40 17.86 48.92
N ALA F 333 8.94 17.55 47.72
CA ALA F 333 9.56 18.09 46.54
C ALA F 333 9.39 19.62 46.54
N TRP F 334 8.26 20.14 46.98
CA TRP F 334 8.06 21.57 47.01
C TRP F 334 8.96 22.19 48.04
N GLN F 335 9.13 21.48 49.12
CA GLN F 335 9.91 21.93 50.25
C GLN F 335 11.38 22.07 49.92
N ASP F 336 11.94 21.15 49.16
CA ASP F 336 13.23 21.43 48.60
C ASP F 336 13.23 22.15 47.22
N GLY F 337 12.18 22.87 46.86
CA GLY F 337 12.25 23.79 45.70
C GLY F 337 12.14 23.20 44.29
N THR F 338 11.82 21.90 44.18
CA THR F 338 11.64 21.23 42.87
C THR F 338 10.22 20.66 42.84
N PRO F 339 9.20 21.50 42.65
CA PRO F 339 7.87 20.95 42.82
C PRO F 339 7.54 19.98 41.70
N ARG F 340 6.76 18.94 42.03
CA ARG F 340 6.20 17.98 41.05
C ARG F 340 4.65 17.94 41.16
N ASN F 341 4.04 17.46 40.09
CA ASN F 341 2.63 17.31 39.97
C ASN F 341 1.87 18.60 40.24
N ARG F 342 2.39 19.73 39.81
CA ARG F 342 1.68 20.99 39.87
C ARG F 342 0.60 21.02 38.81
N VAL F 343 -0.54 21.62 39.11
CA VAL F 343 -1.64 21.80 38.15
C VAL F 343 -1.62 23.27 37.77
N ARG F 344 -1.88 23.57 36.52
CA ARG F 344 -2.07 24.98 36.14
C ARG F 344 -3.35 25.22 35.40
N ALA F 345 -3.76 26.48 35.48
CA ALA F 345 -5.02 26.96 34.89
C ALA F 345 -5.29 26.35 33.51
#